data_4JEG
# 
_entry.id   4JEG 
# 
_audit_conform.dict_name       mmcif_pdbx.dic 
_audit_conform.dict_version    5.397 
_audit_conform.dict_location   http://mmcif.pdb.org/dictionaries/ascii/mmcif_pdbx.dic 
# 
loop_
_database_2.database_id 
_database_2.database_code 
_database_2.pdbx_database_accession 
_database_2.pdbx_DOI 
PDB   4JEG         pdb_00004jeg 10.2210/pdb4jeg/pdb 
RCSB  RCSB077942   ?            ?                   
WWPDB D_1000077942 ?            ?                   
# 
loop_
_pdbx_audit_revision_history.ordinal 
_pdbx_audit_revision_history.data_content_type 
_pdbx_audit_revision_history.major_revision 
_pdbx_audit_revision_history.minor_revision 
_pdbx_audit_revision_history.revision_date 
1 'Structure model' 1 0 2013-08-28 
2 'Structure model' 1 1 2013-09-11 
3 'Structure model' 1 2 2013-09-25 
4 'Structure model' 1 3 2013-11-20 
5 'Structure model' 1 4 2014-03-12 
6 'Structure model' 1 5 2024-10-30 
# 
_pdbx_audit_revision_details.ordinal             1 
_pdbx_audit_revision_details.revision_ordinal    1 
_pdbx_audit_revision_details.data_content_type   'Structure model' 
_pdbx_audit_revision_details.provider            repository 
_pdbx_audit_revision_details.type                'Initial release' 
_pdbx_audit_revision_details.description         ? 
_pdbx_audit_revision_details.details             ? 
# 
loop_
_pdbx_audit_revision_group.ordinal 
_pdbx_audit_revision_group.revision_ordinal 
_pdbx_audit_revision_group.data_content_type 
_pdbx_audit_revision_group.group 
1 2 'Structure model' 'Database references' 
2 3 'Structure model' 'Database references' 
3 4 'Structure model' 'Data collection'     
4 5 'Structure model' 'Structure summary'   
5 6 'Structure model' 'Data collection'     
6 6 'Structure model' 'Database references' 
7 6 'Structure model' 'Structure summary'   
# 
loop_
_pdbx_audit_revision_category.ordinal 
_pdbx_audit_revision_category.revision_ordinal 
_pdbx_audit_revision_category.data_content_type 
_pdbx_audit_revision_category.category 
1 6 'Structure model' chem_comp_atom            
2 6 'Structure model' chem_comp_bond            
3 6 'Structure model' database_2                
4 6 'Structure model' pdbx_entry_details        
5 6 'Structure model' pdbx_modification_feature 
6 6 'Structure model' struct_ref_seq_dif        
# 
loop_
_pdbx_audit_revision_item.ordinal 
_pdbx_audit_revision_item.revision_ordinal 
_pdbx_audit_revision_item.data_content_type 
_pdbx_audit_revision_item.item 
1 6 'Structure model' '_database_2.pdbx_DOI'                
2 6 'Structure model' '_database_2.pdbx_database_accession' 
3 6 'Structure model' '_struct_ref_seq_dif.details'         
# 
_pdbx_database_status.entry_id                        4JEG 
_pdbx_database_status.status_code                     REL 
_pdbx_database_status.deposit_site                    RCSB 
_pdbx_database_status.process_site                    RCSB 
_pdbx_database_status.recvd_initial_deposition_date   2013-02-26 
_pdbx_database_status.status_code_sf                  REL 
_pdbx_database_status.status_code_mr                  ? 
_pdbx_database_status.SG_entry                        ? 
_pdbx_database_status.status_code_cs                  ? 
_pdbx_database_status.methods_development_category    ? 
_pdbx_database_status.pdb_format_compatible           Y 
_pdbx_database_status.status_code_nmr_data            ? 
# 
_pdbx_database_related.db_name        PDB 
_pdbx_database_related.db_id          4JE4 
_pdbx_database_related.details        'Crystal Structure of Monobody NSa1/SHP2 N-SH2 Domain Complex' 
_pdbx_database_related.content_type   unspecified 
# 
loop_
_audit_author.name 
_audit_author.pdbx_ordinal 
'Sha, F.'   1 
'Koide, S.' 2 
# 
_citation.id                        primary 
_citation.title                     
'Dissection of the BCR-ABL signaling network using highly specific monobody inhibitors to the SHP2 SH2 domains.' 
_citation.journal_abbrev            Proc.Natl.Acad.Sci.USA 
_citation.journal_volume            110 
_citation.page_first                14924 
_citation.page_last                 14929 
_citation.year                      2013 
_citation.journal_id_ASTM           PNASA6 
_citation.country                   US 
_citation.journal_id_ISSN           0027-8424 
_citation.journal_id_CSD            0040 
_citation.book_publisher            ? 
_citation.pdbx_database_id_PubMed   23980151 
_citation.pdbx_database_id_DOI      10.1073/pnas.1303640110 
# 
loop_
_citation_author.citation_id 
_citation_author.name 
_citation_author.ordinal 
_citation_author.identifier_ORCID 
primary 'Sha, F.'       1 ? 
primary 'Gencer, E.B.'  2 ? 
primary 'Georgeon, S.'  3 ? 
primary 'Koide, A.'     4 ? 
primary 'Yasui, N.'     5 ? 
primary 'Koide, S.'     6 ? 
primary 'Hantschel, O.' 7 ? 
# 
loop_
_entity.id 
_entity.type 
_entity.src_method 
_entity.pdbx_description 
_entity.formula_weight 
_entity.pdbx_number_of_molecules 
_entity.pdbx_ec 
_entity.pdbx_mutation 
_entity.pdbx_fragment 
_entity.details 
1 polymer man 'Tyrosine-protein phosphatase non-receptor type 11' 14006.806 1  ? ? 'C-terminal SH2 domain' ? 
2 polymer man 'Monobody CS1'                                      10470.542 1  ? ? ?                       ? 
3 water   nat water                                               18.015    80 ? ? ?                       ? 
# 
_entity_name_com.entity_id   1 
_entity_name_com.name        
'Protein-tyrosine phosphatase 1D, PTP-1D, Protein-tyrosine phosphatase 2C, PTP-2C, SH-PTP2, SHP-2, Shp2, SH-PTP3' 
# 
loop_
_entity_poly.entity_id 
_entity_poly.type 
_entity_poly.nstd_linkage 
_entity_poly.nstd_monomer 
_entity_poly.pdbx_seq_one_letter_code 
_entity_poly.pdbx_seq_one_letter_code_can 
_entity_poly.pdbx_strand_id 
_entity_poly.pdbx_target_identifier 
1 'polypeptide(L)' no no 
;ELKYPLNCADPTSERWFHGHLSGKEAEKLLTEKGKHGSFLVRESQSHPGDFVLSVRTGDDKGESNDGKSKVTHVMIRCQE
LKYDVGGGERFDSLTDLVEHYKKNPMVETLGTVLQLKQPLNKEK
;
;ELKYPLNCADPTSERWFHGHLSGKEAEKLLTEKGKHGSFLVRESQSHPGDFVLSVRTGDDKGESNDGKSKVTHVMIRCQE
LKYDVGGGERFDSLTDLVEHYKKNPMVETLGTVLQLKQPLNKEK
;
A ? 
2 'polypeptide(L)' no no 
;VSSVPTKLEVVAATPTSLLISWDAPAVTVDYYVITYGETGYWPYYWQEFEVPGSKSTATISGLKPGVDYTITVYAGSYDS
YYYYGSPISINYRT
;
;VSSVPTKLEVVAATPTSLLISWDAPAVTVDYYVITYGETGYWPYYWQEFEVPGSKSTATISGLKPGVDYTITVYAGSYDS
YYYYGSPISINYRT
;
B ? 
# 
_pdbx_entity_nonpoly.entity_id   3 
_pdbx_entity_nonpoly.name        water 
_pdbx_entity_nonpoly.comp_id     HOH 
# 
loop_
_entity_poly_seq.entity_id 
_entity_poly_seq.num 
_entity_poly_seq.mon_id 
_entity_poly_seq.hetero 
1 1   GLU n 
1 2   LEU n 
1 3   LYS n 
1 4   TYR n 
1 5   PRO n 
1 6   LEU n 
1 7   ASN n 
1 8   CYS n 
1 9   ALA n 
1 10  ASP n 
1 11  PRO n 
1 12  THR n 
1 13  SER n 
1 14  GLU n 
1 15  ARG n 
1 16  TRP n 
1 17  PHE n 
1 18  HIS n 
1 19  GLY n 
1 20  HIS n 
1 21  LEU n 
1 22  SER n 
1 23  GLY n 
1 24  LYS n 
1 25  GLU n 
1 26  ALA n 
1 27  GLU n 
1 28  LYS n 
1 29  LEU n 
1 30  LEU n 
1 31  THR n 
1 32  GLU n 
1 33  LYS n 
1 34  GLY n 
1 35  LYS n 
1 36  HIS n 
1 37  GLY n 
1 38  SER n 
1 39  PHE n 
1 40  LEU n 
1 41  VAL n 
1 42  ARG n 
1 43  GLU n 
1 44  SER n 
1 45  GLN n 
1 46  SER n 
1 47  HIS n 
1 48  PRO n 
1 49  GLY n 
1 50  ASP n 
1 51  PHE n 
1 52  VAL n 
1 53  LEU n 
1 54  SER n 
1 55  VAL n 
1 56  ARG n 
1 57  THR n 
1 58  GLY n 
1 59  ASP n 
1 60  ASP n 
1 61  LYS n 
1 62  GLY n 
1 63  GLU n 
1 64  SER n 
1 65  ASN n 
1 66  ASP n 
1 67  GLY n 
1 68  LYS n 
1 69  SER n 
1 70  LYS n 
1 71  VAL n 
1 72  THR n 
1 73  HIS n 
1 74  VAL n 
1 75  MET n 
1 76  ILE n 
1 77  ARG n 
1 78  CYS n 
1 79  GLN n 
1 80  GLU n 
1 81  LEU n 
1 82  LYS n 
1 83  TYR n 
1 84  ASP n 
1 85  VAL n 
1 86  GLY n 
1 87  GLY n 
1 88  GLY n 
1 89  GLU n 
1 90  ARG n 
1 91  PHE n 
1 92  ASP n 
1 93  SER n 
1 94  LEU n 
1 95  THR n 
1 96  ASP n 
1 97  LEU n 
1 98  VAL n 
1 99  GLU n 
1 100 HIS n 
1 101 TYR n 
1 102 LYS n 
1 103 LYS n 
1 104 ASN n 
1 105 PRO n 
1 106 MET n 
1 107 VAL n 
1 108 GLU n 
1 109 THR n 
1 110 LEU n 
1 111 GLY n 
1 112 THR n 
1 113 VAL n 
1 114 LEU n 
1 115 GLN n 
1 116 LEU n 
1 117 LYS n 
1 118 GLN n 
1 119 PRO n 
1 120 LEU n 
1 121 ASN n 
1 122 LYS n 
1 123 GLU n 
1 124 LYS n 
2 1   VAL n 
2 2   SER n 
2 3   SER n 
2 4   VAL n 
2 5   PRO n 
2 6   THR n 
2 7   LYS n 
2 8   LEU n 
2 9   GLU n 
2 10  VAL n 
2 11  VAL n 
2 12  ALA n 
2 13  ALA n 
2 14  THR n 
2 15  PRO n 
2 16  THR n 
2 17  SER n 
2 18  LEU n 
2 19  LEU n 
2 20  ILE n 
2 21  SER n 
2 22  TRP n 
2 23  ASP n 
2 24  ALA n 
2 25  PRO n 
2 26  ALA n 
2 27  VAL n 
2 28  THR n 
2 29  VAL n 
2 30  ASP n 
2 31  TYR n 
2 32  TYR n 
2 33  VAL n 
2 34  ILE n 
2 35  THR n 
2 36  TYR n 
2 37  GLY n 
2 38  GLU n 
2 39  THR n 
2 40  GLY n 
2 41  TYR n 
2 42  TRP n 
2 43  PRO n 
2 44  TYR n 
2 45  TYR n 
2 46  TRP n 
2 47  GLN n 
2 48  GLU n 
2 49  PHE n 
2 50  GLU n 
2 51  VAL n 
2 52  PRO n 
2 53  GLY n 
2 54  SER n 
2 55  LYS n 
2 56  SER n 
2 57  THR n 
2 58  ALA n 
2 59  THR n 
2 60  ILE n 
2 61  SER n 
2 62  GLY n 
2 63  LEU n 
2 64  LYS n 
2 65  PRO n 
2 66  GLY n 
2 67  VAL n 
2 68  ASP n 
2 69  TYR n 
2 70  THR n 
2 71  ILE n 
2 72  THR n 
2 73  VAL n 
2 74  TYR n 
2 75  ALA n 
2 76  GLY n 
2 77  SER n 
2 78  TYR n 
2 79  ASP n 
2 80  SER n 
2 81  TYR n 
2 82  TYR n 
2 83  TYR n 
2 84  TYR n 
2 85  GLY n 
2 86  SER n 
2 87  PRO n 
2 88  ILE n 
2 89  SER n 
2 90  ILE n 
2 91  ASN n 
2 92  TYR n 
2 93  ARG n 
2 94  THR n 
# 
loop_
_entity_src_gen.entity_id 
_entity_src_gen.pdbx_src_id 
_entity_src_gen.pdbx_alt_source_flag 
_entity_src_gen.pdbx_seq_type 
_entity_src_gen.pdbx_beg_seq_num 
_entity_src_gen.pdbx_end_seq_num 
_entity_src_gen.gene_src_common_name 
_entity_src_gen.gene_src_genus 
_entity_src_gen.pdbx_gene_src_gene 
_entity_src_gen.gene_src_species 
_entity_src_gen.gene_src_strain 
_entity_src_gen.gene_src_tissue 
_entity_src_gen.gene_src_tissue_fraction 
_entity_src_gen.gene_src_details 
_entity_src_gen.pdbx_gene_src_fragment 
_entity_src_gen.pdbx_gene_src_scientific_name 
_entity_src_gen.pdbx_gene_src_ncbi_taxonomy_id 
_entity_src_gen.pdbx_gene_src_variant 
_entity_src_gen.pdbx_gene_src_cell_line 
_entity_src_gen.pdbx_gene_src_atcc 
_entity_src_gen.pdbx_gene_src_organ 
_entity_src_gen.pdbx_gene_src_organelle 
_entity_src_gen.pdbx_gene_src_cell 
_entity_src_gen.pdbx_gene_src_cellular_location 
_entity_src_gen.host_org_common_name 
_entity_src_gen.pdbx_host_org_scientific_name 
_entity_src_gen.pdbx_host_org_ncbi_taxonomy_id 
_entity_src_gen.host_org_genus 
_entity_src_gen.pdbx_host_org_gene 
_entity_src_gen.pdbx_host_org_organ 
_entity_src_gen.host_org_species 
_entity_src_gen.pdbx_host_org_tissue 
_entity_src_gen.pdbx_host_org_tissue_fraction 
_entity_src_gen.pdbx_host_org_strain 
_entity_src_gen.pdbx_host_org_variant 
_entity_src_gen.pdbx_host_org_cell_line 
_entity_src_gen.pdbx_host_org_atcc 
_entity_src_gen.pdbx_host_org_culture_collection 
_entity_src_gen.pdbx_host_org_cell 
_entity_src_gen.pdbx_host_org_organelle 
_entity_src_gen.pdbx_host_org_cellular_location 
_entity_src_gen.pdbx_host_org_vector_type 
_entity_src_gen.pdbx_host_org_vector 
_entity_src_gen.host_org_details 
_entity_src_gen.expression_system_id 
_entity_src_gen.plasmid_name 
_entity_src_gen.plasmid_details 
_entity_src_gen.pdbx_description 
1 1 sample ? ? ? human ? 'PTP2C, PTPN11, SHPTP2' ? ? ? ? ? ? 'Homo sapiens' 9606 ? ? ? ? ? ? ? ? 'Escherichia coli' 469008 ? ? ? ? 
? ? 'BL21(DE3)' ? ? ? ? ? ? ? plasmid ? ? ? pHBT  ? ? 
2 1 sample ? ? ? human ? ?                       ? ? ? ? ? ? 'Homo sapiens' 9606 ? ? ? ? ? ? ? ? 'Escherichia coli' 469008 ? ? ? ? 
? ? 'BL21(DE3)' ? ? ? ? ? ? ? plasmid ? ? ? pHFT2 ? ? 
# 
loop_
_chem_comp.id 
_chem_comp.type 
_chem_comp.mon_nstd_flag 
_chem_comp.name 
_chem_comp.pdbx_synonyms 
_chem_comp.formula 
_chem_comp.formula_weight 
ALA 'L-peptide linking' y ALANINE         ? 'C3 H7 N O2'     89.093  
ARG 'L-peptide linking' y ARGININE        ? 'C6 H15 N4 O2 1' 175.209 
ASN 'L-peptide linking' y ASPARAGINE      ? 'C4 H8 N2 O3'    132.118 
ASP 'L-peptide linking' y 'ASPARTIC ACID' ? 'C4 H7 N O4'     133.103 
CYS 'L-peptide linking' y CYSTEINE        ? 'C3 H7 N O2 S'   121.158 
GLN 'L-peptide linking' y GLUTAMINE       ? 'C5 H10 N2 O3'   146.144 
GLU 'L-peptide linking' y 'GLUTAMIC ACID' ? 'C5 H9 N O4'     147.129 
GLY 'peptide linking'   y GLYCINE         ? 'C2 H5 N O2'     75.067  
HIS 'L-peptide linking' y HISTIDINE       ? 'C6 H10 N3 O2 1' 156.162 
HOH non-polymer         . WATER           ? 'H2 O'           18.015  
ILE 'L-peptide linking' y ISOLEUCINE      ? 'C6 H13 N O2'    131.173 
LEU 'L-peptide linking' y LEUCINE         ? 'C6 H13 N O2'    131.173 
LYS 'L-peptide linking' y LYSINE          ? 'C6 H15 N2 O2 1' 147.195 
MET 'L-peptide linking' y METHIONINE      ? 'C5 H11 N O2 S'  149.211 
PHE 'L-peptide linking' y PHENYLALANINE   ? 'C9 H11 N O2'    165.189 
PRO 'L-peptide linking' y PROLINE         ? 'C5 H9 N O2'     115.130 
SER 'L-peptide linking' y SERINE          ? 'C3 H7 N O3'     105.093 
THR 'L-peptide linking' y THREONINE       ? 'C4 H9 N O3'     119.119 
TRP 'L-peptide linking' y TRYPTOPHAN      ? 'C11 H12 N2 O2'  204.225 
TYR 'L-peptide linking' y TYROSINE        ? 'C9 H11 N O3'    181.189 
VAL 'L-peptide linking' y VALINE          ? 'C5 H11 N O2'    117.146 
# 
loop_
_pdbx_poly_seq_scheme.asym_id 
_pdbx_poly_seq_scheme.entity_id 
_pdbx_poly_seq_scheme.seq_id 
_pdbx_poly_seq_scheme.mon_id 
_pdbx_poly_seq_scheme.ndb_seq_num 
_pdbx_poly_seq_scheme.pdb_seq_num 
_pdbx_poly_seq_scheme.auth_seq_num 
_pdbx_poly_seq_scheme.pdb_mon_id 
_pdbx_poly_seq_scheme.auth_mon_id 
_pdbx_poly_seq_scheme.pdb_strand_id 
_pdbx_poly_seq_scheme.pdb_ins_code 
_pdbx_poly_seq_scheme.hetero 
A 1 1   GLU 1   97  ?   ?   ?   A . n 
A 1 2   LEU 2   98  ?   ?   ?   A . n 
A 1 3   LYS 3   99  ?   ?   ?   A . n 
A 1 4   TYR 4   100 ?   ?   ?   A . n 
A 1 5   PRO 5   101 ?   ?   ?   A . n 
A 1 6   LEU 6   102 102 LEU LEU A . n 
A 1 7   ASN 7   103 103 ASN ASN A . n 
A 1 8   CYS 8   104 104 CYS CYS A . n 
A 1 9   ALA 9   105 105 ALA ALA A . n 
A 1 10  ASP 10  106 106 ASP ASP A . n 
A 1 11  PRO 11  107 107 PRO PRO A . n 
A 1 12  THR 12  108 108 THR THR A . n 
A 1 13  SER 13  109 109 SER SER A . n 
A 1 14  GLU 14  110 110 GLU GLU A . n 
A 1 15  ARG 15  111 111 ARG ARG A . n 
A 1 16  TRP 16  112 112 TRP TRP A . n 
A 1 17  PHE 17  113 113 PHE PHE A . n 
A 1 18  HIS 18  114 114 HIS HIS A . n 
A 1 19  GLY 19  115 115 GLY GLY A . n 
A 1 20  HIS 20  116 116 HIS HIS A . n 
A 1 21  LEU 21  117 117 LEU LEU A . n 
A 1 22  SER 22  118 118 SER SER A . n 
A 1 23  GLY 23  119 119 GLY GLY A . n 
A 1 24  LYS 24  120 120 LYS LYS A . n 
A 1 25  GLU 25  121 121 GLU GLU A . n 
A 1 26  ALA 26  122 122 ALA ALA A . n 
A 1 27  GLU 27  123 123 GLU GLU A . n 
A 1 28  LYS 28  124 124 LYS LYS A . n 
A 1 29  LEU 29  125 125 LEU LEU A . n 
A 1 30  LEU 30  126 126 LEU LEU A . n 
A 1 31  THR 31  127 127 THR THR A . n 
A 1 32  GLU 32  128 128 GLU GLU A . n 
A 1 33  LYS 33  129 129 LYS LYS A . n 
A 1 34  GLY 34  130 130 GLY GLY A . n 
A 1 35  LYS 35  131 131 LYS LYS A . n 
A 1 36  HIS 36  132 132 HIS HIS A . n 
A 1 37  GLY 37  133 133 GLY GLY A . n 
A 1 38  SER 38  134 134 SER SER A . n 
A 1 39  PHE 39  135 135 PHE PHE A . n 
A 1 40  LEU 40  136 136 LEU LEU A . n 
A 1 41  VAL 41  137 137 VAL VAL A . n 
A 1 42  ARG 42  138 138 ARG ARG A . n 
A 1 43  GLU 43  139 139 GLU GLU A . n 
A 1 44  SER 44  140 140 SER SER A . n 
A 1 45  GLN 45  141 141 GLN GLN A . n 
A 1 46  SER 46  142 142 SER SER A . n 
A 1 47  HIS 47  143 143 HIS HIS A . n 
A 1 48  PRO 48  144 144 PRO PRO A . n 
A 1 49  GLY 49  145 145 GLY GLY A . n 
A 1 50  ASP 50  146 146 ASP ASP A . n 
A 1 51  PHE 51  147 147 PHE PHE A . n 
A 1 52  VAL 52  148 148 VAL VAL A . n 
A 1 53  LEU 53  149 149 LEU LEU A . n 
A 1 54  SER 54  150 150 SER SER A . n 
A 1 55  VAL 55  151 151 VAL VAL A . n 
A 1 56  ARG 56  152 152 ARG ARG A . n 
A 1 57  THR 57  153 153 THR THR A . n 
A 1 58  GLY 58  154 154 GLY GLY A . n 
A 1 59  ASP 59  155 155 ASP ASP A . n 
A 1 60  ASP 60  156 156 ASP ASP A . n 
A 1 61  LYS 61  157 157 LYS LYS A . n 
A 1 62  GLY 62  158 ?   ?   ?   A . n 
A 1 63  GLU 63  159 ?   ?   ?   A . n 
A 1 64  SER 64  160 ?   ?   ?   A . n 
A 1 65  ASN 65  161 ?   ?   ?   A . n 
A 1 66  ASP 66  162 162 ASP ASP A . n 
A 1 67  GLY 67  163 163 GLY GLY A . n 
A 1 68  LYS 68  164 164 LYS LYS A . n 
A 1 69  SER 69  165 165 SER SER A . n 
A 1 70  LYS 70  166 166 LYS LYS A . n 
A 1 71  VAL 71  167 167 VAL VAL A . n 
A 1 72  THR 72  168 168 THR THR A . n 
A 1 73  HIS 73  169 169 HIS HIS A . n 
A 1 74  VAL 74  170 170 VAL VAL A . n 
A 1 75  MET 75  171 171 MET MET A . n 
A 1 76  ILE 76  172 172 ILE ILE A . n 
A 1 77  ARG 77  173 173 ARG ARG A . n 
A 1 78  CYS 78  174 174 CYS CYS A . n 
A 1 79  GLN 79  175 175 GLN GLN A . n 
A 1 80  GLU 80  176 176 GLU GLU A . n 
A 1 81  LEU 81  177 177 LEU LEU A . n 
A 1 82  LYS 82  178 178 LYS LYS A . n 
A 1 83  TYR 83  179 179 TYR TYR A . n 
A 1 84  ASP 84  180 180 ASP ASP A . n 
A 1 85  VAL 85  181 181 VAL VAL A . n 
A 1 86  GLY 86  182 182 GLY GLY A . n 
A 1 87  GLY 87  183 183 GLY GLY A . n 
A 1 88  GLY 88  184 184 GLY GLY A . n 
A 1 89  GLU 89  185 185 GLU GLU A . n 
A 1 90  ARG 90  186 186 ARG ARG A . n 
A 1 91  PHE 91  187 187 PHE PHE A . n 
A 1 92  ASP 92  188 188 ASP ASP A . n 
A 1 93  SER 93  189 189 SER SER A . n 
A 1 94  LEU 94  190 190 LEU LEU A . n 
A 1 95  THR 95  191 191 THR THR A . n 
A 1 96  ASP 96  192 192 ASP ASP A . n 
A 1 97  LEU 97  193 193 LEU LEU A . n 
A 1 98  VAL 98  194 194 VAL VAL A . n 
A 1 99  GLU 99  195 195 GLU GLU A . n 
A 1 100 HIS 100 196 196 HIS HIS A . n 
A 1 101 TYR 101 197 197 TYR TYR A . n 
A 1 102 LYS 102 198 198 LYS LYS A . n 
A 1 103 LYS 103 199 199 LYS LYS A . n 
A 1 104 ASN 104 200 200 ASN ASN A . n 
A 1 105 PRO 105 201 201 PRO PRO A . n 
A 1 106 MET 106 202 202 MET MET A . n 
A 1 107 VAL 107 203 203 VAL VAL A . n 
A 1 108 GLU 108 204 204 GLU GLU A . n 
A 1 109 THR 109 205 205 THR THR A . n 
A 1 110 LEU 110 206 206 LEU LEU A . n 
A 1 111 GLY 111 207 207 GLY GLY A . n 
A 1 112 THR 112 208 208 THR THR A . n 
A 1 113 VAL 113 209 209 VAL VAL A . n 
A 1 114 LEU 114 210 210 LEU LEU A . n 
A 1 115 GLN 115 211 211 GLN GLN A . n 
A 1 116 LEU 116 212 212 LEU LEU A . n 
A 1 117 LYS 117 213 213 LYS LYS A . n 
A 1 118 GLN 118 214 214 GLN GLN A . n 
A 1 119 PRO 119 215 215 PRO PRO A . n 
A 1 120 LEU 120 216 216 LEU LEU A . n 
A 1 121 ASN 121 217 217 ASN ASN A . n 
A 1 122 LYS 122 218 218 LYS LYS A . n 
A 1 123 GLU 123 219 219 GLU GLU A . n 
A 1 124 LYS 124 220 ?   ?   ?   A . n 
B 2 1   VAL 1   1   ?   ?   ?   B . n 
B 2 2   SER 2   2   2   SER SER B . n 
B 2 3   SER 3   3   3   SER SER B . n 
B 2 4   VAL 4   4   4   VAL VAL B . n 
B 2 5   PRO 5   5   5   PRO PRO B . n 
B 2 6   THR 6   6   6   THR THR B . n 
B 2 7   LYS 7   7   7   LYS LYS B . n 
B 2 8   LEU 8   8   8   LEU LEU B . n 
B 2 9   GLU 9   9   9   GLU GLU B . n 
B 2 10  VAL 10  10  10  VAL VAL B . n 
B 2 11  VAL 11  11  11  VAL VAL B . n 
B 2 12  ALA 12  12  12  ALA ALA B . n 
B 2 13  ALA 13  13  13  ALA ALA B . n 
B 2 14  THR 14  14  14  THR THR B . n 
B 2 15  PRO 15  15  15  PRO PRO B . n 
B 2 16  THR 16  16  16  THR THR B . n 
B 2 17  SER 17  17  17  SER SER B . n 
B 2 18  LEU 18  18  18  LEU LEU B . n 
B 2 19  LEU 19  19  19  LEU LEU B . n 
B 2 20  ILE 20  20  20  ILE ILE B . n 
B 2 21  SER 21  21  21  SER SER B . n 
B 2 22  TRP 22  22  22  TRP TRP B . n 
B 2 23  ASP 23  23  23  ASP ASP B . n 
B 2 24  ALA 24  24  24  ALA ALA B . n 
B 2 25  PRO 25  25  25  PRO PRO B . n 
B 2 26  ALA 26  26  26  ALA ALA B . n 
B 2 27  VAL 27  27  27  VAL VAL B . n 
B 2 28  THR 28  28  28  THR THR B . n 
B 2 29  VAL 29  29  29  VAL VAL B . n 
B 2 30  ASP 30  30  30  ASP ASP B . n 
B 2 31  TYR 31  31  31  TYR TYR B . n 
B 2 32  TYR 32  32  32  TYR TYR B . n 
B 2 33  VAL 33  33  33  VAL VAL B . n 
B 2 34  ILE 34  34  34  ILE ILE B . n 
B 2 35  THR 35  35  35  THR THR B . n 
B 2 36  TYR 36  36  36  TYR TYR B . n 
B 2 37  GLY 37  37  37  GLY GLY B . n 
B 2 38  GLU 38  38  38  GLU GLU B . n 
B 2 39  THR 39  39  39  THR THR B . n 
B 2 40  GLY 40  40  40  GLY GLY B . n 
B 2 41  TYR 41  41  41  TYR TYR B . n 
B 2 42  TRP 42  42  42  TRP TRP B . n 
B 2 43  PRO 43  43  43  PRO PRO B . n 
B 2 44  TYR 44  44  44  TYR TYR B . n 
B 2 45  TYR 45  45  45  TYR TYR B . n 
B 2 46  TRP 46  46  46  TRP TRP B . n 
B 2 47  GLN 47  47  47  GLN GLN B . n 
B 2 48  GLU 48  48  48  GLU GLU B . n 
B 2 49  PHE 49  49  49  PHE PHE B . n 
B 2 50  GLU 50  50  50  GLU GLU B . n 
B 2 51  VAL 51  51  51  VAL VAL B . n 
B 2 52  PRO 52  52  52  PRO PRO B . n 
B 2 53  GLY 53  53  53  GLY GLY B . n 
B 2 54  SER 54  54  54  SER SER B . n 
B 2 55  LYS 55  55  55  LYS LYS B . n 
B 2 56  SER 56  56  56  SER SER B . n 
B 2 57  THR 57  57  57  THR THR B . n 
B 2 58  ALA 58  58  58  ALA ALA B . n 
B 2 59  THR 59  59  59  THR THR B . n 
B 2 60  ILE 60  60  60  ILE ILE B . n 
B 2 61  SER 61  61  61  SER SER B . n 
B 2 62  GLY 62  62  62  GLY GLY B . n 
B 2 63  LEU 63  63  63  LEU LEU B . n 
B 2 64  LYS 64  64  64  LYS LYS B . n 
B 2 65  PRO 65  65  65  PRO PRO B . n 
B 2 66  GLY 66  66  66  GLY GLY B . n 
B 2 67  VAL 67  67  67  VAL VAL B . n 
B 2 68  ASP 68  68  68  ASP ASP B . n 
B 2 69  TYR 69  69  69  TYR TYR B . n 
B 2 70  THR 70  70  70  THR THR B . n 
B 2 71  ILE 71  71  71  ILE ILE B . n 
B 2 72  THR 72  72  72  THR THR B . n 
B 2 73  VAL 73  73  73  VAL VAL B . n 
B 2 74  TYR 74  74  74  TYR TYR B . n 
B 2 75  ALA 75  75  75  ALA ALA B . n 
B 2 76  GLY 76  76  76  GLY GLY B . n 
B 2 77  SER 77  77  77  SER SER B . n 
B 2 78  TYR 78  78  78  TYR TYR B . n 
B 2 79  ASP 79  79  79  ASP ASP B . n 
B 2 80  SER 80  80  80  SER SER B . n 
B 2 81  TYR 81  81  81  TYR TYR B . n 
B 2 82  TYR 82  82  82  TYR TYR B . n 
B 2 83  TYR 83  83  83  TYR TYR B . n 
B 2 84  TYR 84  84  84  TYR TYR B . n 
B 2 85  GLY 85  85  85  GLY GLY B . n 
B 2 86  SER 86  86  86  SER SER B . n 
B 2 87  PRO 87  87  87  PRO PRO B . n 
B 2 88  ILE 88  88  88  ILE ILE B . n 
B 2 89  SER 89  89  89  SER SER B . n 
B 2 90  ILE 90  90  90  ILE ILE B . n 
B 2 91  ASN 91  91  91  ASN ASN B . n 
B 2 92  TYR 92  92  92  TYR TYR B . n 
B 2 93  ARG 93  93  93  ARG ARG B . n 
B 2 94  THR 94  94  94  THR THR B . n 
# 
loop_
_pdbx_nonpoly_scheme.asym_id 
_pdbx_nonpoly_scheme.entity_id 
_pdbx_nonpoly_scheme.mon_id 
_pdbx_nonpoly_scheme.ndb_seq_num 
_pdbx_nonpoly_scheme.pdb_seq_num 
_pdbx_nonpoly_scheme.auth_seq_num 
_pdbx_nonpoly_scheme.pdb_mon_id 
_pdbx_nonpoly_scheme.auth_mon_id 
_pdbx_nonpoly_scheme.pdb_strand_id 
_pdbx_nonpoly_scheme.pdb_ins_code 
C 3 HOH 1  301 4  HOH HOH A . 
C 3 HOH 2  302 5  HOH HOH A . 
C 3 HOH 3  303 8  HOH HOH A . 
C 3 HOH 4  304 9  HOH HOH A . 
C 3 HOH 5  305 10 HOH HOH A . 
C 3 HOH 6  306 11 HOH HOH A . 
C 3 HOH 7  307 13 HOH HOH A . 
C 3 HOH 8  308 14 HOH HOH A . 
C 3 HOH 9  309 19 HOH HOH A . 
C 3 HOH 10 310 22 HOH HOH A . 
C 3 HOH 11 311 25 HOH HOH A . 
C 3 HOH 12 312 27 HOH HOH A . 
C 3 HOH 13 313 28 HOH HOH A . 
C 3 HOH 14 314 33 HOH HOH A . 
C 3 HOH 15 315 35 HOH HOH A . 
C 3 HOH 16 316 36 HOH HOH A . 
C 3 HOH 17 317 37 HOH HOH A . 
C 3 HOH 18 318 44 HOH HOH A . 
C 3 HOH 19 319 45 HOH HOH A . 
C 3 HOH 20 320 47 HOH HOH A . 
C 3 HOH 21 321 50 HOH HOH A . 
C 3 HOH 22 322 52 HOH HOH A . 
C 3 HOH 23 323 53 HOH HOH A . 
C 3 HOH 24 324 59 HOH HOH A . 
C 3 HOH 25 325 60 HOH HOH A . 
C 3 HOH 26 326 61 HOH HOH A . 
C 3 HOH 27 327 68 HOH HOH A . 
C 3 HOH 28 328 69 HOH HOH A . 
C 3 HOH 29 329 71 HOH HOH A . 
C 3 HOH 30 330 72 HOH HOH A . 
C 3 HOH 31 331 73 HOH HOH A . 
C 3 HOH 32 332 75 HOH HOH A . 
C 3 HOH 33 333 76 HOH HOH A . 
C 3 HOH 34 334 79 HOH HOH A . 
D 3 HOH 1  101 1  HOH HOH B . 
D 3 HOH 2  102 2  HOH HOH B . 
D 3 HOH 3  103 3  HOH HOH B . 
D 3 HOH 4  104 6  HOH HOH B . 
D 3 HOH 5  105 7  HOH HOH B . 
D 3 HOH 6  106 12 HOH HOH B . 
D 3 HOH 7  107 15 HOH HOH B . 
D 3 HOH 8  108 16 HOH HOH B . 
D 3 HOH 9  109 17 HOH HOH B . 
D 3 HOH 10 110 18 HOH HOH B . 
D 3 HOH 11 111 20 HOH HOH B . 
D 3 HOH 12 112 21 HOH HOH B . 
D 3 HOH 13 113 23 HOH HOH B . 
D 3 HOH 14 114 24 HOH HOH B . 
D 3 HOH 15 115 26 HOH HOH B . 
D 3 HOH 16 116 29 HOH HOH B . 
D 3 HOH 17 117 30 HOH HOH B . 
D 3 HOH 18 118 31 HOH HOH B . 
D 3 HOH 19 119 32 HOH HOH B . 
D 3 HOH 20 120 34 HOH HOH B . 
D 3 HOH 21 121 38 HOH HOH B . 
D 3 HOH 22 122 39 HOH HOH B . 
D 3 HOH 23 123 40 HOH HOH B . 
D 3 HOH 24 124 41 HOH HOH B . 
D 3 HOH 25 125 42 HOH HOH B . 
D 3 HOH 26 126 43 HOH HOH B . 
D 3 HOH 27 127 46 HOH HOH B . 
D 3 HOH 28 128 48 HOH HOH B . 
D 3 HOH 29 129 49 HOH HOH B . 
D 3 HOH 30 130 51 HOH HOH B . 
D 3 HOH 31 131 54 HOH HOH B . 
D 3 HOH 32 132 55 HOH HOH B . 
D 3 HOH 33 133 56 HOH HOH B . 
D 3 HOH 34 134 57 HOH HOH B . 
D 3 HOH 35 135 58 HOH HOH B . 
D 3 HOH 36 136 62 HOH HOH B . 
D 3 HOH 37 137 63 HOH HOH B . 
D 3 HOH 38 138 64 HOH HOH B . 
D 3 HOH 39 139 65 HOH HOH B . 
D 3 HOH 40 140 66 HOH HOH B . 
D 3 HOH 41 141 67 HOH HOH B . 
D 3 HOH 42 142 70 HOH HOH B . 
D 3 HOH 43 143 74 HOH HOH B . 
D 3 HOH 44 144 77 HOH HOH B . 
D 3 HOH 45 145 78 HOH HOH B . 
D 3 HOH 46 146 80 HOH HOH B . 
# 
loop_
_software.pdbx_ordinal 
_software.name 
_software.version 
_software.date 
_software.type 
_software.contact_author 
_software.contact_author_email 
_software.classification 
_software.location 
_software.language 
_software.citation_id 
1 XSCALE      .         ?                package 'Wolfgang Kabsch' ?                           'data scaling'    
http://www.mpimf-heidelberg.mpg.de/~kabsch/xds/html_doc/xscale_program.html ?   ? 
2 PHASER      .         ?                program 'Randy J. Read'   cimr-phaser@lists.cam.ac.uk phasing           
http://www-structmed.cimr.cam.ac.uk/phaser/                                 ?   ? 
3 PHENIX      1.7.3_928 ?                package 'Paul D. Adams'   PDAdams@lbl.gov             refinement        
http://www.phenix-online.org/                                               C++ ? 
4 PDB_EXTRACT 3.11      'April 22, 2011' package PDB               deposit@deposit.rcsb.org    'data extraction' 
http://sw-tools.pdb.org/apps/PDB_EXTRACT/                                   C++ ? 
5 ADSC        Quantum   ?                ?       ?                 ?                           'data collection' ? ?   ? 
# 
_cell.length_a           111.700 
_cell.length_b           111.700 
_cell.length_c           31.780 
_cell.angle_alpha        90.000 
_cell.angle_beta         90.000 
_cell.angle_gamma        120.000 
_cell.entry_id           4JEG 
_cell.pdbx_unique_axis   ? 
_cell.Z_PDB              6 
_cell.length_a_esd       ? 
_cell.length_b_esd       ? 
_cell.length_c_esd       ? 
_cell.angle_alpha_esd    ? 
_cell.angle_beta_esd     ? 
_cell.angle_gamma_esd    ? 
# 
_symmetry.space_group_name_H-M             'P 61' 
_symmetry.entry_id                         4JEG 
_symmetry.pdbx_full_space_group_name_H-M   ? 
_symmetry.Int_Tables_number                169 
_symmetry.cell_setting                     ? 
_symmetry.space_group_name_Hall            ? 
# 
_exptl.crystals_number   1 
_exptl.entry_id          4JEG 
_exptl.method            'X-RAY DIFFRACTION' 
# 
_exptl_crystal.id                    1 
_exptl_crystal.density_Matthews      2.34 
_exptl_crystal.density_meas          ? 
_exptl_crystal.density_percent_sol   47.39 
_exptl_crystal.description           ? 
_exptl_crystal.F_000                 ? 
_exptl_crystal.preparation           ? 
# 
_exptl_crystal_grow.crystal_id      1 
_exptl_crystal_grow.method          'VAPOR DIFFUSION, HANGING DROP' 
_exptl_crystal_grow.pH              6.5 
_exptl_crystal_grow.temp            293 
_exptl_crystal_grow.pdbx_details    
'25% PEG 3350, 0.1M Bis-tris, 0.2M Sodium Chloride, pH 6.5, VAPOR DIFFUSION, HANGING DROP, temperature 293K' 
_exptl_crystal_grow.temp_details    ? 
_exptl_crystal_grow.pdbx_pH_range   ? 
# 
_diffrn.id                     1 
_diffrn.ambient_temp           100 
_diffrn.ambient_temp_details   ? 
_diffrn.crystal_id             1 
# 
_diffrn_detector.diffrn_id              1 
_diffrn_detector.detector               CCD 
_diffrn_detector.type                   'ADSC QUANTUM 315' 
_diffrn_detector.pdbx_collection_date   2012-06-20 
_diffrn_detector.details                ? 
# 
_diffrn_radiation.diffrn_id                        1 
_diffrn_radiation.pdbx_diffrn_protocol             'SINGLE WAVELENGTH' 
_diffrn_radiation.monochromator                    'Si(220)' 
_diffrn_radiation.wavelength_id                    1 
_diffrn_radiation.pdbx_monochromatic_or_laue_m_l   M 
_diffrn_radiation.pdbx_scattering_type             x-ray 
# 
_diffrn_radiation_wavelength.id           1 
_diffrn_radiation_wavelength.wavelength   0.979180 
_diffrn_radiation_wavelength.wt           1.0 
# 
_diffrn_source.diffrn_id                   1 
_diffrn_source.source                      SYNCHROTRON 
_diffrn_source.type                        'APS BEAMLINE 24-ID-E' 
_diffrn_source.pdbx_wavelength_list        0.979180 
_diffrn_source.pdbx_wavelength             ? 
_diffrn_source.pdbx_synchrotron_site       APS 
_diffrn_source.pdbx_synchrotron_beamline   24-ID-E 
# 
_reflns.entry_id                     4JEG 
_reflns.observed_criterion_sigma_F   0.0 
_reflns.observed_criterion_sigma_I   3.0 
_reflns.d_resolution_high            2.30 
_reflns.d_resolution_low             19.35 
_reflns.number_all                   10400 
_reflns.number_obs                   10358 
_reflns.percent_possible_obs         99.6 
_reflns.pdbx_Rmerge_I_obs            0.062 
_reflns.pdbx_Rsym_value              ? 
_reflns.pdbx_netI_over_sigmaI        21.2 
_reflns.B_iso_Wilson_estimate        ? 
_reflns.pdbx_redundancy              7.9 
_reflns.R_free_details               ? 
_reflns.limit_h_max                  ? 
_reflns.limit_h_min                  ? 
_reflns.limit_k_max                  ? 
_reflns.limit_k_min                  ? 
_reflns.limit_l_max                  ? 
_reflns.limit_l_min                  ? 
_reflns.observed_criterion_F_max     ? 
_reflns.observed_criterion_F_min     ? 
_reflns.pdbx_chi_squared             ? 
_reflns.pdbx_scaling_rejects         ? 
_reflns.pdbx_ordinal                 1 
_reflns.pdbx_diffrn_id               1 
# 
_reflns_shell.d_res_high             2.30 
_reflns_shell.d_res_low              2.42 
_reflns_shell.percent_possible_obs   ? 
_reflns_shell.percent_possible_all   99.6 
_reflns_shell.Rmerge_I_obs           0.423 
_reflns_shell.meanI_over_sigI_obs    4.4 
_reflns_shell.pdbx_Rsym_value        ? 
_reflns_shell.pdbx_redundancy        7.4 
_reflns_shell.number_unique_all      1503 
_reflns_shell.number_measured_all    ? 
_reflns_shell.number_measured_obs    ? 
_reflns_shell.number_unique_obs      ? 
_reflns_shell.pdbx_chi_squared       ? 
_reflns_shell.pdbx_ordinal           1 
_reflns_shell.pdbx_diffrn_id         1 
# 
_refine.entry_id                                 4JEG 
_refine.ls_d_res_high                            2.3 
_refine.ls_d_res_low                             19.3470 
_refine.pdbx_ls_sigma_F                          1.440 
_refine.pdbx_data_cutoff_high_absF               ? 
_refine.pdbx_data_cutoff_low_absF                ? 
_refine.ls_percent_reflns_obs                    99.7800 
_refine.ls_number_reflns_obs                     10352 
_refine.ls_number_reflns_all                     10375 
_refine.pdbx_ls_cross_valid_method               ? 
_refine.pdbx_R_Free_selection_details            random 
_refine.details                                  ? 
_refine.ls_R_factor_all                          ? 
_refine.ls_R_factor_obs                          0.1888 
_refine.ls_R_factor_R_work                       0.1868 
_refine.ls_wR_factor_R_work                      ? 
_refine.ls_R_factor_R_free                       0.2268 
_refine.ls_wR_factor_R_free                      ? 
_refine.ls_percent_reflns_R_free                 4.8100 
_refine.ls_number_reflns_R_free                  498 
_refine.ls_R_factor_R_free_error                 ? 
_refine.B_iso_mean                               34.5368 
_refine.solvent_model_param_bsol                 40.7220 
_refine.solvent_model_param_ksol                 0.4040 
_refine.pdbx_isotropic_thermal_model             ? 
_refine.aniso_B[1][1]                            -0.2239 
_refine.aniso_B[2][2]                            -0.2239 
_refine.aniso_B[3][3]                            0.4479 
_refine.aniso_B[1][2]                            0.0000 
_refine.aniso_B[1][3]                            -0.0000 
_refine.aniso_B[2][3]                            0.0000 
_refine.correlation_coeff_Fo_to_Fc               ? 
_refine.correlation_coeff_Fo_to_Fc_free          ? 
_refine.overall_SU_R_Cruickshank_DPI             ? 
_refine.overall_SU_R_free                        ? 
_refine.pdbx_overall_ESU_R                       ? 
_refine.pdbx_overall_ESU_R_Free                  ? 
_refine.overall_SU_ML                            0.2600 
_refine.overall_SU_B                             ? 
_refine.solvent_model_details                    'FLAT BULK SOLVENT MODEL' 
_refine.pdbx_solvent_vdw_probe_radii             0.9000 
_refine.pdbx_solvent_ion_probe_radii             ? 
_refine.pdbx_solvent_shrinkage_radii             0.6000 
_refine.ls_number_parameters                     ? 
_refine.ls_number_restraints                     ? 
_refine.pdbx_starting_model                      ? 
_refine.pdbx_method_to_determine_struct          'MOLECULAR REPLACEMENT' 
_refine.pdbx_stereochemistry_target_values       ML 
_refine.pdbx_stereochem_target_val_spec_case     ? 
_refine.overall_FOM_work_R_set                   0.8461 
_refine.B_iso_max                                103.270 
_refine.B_iso_min                                10.390 
_refine.pdbx_overall_phase_error                 22.1100 
_refine.occupancy_max                            1.000 
_refine.occupancy_min                            1.000 
_refine.pdbx_ls_sigma_I                          ? 
_refine.ls_redundancy_reflns_obs                 ? 
_refine.ls_R_factor_R_free_error_details         ? 
_refine.pdbx_data_cutoff_high_rms_absF           ? 
_refine.overall_FOM_free_R_set                   ? 
_refine.pdbx_diffrn_id                           1 
_refine.pdbx_refine_id                           'X-RAY DIFFRACTION' 
_refine.pdbx_TLS_residual_ADP_flag               ? 
_refine.pdbx_overall_SU_R_free_Cruickshank_DPI   ? 
_refine.pdbx_overall_SU_R_Blow_DPI               ? 
_refine.pdbx_overall_SU_R_free_Blow_DPI          ? 
# 
_refine_hist.pdbx_refine_id                   'X-RAY DIFFRACTION' 
_refine_hist.cycle_id                         LAST 
_refine_hist.pdbx_number_atoms_protein        1638 
_refine_hist.pdbx_number_atoms_nucleic_acid   0 
_refine_hist.pdbx_number_atoms_ligand         0 
_refine_hist.number_atoms_solvent             80 
_refine_hist.number_atoms_total               1718 
_refine_hist.d_res_high                       2.3 
_refine_hist.d_res_low                        19.3470 
# 
loop_
_refine_ls_restr.type 
_refine_ls_restr.number 
_refine_ls_restr.dev_ideal 
_refine_ls_restr.dev_ideal_target 
_refine_ls_restr.weight 
_refine_ls_restr.pdbx_restraint_function 
_refine_ls_restr.pdbx_refine_id 
f_bond_d           1682 0.004  ? ? ? 'X-RAY DIFFRACTION' 
f_angle_d          2284 0.885  ? ? ? 'X-RAY DIFFRACTION' 
f_chiral_restr     249  0.062  ? ? ? 'X-RAY DIFFRACTION' 
f_plane_restr      287  0.004  ? ? ? 'X-RAY DIFFRACTION' 
f_dihedral_angle_d 605  14.989 ? ? ? 'X-RAY DIFFRACTION' 
# 
loop_
_refine_ls_shell.d_res_high 
_refine_ls_shell.d_res_low 
_refine_ls_shell.pdbx_total_number_of_bins_used 
_refine_ls_shell.percent_reflns_obs 
_refine_ls_shell.number_reflns_R_work 
_refine_ls_shell.R_factor_all 
_refine_ls_shell.R_factor_R_work 
_refine_ls_shell.R_factor_R_free 
_refine_ls_shell.percent_reflns_R_free 
_refine_ls_shell.number_reflns_R_free 
_refine_ls_shell.R_factor_R_free_error 
_refine_ls_shell.number_reflns_all 
_refine_ls_shell.number_reflns_obs 
_refine_ls_shell.redundancy_reflns_obs 
_refine_ls_shell.pdbx_refine_id 
2.3    2.5299  4 99.0000  2420 . 0.2370 0.3141 . 115 . 2535 . . 'X-RAY DIFFRACTION' 
2.5299 2.8949  4 100.0000 2441 . 0.2158 0.3047 . 132 . 2573 . . 'X-RAY DIFFRACTION' 
2.8949 3.6433  4 100.0000 2442 . 0.1772 0.2068 . 130 . 2572 . . 'X-RAY DIFFRACTION' 
3.6433 19.3477 4 100.0000 2551 . 0.1683 0.1863 . 121 . 2672 . . 'X-RAY DIFFRACTION' 
# 
_struct.entry_id                  4JEG 
_struct.title                     'Crystal Structure of Monobody CS1/SHP2 C-SH2 Domain Complex' 
_struct.pdbx_model_details        ? 
_struct.pdbx_CASP_flag            ? 
_struct.pdbx_model_type_details   ? 
# 
_struct_keywords.entry_id        4JEG 
_struct_keywords.text            
;engineered binding protein, SHP2 SH2-monobody complex, Phosphatase, Phosphotyrosine Binding, Phosphorylation, Signaling protein-protein binding complex
;
_struct_keywords.pdbx_keywords   'Signaling protein/protein binding' 
# 
loop_
_struct_asym.id 
_struct_asym.pdbx_blank_PDB_chainid_flag 
_struct_asym.pdbx_modified 
_struct_asym.entity_id 
_struct_asym.details 
A N N 1 ? 
B N N 2 ? 
C N N 3 ? 
D N N 3 ? 
# 
loop_
_struct_ref.id 
_struct_ref.db_name 
_struct_ref.db_code 
_struct_ref.pdbx_db_accession 
_struct_ref.entity_id 
_struct_ref.pdbx_seq_one_letter_code 
_struct_ref.pdbx_align_begin 
_struct_ref.pdbx_db_isoform 
1 UNP PTN11_HUMAN Q06124 1 
;ELKYPLNCADPTSERWFHGHLSGKEAEKLLTEKGKHGSFLVRESQSHPGDFVLSVRTGDDKGESNDGKSKVTHVMIRCQE
LKYDVGGGERFDSLTDLVEHYKKNPMVETLGTVLQLKQPLN
;
97 ? 
2 PDB 4JEG        4JEG   2 ? ?  ? 
# 
loop_
_struct_ref_seq.align_id 
_struct_ref_seq.ref_id 
_struct_ref_seq.pdbx_PDB_id_code 
_struct_ref_seq.pdbx_strand_id 
_struct_ref_seq.seq_align_beg 
_struct_ref_seq.pdbx_seq_align_beg_ins_code 
_struct_ref_seq.seq_align_end 
_struct_ref_seq.pdbx_seq_align_end_ins_code 
_struct_ref_seq.pdbx_db_accession 
_struct_ref_seq.db_align_beg 
_struct_ref_seq.pdbx_db_align_beg_ins_code 
_struct_ref_seq.db_align_end 
_struct_ref_seq.pdbx_db_align_end_ins_code 
_struct_ref_seq.pdbx_auth_seq_align_beg 
_struct_ref_seq.pdbx_auth_seq_align_end 
1 1 4JEG A 1 ? 121 ? Q06124 97 ? 217 ? 97 217 
2 2 4JEG B 1 ? 94  ? 4JEG   1  ? 94  ? 1  94  
# 
loop_
_struct_ref_seq_dif.align_id 
_struct_ref_seq_dif.pdbx_pdb_id_code 
_struct_ref_seq_dif.mon_id 
_struct_ref_seq_dif.pdbx_pdb_strand_id 
_struct_ref_seq_dif.seq_num 
_struct_ref_seq_dif.pdbx_pdb_ins_code 
_struct_ref_seq_dif.pdbx_seq_db_name 
_struct_ref_seq_dif.pdbx_seq_db_accession_code 
_struct_ref_seq_dif.db_mon_id 
_struct_ref_seq_dif.pdbx_seq_db_seq_num 
_struct_ref_seq_dif.details 
_struct_ref_seq_dif.pdbx_auth_seq_num 
_struct_ref_seq_dif.pdbx_ordinal 
1 4JEG LYS A 122 ? UNP Q06124 ? ? 'expression tag' 218 1 
1 4JEG GLU A 123 ? UNP Q06124 ? ? 'expression tag' 219 2 
1 4JEG LYS A 124 ? UNP Q06124 ? ? 'expression tag' 220 3 
# 
_pdbx_struct_assembly.id                   1 
_pdbx_struct_assembly.details              author_and_software_defined_assembly 
_pdbx_struct_assembly.method_details       PISA 
_pdbx_struct_assembly.oligomeric_details   dimeric 
_pdbx_struct_assembly.oligomeric_count     2 
# 
loop_
_pdbx_struct_assembly_prop.biol_id 
_pdbx_struct_assembly_prop.type 
_pdbx_struct_assembly_prop.value 
_pdbx_struct_assembly_prop.details 
1 'ABSA (A^2)' 2110  ? 
1 MORE         -11   ? 
1 'SSA (A^2)'  10480 ? 
# 
_pdbx_struct_assembly_gen.assembly_id       1 
_pdbx_struct_assembly_gen.oper_expression   1 
_pdbx_struct_assembly_gen.asym_id_list      A,B,C,D 
# 
_pdbx_struct_oper_list.id                   1 
_pdbx_struct_oper_list.type                 'identity operation' 
_pdbx_struct_oper_list.name                 1_555 
_pdbx_struct_oper_list.symmetry_operation   x,y,z 
_pdbx_struct_oper_list.matrix[1][1]         1.0000000000 
_pdbx_struct_oper_list.matrix[1][2]         0.0000000000 
_pdbx_struct_oper_list.matrix[1][3]         0.0000000000 
_pdbx_struct_oper_list.vector[1]            0.0000000000 
_pdbx_struct_oper_list.matrix[2][1]         0.0000000000 
_pdbx_struct_oper_list.matrix[2][2]         1.0000000000 
_pdbx_struct_oper_list.matrix[2][3]         0.0000000000 
_pdbx_struct_oper_list.vector[2]            0.0000000000 
_pdbx_struct_oper_list.matrix[3][1]         0.0000000000 
_pdbx_struct_oper_list.matrix[3][2]         0.0000000000 
_pdbx_struct_oper_list.matrix[3][3]         1.0000000000 
_pdbx_struct_oper_list.vector[3]            0.0000000000 
# 
_struct_biol.id        1 
_struct_biol.details   ? 
# 
loop_
_struct_conf.conf_type_id 
_struct_conf.id 
_struct_conf.pdbx_PDB_helix_id 
_struct_conf.beg_label_comp_id 
_struct_conf.beg_label_asym_id 
_struct_conf.beg_label_seq_id 
_struct_conf.pdbx_beg_PDB_ins_code 
_struct_conf.end_label_comp_id 
_struct_conf.end_label_asym_id 
_struct_conf.end_label_seq_id 
_struct_conf.pdbx_end_PDB_ins_code 
_struct_conf.beg_auth_comp_id 
_struct_conf.beg_auth_asym_id 
_struct_conf.beg_auth_seq_id 
_struct_conf.end_auth_comp_id 
_struct_conf.end_auth_asym_id 
_struct_conf.end_auth_seq_id 
_struct_conf.pdbx_PDB_helix_class 
_struct_conf.details 
_struct_conf.pdbx_PDB_helix_length 
HELX_P HELX_P1 1 SER A 22 ? LYS A 33  ? SER A 118 LYS A 129 1 ? 12 
HELX_P HELX_P2 2 SER A 93 ? ASN A 104 ? SER A 189 ASN A 200 1 ? 12 
# 
_struct_conf_type.id          HELX_P 
_struct_conf_type.criteria    ? 
_struct_conf_type.reference   ? 
# 
_struct_conn.id                            disulf1 
_struct_conn.conn_type_id                  disulf 
_struct_conn.pdbx_leaving_atom_flag        ? 
_struct_conn.pdbx_PDB_id                   ? 
_struct_conn.ptnr1_label_asym_id           A 
_struct_conn.ptnr1_label_comp_id           CYS 
_struct_conn.ptnr1_label_seq_id            8 
_struct_conn.ptnr1_label_atom_id           SG 
_struct_conn.pdbx_ptnr1_label_alt_id       ? 
_struct_conn.pdbx_ptnr1_PDB_ins_code       ? 
_struct_conn.pdbx_ptnr1_standard_comp_id   ? 
_struct_conn.ptnr1_symmetry                1_555 
_struct_conn.ptnr2_label_asym_id           A 
_struct_conn.ptnr2_label_comp_id           CYS 
_struct_conn.ptnr2_label_seq_id            78 
_struct_conn.ptnr2_label_atom_id           SG 
_struct_conn.pdbx_ptnr2_label_alt_id       ? 
_struct_conn.pdbx_ptnr2_PDB_ins_code       ? 
_struct_conn.ptnr1_auth_asym_id            A 
_struct_conn.ptnr1_auth_comp_id            CYS 
_struct_conn.ptnr1_auth_seq_id             104 
_struct_conn.ptnr2_auth_asym_id            A 
_struct_conn.ptnr2_auth_comp_id            CYS 
_struct_conn.ptnr2_auth_seq_id             174 
_struct_conn.ptnr2_symmetry                1_555 
_struct_conn.pdbx_ptnr3_label_atom_id      ? 
_struct_conn.pdbx_ptnr3_label_seq_id       ? 
_struct_conn.pdbx_ptnr3_label_comp_id      ? 
_struct_conn.pdbx_ptnr3_label_asym_id      ? 
_struct_conn.pdbx_ptnr3_label_alt_id       ? 
_struct_conn.pdbx_ptnr3_PDB_ins_code       ? 
_struct_conn.details                       ? 
_struct_conn.pdbx_dist_value               2.032 
_struct_conn.pdbx_value_order              ? 
_struct_conn.pdbx_role                     ? 
# 
_struct_conn_type.id          disulf 
_struct_conn_type.criteria    ? 
_struct_conn_type.reference   ? 
# 
_pdbx_modification_feature.ordinal                            1 
_pdbx_modification_feature.label_comp_id                      CYS 
_pdbx_modification_feature.label_asym_id                      A 
_pdbx_modification_feature.label_seq_id                       8 
_pdbx_modification_feature.label_alt_id                       ? 
_pdbx_modification_feature.modified_residue_label_comp_id     CYS 
_pdbx_modification_feature.modified_residue_label_asym_id     A 
_pdbx_modification_feature.modified_residue_label_seq_id      78 
_pdbx_modification_feature.modified_residue_label_alt_id      ? 
_pdbx_modification_feature.auth_comp_id                       CYS 
_pdbx_modification_feature.auth_asym_id                       A 
_pdbx_modification_feature.auth_seq_id                        104 
_pdbx_modification_feature.PDB_ins_code                       ? 
_pdbx_modification_feature.symmetry                           1_555 
_pdbx_modification_feature.modified_residue_auth_comp_id      CYS 
_pdbx_modification_feature.modified_residue_auth_asym_id      A 
_pdbx_modification_feature.modified_residue_auth_seq_id       174 
_pdbx_modification_feature.modified_residue_PDB_ins_code      ? 
_pdbx_modification_feature.modified_residue_symmetry          1_555 
_pdbx_modification_feature.comp_id_linking_atom               SG 
_pdbx_modification_feature.modified_residue_id_linking_atom   SG 
_pdbx_modification_feature.modified_residue_id                . 
_pdbx_modification_feature.ref_pcm_id                         . 
_pdbx_modification_feature.ref_comp_id                        . 
_pdbx_modification_feature.type                               None 
_pdbx_modification_feature.category                           'Disulfide bridge' 
# 
loop_
_struct_mon_prot_cis.pdbx_id 
_struct_mon_prot_cis.label_comp_id 
_struct_mon_prot_cis.label_seq_id 
_struct_mon_prot_cis.label_asym_id 
_struct_mon_prot_cis.label_alt_id 
_struct_mon_prot_cis.pdbx_PDB_ins_code 
_struct_mon_prot_cis.auth_comp_id 
_struct_mon_prot_cis.auth_seq_id 
_struct_mon_prot_cis.auth_asym_id 
_struct_mon_prot_cis.pdbx_label_comp_id_2 
_struct_mon_prot_cis.pdbx_label_seq_id_2 
_struct_mon_prot_cis.pdbx_label_asym_id_2 
_struct_mon_prot_cis.pdbx_PDB_ins_code_2 
_struct_mon_prot_cis.pdbx_auth_comp_id_2 
_struct_mon_prot_cis.pdbx_auth_seq_id_2 
_struct_mon_prot_cis.pdbx_auth_asym_id_2 
_struct_mon_prot_cis.pdbx_PDB_model_num 
_struct_mon_prot_cis.pdbx_omega_angle 
1 VAL 4  B . ? VAL 4  B PRO 5  B ? PRO 5  B 1 2.58 
2 TRP 42 B . ? TRP 42 B PRO 43 B ? PRO 43 B 1 3.69 
# 
loop_
_struct_sheet.id 
_struct_sheet.type 
_struct_sheet.number_strands 
_struct_sheet.details 
A ? 4 ? 
B ? 7 ? 
C ? 2 ? 
D ? 3 ? 
# 
loop_
_struct_sheet_order.sheet_id 
_struct_sheet_order.range_id_1 
_struct_sheet_order.range_id_2 
_struct_sheet_order.offset 
_struct_sheet_order.sense 
A 1 2 ? anti-parallel 
A 2 3 ? anti-parallel 
A 3 4 ? anti-parallel 
B 1 2 ? anti-parallel 
B 2 3 ? anti-parallel 
B 3 4 ? anti-parallel 
B 4 5 ? anti-parallel 
B 5 6 ? anti-parallel 
B 6 7 ? anti-parallel 
C 1 2 ? anti-parallel 
D 1 2 ? anti-parallel 
D 2 3 ? anti-parallel 
# 
loop_
_struct_sheet_range.sheet_id 
_struct_sheet_range.id 
_struct_sheet_range.beg_label_comp_id 
_struct_sheet_range.beg_label_asym_id 
_struct_sheet_range.beg_label_seq_id 
_struct_sheet_range.pdbx_beg_PDB_ins_code 
_struct_sheet_range.end_label_comp_id 
_struct_sheet_range.end_label_asym_id 
_struct_sheet_range.end_label_seq_id 
_struct_sheet_range.pdbx_end_PDB_ins_code 
_struct_sheet_range.beg_auth_comp_id 
_struct_sheet_range.beg_auth_asym_id 
_struct_sheet_range.beg_auth_seq_id 
_struct_sheet_range.end_auth_comp_id 
_struct_sheet_range.end_auth_asym_id 
_struct_sheet_range.end_auth_seq_id 
A 1 PHE A 39  ? GLU A 43  ? PHE A 135 GLU A 139 
A 2 PHE A 51  ? GLY A 58  ? PHE A 147 GLY A 154 
A 3 LYS A 70  ? GLN A 79  ? LYS A 166 GLN A 175 
A 4 LYS A 82  ? ASP A 84  ? LYS A 178 ASP A 180 
B 1 PHE A 39  ? GLU A 43  ? PHE A 135 GLU A 139 
B 2 PHE A 51  ? GLY A 58  ? PHE A 147 GLY A 154 
B 3 LYS A 70  ? GLN A 79  ? LYS A 166 GLN A 175 
B 4 TYR B 45  ? PRO B 52  ? TYR B 45  PRO B 52  
B 5 TYR B 31  ? GLU B 38  ? TYR B 31  GLU B 38  
B 6 ASP B 68  ? GLY B 76  ? ASP B 68  GLY B 76  
B 7 ILE B 88  ? ARG B 93  ? ILE B 88  ARG B 93  
C 1 VAL A 107 ? THR A 109 ? VAL A 203 THR A 205 
C 2 THR A 112 ? LEU A 114 ? THR A 208 LEU A 210 
D 1 GLU B 9   ? THR B 14  ? GLU B 9   THR B 14  
D 2 SER B 17  ? SER B 21  ? SER B 17  SER B 21  
D 3 THR B 57  ? SER B 61  ? THR B 57  SER B 61  
# 
loop_
_pdbx_struct_sheet_hbond.sheet_id 
_pdbx_struct_sheet_hbond.range_id_1 
_pdbx_struct_sheet_hbond.range_id_2 
_pdbx_struct_sheet_hbond.range_1_label_atom_id 
_pdbx_struct_sheet_hbond.range_1_label_comp_id 
_pdbx_struct_sheet_hbond.range_1_label_asym_id 
_pdbx_struct_sheet_hbond.range_1_label_seq_id 
_pdbx_struct_sheet_hbond.range_1_PDB_ins_code 
_pdbx_struct_sheet_hbond.range_1_auth_atom_id 
_pdbx_struct_sheet_hbond.range_1_auth_comp_id 
_pdbx_struct_sheet_hbond.range_1_auth_asym_id 
_pdbx_struct_sheet_hbond.range_1_auth_seq_id 
_pdbx_struct_sheet_hbond.range_2_label_atom_id 
_pdbx_struct_sheet_hbond.range_2_label_comp_id 
_pdbx_struct_sheet_hbond.range_2_label_asym_id 
_pdbx_struct_sheet_hbond.range_2_label_seq_id 
_pdbx_struct_sheet_hbond.range_2_PDB_ins_code 
_pdbx_struct_sheet_hbond.range_2_auth_atom_id 
_pdbx_struct_sheet_hbond.range_2_auth_comp_id 
_pdbx_struct_sheet_hbond.range_2_auth_asym_id 
_pdbx_struct_sheet_hbond.range_2_auth_seq_id 
A 1 2 N LEU A 40  ? N LEU A 136 O SER A 54  ? O SER A 150 
A 2 3 N VAL A 55  ? N VAL A 151 O THR A 72  ? O THR A 168 
A 3 4 N ARG A 77  ? N ARG A 173 O ASP A 84  ? O ASP A 180 
B 1 2 N LEU A 40  ? N LEU A 136 O SER A 54  ? O SER A 150 
B 2 3 N VAL A 55  ? N VAL A 151 O THR A 72  ? O THR A 168 
B 3 4 N HIS A 73  ? N HIS A 169 O TRP B 46  ? O TRP B 46  
B 4 5 O VAL B 51  ? O VAL B 51  N TYR B 32  ? N TYR B 32  
B 5 6 N VAL B 33  ? N VAL B 33  O TYR B 74  ? O TYR B 74  
B 6 7 N ILE B 71  ? N ILE B 71  O ILE B 90  ? O ILE B 90  
C 1 2 N VAL A 107 ? N VAL A 203 O LEU A 114 ? O LEU A 210 
D 1 2 N VAL B 11  ? N VAL B 11  O LEU B 19  ? O LEU B 19  
D 2 3 N LEU B 18  ? N LEU B 18  O ILE B 60  ? O ILE B 60  
# 
_pdbx_entry_details.entry_id                   4JEG 
_pdbx_entry_details.compound_details           ? 
_pdbx_entry_details.source_details             ? 
_pdbx_entry_details.nonpolymer_details         ? 
_pdbx_entry_details.sequence_details           ? 
_pdbx_entry_details.has_ligand_of_interest     ? 
_pdbx_entry_details.has_protein_modification   Y 
# 
loop_
_pdbx_validate_torsion.id 
_pdbx_validate_torsion.PDB_model_num 
_pdbx_validate_torsion.auth_comp_id 
_pdbx_validate_torsion.auth_asym_id 
_pdbx_validate_torsion.auth_seq_id 
_pdbx_validate_torsion.PDB_ins_code 
_pdbx_validate_torsion.label_alt_id 
_pdbx_validate_torsion.phi 
_pdbx_validate_torsion.psi 
1 1 LEU A 117 ? ? -162.74 112.72 
2 1 LYS A 129 ? ? -143.21 -13.59 
3 1 VAL A 181 ? ? -109.08 41.52  
4 1 LYS A 213 ? ? -127.56 -94.61 
# 
_phasing.method   MR 
# 
loop_
_pdbx_unobs_or_zero_occ_residues.id 
_pdbx_unobs_or_zero_occ_residues.PDB_model_num 
_pdbx_unobs_or_zero_occ_residues.polymer_flag 
_pdbx_unobs_or_zero_occ_residues.occupancy_flag 
_pdbx_unobs_or_zero_occ_residues.auth_asym_id 
_pdbx_unobs_or_zero_occ_residues.auth_comp_id 
_pdbx_unobs_or_zero_occ_residues.auth_seq_id 
_pdbx_unobs_or_zero_occ_residues.PDB_ins_code 
_pdbx_unobs_or_zero_occ_residues.label_asym_id 
_pdbx_unobs_or_zero_occ_residues.label_comp_id 
_pdbx_unobs_or_zero_occ_residues.label_seq_id 
1  1 Y 1 A GLU 97  ? A GLU 1   
2  1 Y 1 A LEU 98  ? A LEU 2   
3  1 Y 1 A LYS 99  ? A LYS 3   
4  1 Y 1 A TYR 100 ? A TYR 4   
5  1 Y 1 A PRO 101 ? A PRO 5   
6  1 Y 1 A GLY 158 ? A GLY 62  
7  1 Y 1 A GLU 159 ? A GLU 63  
8  1 Y 1 A SER 160 ? A SER 64  
9  1 Y 1 A ASN 161 ? A ASN 65  
10 1 Y 1 A LYS 220 ? A LYS 124 
11 1 Y 1 B VAL 1   ? B VAL 1   
# 
loop_
_chem_comp_atom.comp_id 
_chem_comp_atom.atom_id 
_chem_comp_atom.type_symbol 
_chem_comp_atom.pdbx_aromatic_flag 
_chem_comp_atom.pdbx_stereo_config 
_chem_comp_atom.pdbx_ordinal 
ALA N    N N N 1   
ALA CA   C N S 2   
ALA C    C N N 3   
ALA O    O N N 4   
ALA CB   C N N 5   
ALA OXT  O N N 6   
ALA H    H N N 7   
ALA H2   H N N 8   
ALA HA   H N N 9   
ALA HB1  H N N 10  
ALA HB2  H N N 11  
ALA HB3  H N N 12  
ALA HXT  H N N 13  
ARG N    N N N 14  
ARG CA   C N S 15  
ARG C    C N N 16  
ARG O    O N N 17  
ARG CB   C N N 18  
ARG CG   C N N 19  
ARG CD   C N N 20  
ARG NE   N N N 21  
ARG CZ   C N N 22  
ARG NH1  N N N 23  
ARG NH2  N N N 24  
ARG OXT  O N N 25  
ARG H    H N N 26  
ARG H2   H N N 27  
ARG HA   H N N 28  
ARG HB2  H N N 29  
ARG HB3  H N N 30  
ARG HG2  H N N 31  
ARG HG3  H N N 32  
ARG HD2  H N N 33  
ARG HD3  H N N 34  
ARG HE   H N N 35  
ARG HH11 H N N 36  
ARG HH12 H N N 37  
ARG HH21 H N N 38  
ARG HH22 H N N 39  
ARG HXT  H N N 40  
ASN N    N N N 41  
ASN CA   C N S 42  
ASN C    C N N 43  
ASN O    O N N 44  
ASN CB   C N N 45  
ASN CG   C N N 46  
ASN OD1  O N N 47  
ASN ND2  N N N 48  
ASN OXT  O N N 49  
ASN H    H N N 50  
ASN H2   H N N 51  
ASN HA   H N N 52  
ASN HB2  H N N 53  
ASN HB3  H N N 54  
ASN HD21 H N N 55  
ASN HD22 H N N 56  
ASN HXT  H N N 57  
ASP N    N N N 58  
ASP CA   C N S 59  
ASP C    C N N 60  
ASP O    O N N 61  
ASP CB   C N N 62  
ASP CG   C N N 63  
ASP OD1  O N N 64  
ASP OD2  O N N 65  
ASP OXT  O N N 66  
ASP H    H N N 67  
ASP H2   H N N 68  
ASP HA   H N N 69  
ASP HB2  H N N 70  
ASP HB3  H N N 71  
ASP HD2  H N N 72  
ASP HXT  H N N 73  
CYS N    N N N 74  
CYS CA   C N R 75  
CYS C    C N N 76  
CYS O    O N N 77  
CYS CB   C N N 78  
CYS SG   S N N 79  
CYS OXT  O N N 80  
CYS H    H N N 81  
CYS H2   H N N 82  
CYS HA   H N N 83  
CYS HB2  H N N 84  
CYS HB3  H N N 85  
CYS HG   H N N 86  
CYS HXT  H N N 87  
GLN N    N N N 88  
GLN CA   C N S 89  
GLN C    C N N 90  
GLN O    O N N 91  
GLN CB   C N N 92  
GLN CG   C N N 93  
GLN CD   C N N 94  
GLN OE1  O N N 95  
GLN NE2  N N N 96  
GLN OXT  O N N 97  
GLN H    H N N 98  
GLN H2   H N N 99  
GLN HA   H N N 100 
GLN HB2  H N N 101 
GLN HB3  H N N 102 
GLN HG2  H N N 103 
GLN HG3  H N N 104 
GLN HE21 H N N 105 
GLN HE22 H N N 106 
GLN HXT  H N N 107 
GLU N    N N N 108 
GLU CA   C N S 109 
GLU C    C N N 110 
GLU O    O N N 111 
GLU CB   C N N 112 
GLU CG   C N N 113 
GLU CD   C N N 114 
GLU OE1  O N N 115 
GLU OE2  O N N 116 
GLU OXT  O N N 117 
GLU H    H N N 118 
GLU H2   H N N 119 
GLU HA   H N N 120 
GLU HB2  H N N 121 
GLU HB3  H N N 122 
GLU HG2  H N N 123 
GLU HG3  H N N 124 
GLU HE2  H N N 125 
GLU HXT  H N N 126 
GLY N    N N N 127 
GLY CA   C N N 128 
GLY C    C N N 129 
GLY O    O N N 130 
GLY OXT  O N N 131 
GLY H    H N N 132 
GLY H2   H N N 133 
GLY HA2  H N N 134 
GLY HA3  H N N 135 
GLY HXT  H N N 136 
HIS N    N N N 137 
HIS CA   C N S 138 
HIS C    C N N 139 
HIS O    O N N 140 
HIS CB   C N N 141 
HIS CG   C Y N 142 
HIS ND1  N Y N 143 
HIS CD2  C Y N 144 
HIS CE1  C Y N 145 
HIS NE2  N Y N 146 
HIS OXT  O N N 147 
HIS H    H N N 148 
HIS H2   H N N 149 
HIS HA   H N N 150 
HIS HB2  H N N 151 
HIS HB3  H N N 152 
HIS HD1  H N N 153 
HIS HD2  H N N 154 
HIS HE1  H N N 155 
HIS HE2  H N N 156 
HIS HXT  H N N 157 
HOH O    O N N 158 
HOH H1   H N N 159 
HOH H2   H N N 160 
ILE N    N N N 161 
ILE CA   C N S 162 
ILE C    C N N 163 
ILE O    O N N 164 
ILE CB   C N S 165 
ILE CG1  C N N 166 
ILE CG2  C N N 167 
ILE CD1  C N N 168 
ILE OXT  O N N 169 
ILE H    H N N 170 
ILE H2   H N N 171 
ILE HA   H N N 172 
ILE HB   H N N 173 
ILE HG12 H N N 174 
ILE HG13 H N N 175 
ILE HG21 H N N 176 
ILE HG22 H N N 177 
ILE HG23 H N N 178 
ILE HD11 H N N 179 
ILE HD12 H N N 180 
ILE HD13 H N N 181 
ILE HXT  H N N 182 
LEU N    N N N 183 
LEU CA   C N S 184 
LEU C    C N N 185 
LEU O    O N N 186 
LEU CB   C N N 187 
LEU CG   C N N 188 
LEU CD1  C N N 189 
LEU CD2  C N N 190 
LEU OXT  O N N 191 
LEU H    H N N 192 
LEU H2   H N N 193 
LEU HA   H N N 194 
LEU HB2  H N N 195 
LEU HB3  H N N 196 
LEU HG   H N N 197 
LEU HD11 H N N 198 
LEU HD12 H N N 199 
LEU HD13 H N N 200 
LEU HD21 H N N 201 
LEU HD22 H N N 202 
LEU HD23 H N N 203 
LEU HXT  H N N 204 
LYS N    N N N 205 
LYS CA   C N S 206 
LYS C    C N N 207 
LYS O    O N N 208 
LYS CB   C N N 209 
LYS CG   C N N 210 
LYS CD   C N N 211 
LYS CE   C N N 212 
LYS NZ   N N N 213 
LYS OXT  O N N 214 
LYS H    H N N 215 
LYS H2   H N N 216 
LYS HA   H N N 217 
LYS HB2  H N N 218 
LYS HB3  H N N 219 
LYS HG2  H N N 220 
LYS HG3  H N N 221 
LYS HD2  H N N 222 
LYS HD3  H N N 223 
LYS HE2  H N N 224 
LYS HE3  H N N 225 
LYS HZ1  H N N 226 
LYS HZ2  H N N 227 
LYS HZ3  H N N 228 
LYS HXT  H N N 229 
MET N    N N N 230 
MET CA   C N S 231 
MET C    C N N 232 
MET O    O N N 233 
MET CB   C N N 234 
MET CG   C N N 235 
MET SD   S N N 236 
MET CE   C N N 237 
MET OXT  O N N 238 
MET H    H N N 239 
MET H2   H N N 240 
MET HA   H N N 241 
MET HB2  H N N 242 
MET HB3  H N N 243 
MET HG2  H N N 244 
MET HG3  H N N 245 
MET HE1  H N N 246 
MET HE2  H N N 247 
MET HE3  H N N 248 
MET HXT  H N N 249 
PHE N    N N N 250 
PHE CA   C N S 251 
PHE C    C N N 252 
PHE O    O N N 253 
PHE CB   C N N 254 
PHE CG   C Y N 255 
PHE CD1  C Y N 256 
PHE CD2  C Y N 257 
PHE CE1  C Y N 258 
PHE CE2  C Y N 259 
PHE CZ   C Y N 260 
PHE OXT  O N N 261 
PHE H    H N N 262 
PHE H2   H N N 263 
PHE HA   H N N 264 
PHE HB2  H N N 265 
PHE HB3  H N N 266 
PHE HD1  H N N 267 
PHE HD2  H N N 268 
PHE HE1  H N N 269 
PHE HE2  H N N 270 
PHE HZ   H N N 271 
PHE HXT  H N N 272 
PRO N    N N N 273 
PRO CA   C N S 274 
PRO C    C N N 275 
PRO O    O N N 276 
PRO CB   C N N 277 
PRO CG   C N N 278 
PRO CD   C N N 279 
PRO OXT  O N N 280 
PRO H    H N N 281 
PRO HA   H N N 282 
PRO HB2  H N N 283 
PRO HB3  H N N 284 
PRO HG2  H N N 285 
PRO HG3  H N N 286 
PRO HD2  H N N 287 
PRO HD3  H N N 288 
PRO HXT  H N N 289 
SER N    N N N 290 
SER CA   C N S 291 
SER C    C N N 292 
SER O    O N N 293 
SER CB   C N N 294 
SER OG   O N N 295 
SER OXT  O N N 296 
SER H    H N N 297 
SER H2   H N N 298 
SER HA   H N N 299 
SER HB2  H N N 300 
SER HB3  H N N 301 
SER HG   H N N 302 
SER HXT  H N N 303 
THR N    N N N 304 
THR CA   C N S 305 
THR C    C N N 306 
THR O    O N N 307 
THR CB   C N R 308 
THR OG1  O N N 309 
THR CG2  C N N 310 
THR OXT  O N N 311 
THR H    H N N 312 
THR H2   H N N 313 
THR HA   H N N 314 
THR HB   H N N 315 
THR HG1  H N N 316 
THR HG21 H N N 317 
THR HG22 H N N 318 
THR HG23 H N N 319 
THR HXT  H N N 320 
TRP N    N N N 321 
TRP CA   C N S 322 
TRP C    C N N 323 
TRP O    O N N 324 
TRP CB   C N N 325 
TRP CG   C Y N 326 
TRP CD1  C Y N 327 
TRP CD2  C Y N 328 
TRP NE1  N Y N 329 
TRP CE2  C Y N 330 
TRP CE3  C Y N 331 
TRP CZ2  C Y N 332 
TRP CZ3  C Y N 333 
TRP CH2  C Y N 334 
TRP OXT  O N N 335 
TRP H    H N N 336 
TRP H2   H N N 337 
TRP HA   H N N 338 
TRP HB2  H N N 339 
TRP HB3  H N N 340 
TRP HD1  H N N 341 
TRP HE1  H N N 342 
TRP HE3  H N N 343 
TRP HZ2  H N N 344 
TRP HZ3  H N N 345 
TRP HH2  H N N 346 
TRP HXT  H N N 347 
TYR N    N N N 348 
TYR CA   C N S 349 
TYR C    C N N 350 
TYR O    O N N 351 
TYR CB   C N N 352 
TYR CG   C Y N 353 
TYR CD1  C Y N 354 
TYR CD2  C Y N 355 
TYR CE1  C Y N 356 
TYR CE2  C Y N 357 
TYR CZ   C Y N 358 
TYR OH   O N N 359 
TYR OXT  O N N 360 
TYR H    H N N 361 
TYR H2   H N N 362 
TYR HA   H N N 363 
TYR HB2  H N N 364 
TYR HB3  H N N 365 
TYR HD1  H N N 366 
TYR HD2  H N N 367 
TYR HE1  H N N 368 
TYR HE2  H N N 369 
TYR HH   H N N 370 
TYR HXT  H N N 371 
VAL N    N N N 372 
VAL CA   C N S 373 
VAL C    C N N 374 
VAL O    O N N 375 
VAL CB   C N N 376 
VAL CG1  C N N 377 
VAL CG2  C N N 378 
VAL OXT  O N N 379 
VAL H    H N N 380 
VAL H2   H N N 381 
VAL HA   H N N 382 
VAL HB   H N N 383 
VAL HG11 H N N 384 
VAL HG12 H N N 385 
VAL HG13 H N N 386 
VAL HG21 H N N 387 
VAL HG22 H N N 388 
VAL HG23 H N N 389 
VAL HXT  H N N 390 
# 
loop_
_chem_comp_bond.comp_id 
_chem_comp_bond.atom_id_1 
_chem_comp_bond.atom_id_2 
_chem_comp_bond.value_order 
_chem_comp_bond.pdbx_aromatic_flag 
_chem_comp_bond.pdbx_stereo_config 
_chem_comp_bond.pdbx_ordinal 
ALA N   CA   sing N N 1   
ALA N   H    sing N N 2   
ALA N   H2   sing N N 3   
ALA CA  C    sing N N 4   
ALA CA  CB   sing N N 5   
ALA CA  HA   sing N N 6   
ALA C   O    doub N N 7   
ALA C   OXT  sing N N 8   
ALA CB  HB1  sing N N 9   
ALA CB  HB2  sing N N 10  
ALA CB  HB3  sing N N 11  
ALA OXT HXT  sing N N 12  
ARG N   CA   sing N N 13  
ARG N   H    sing N N 14  
ARG N   H2   sing N N 15  
ARG CA  C    sing N N 16  
ARG CA  CB   sing N N 17  
ARG CA  HA   sing N N 18  
ARG C   O    doub N N 19  
ARG C   OXT  sing N N 20  
ARG CB  CG   sing N N 21  
ARG CB  HB2  sing N N 22  
ARG CB  HB3  sing N N 23  
ARG CG  CD   sing N N 24  
ARG CG  HG2  sing N N 25  
ARG CG  HG3  sing N N 26  
ARG CD  NE   sing N N 27  
ARG CD  HD2  sing N N 28  
ARG CD  HD3  sing N N 29  
ARG NE  CZ   sing N N 30  
ARG NE  HE   sing N N 31  
ARG CZ  NH1  sing N N 32  
ARG CZ  NH2  doub N N 33  
ARG NH1 HH11 sing N N 34  
ARG NH1 HH12 sing N N 35  
ARG NH2 HH21 sing N N 36  
ARG NH2 HH22 sing N N 37  
ARG OXT HXT  sing N N 38  
ASN N   CA   sing N N 39  
ASN N   H    sing N N 40  
ASN N   H2   sing N N 41  
ASN CA  C    sing N N 42  
ASN CA  CB   sing N N 43  
ASN CA  HA   sing N N 44  
ASN C   O    doub N N 45  
ASN C   OXT  sing N N 46  
ASN CB  CG   sing N N 47  
ASN CB  HB2  sing N N 48  
ASN CB  HB3  sing N N 49  
ASN CG  OD1  doub N N 50  
ASN CG  ND2  sing N N 51  
ASN ND2 HD21 sing N N 52  
ASN ND2 HD22 sing N N 53  
ASN OXT HXT  sing N N 54  
ASP N   CA   sing N N 55  
ASP N   H    sing N N 56  
ASP N   H2   sing N N 57  
ASP CA  C    sing N N 58  
ASP CA  CB   sing N N 59  
ASP CA  HA   sing N N 60  
ASP C   O    doub N N 61  
ASP C   OXT  sing N N 62  
ASP CB  CG   sing N N 63  
ASP CB  HB2  sing N N 64  
ASP CB  HB3  sing N N 65  
ASP CG  OD1  doub N N 66  
ASP CG  OD2  sing N N 67  
ASP OD2 HD2  sing N N 68  
ASP OXT HXT  sing N N 69  
CYS N   CA   sing N N 70  
CYS N   H    sing N N 71  
CYS N   H2   sing N N 72  
CYS CA  C    sing N N 73  
CYS CA  CB   sing N N 74  
CYS CA  HA   sing N N 75  
CYS C   O    doub N N 76  
CYS C   OXT  sing N N 77  
CYS CB  SG   sing N N 78  
CYS CB  HB2  sing N N 79  
CYS CB  HB3  sing N N 80  
CYS SG  HG   sing N N 81  
CYS OXT HXT  sing N N 82  
GLN N   CA   sing N N 83  
GLN N   H    sing N N 84  
GLN N   H2   sing N N 85  
GLN CA  C    sing N N 86  
GLN CA  CB   sing N N 87  
GLN CA  HA   sing N N 88  
GLN C   O    doub N N 89  
GLN C   OXT  sing N N 90  
GLN CB  CG   sing N N 91  
GLN CB  HB2  sing N N 92  
GLN CB  HB3  sing N N 93  
GLN CG  CD   sing N N 94  
GLN CG  HG2  sing N N 95  
GLN CG  HG3  sing N N 96  
GLN CD  OE1  doub N N 97  
GLN CD  NE2  sing N N 98  
GLN NE2 HE21 sing N N 99  
GLN NE2 HE22 sing N N 100 
GLN OXT HXT  sing N N 101 
GLU N   CA   sing N N 102 
GLU N   H    sing N N 103 
GLU N   H2   sing N N 104 
GLU CA  C    sing N N 105 
GLU CA  CB   sing N N 106 
GLU CA  HA   sing N N 107 
GLU C   O    doub N N 108 
GLU C   OXT  sing N N 109 
GLU CB  CG   sing N N 110 
GLU CB  HB2  sing N N 111 
GLU CB  HB3  sing N N 112 
GLU CG  CD   sing N N 113 
GLU CG  HG2  sing N N 114 
GLU CG  HG3  sing N N 115 
GLU CD  OE1  doub N N 116 
GLU CD  OE2  sing N N 117 
GLU OE2 HE2  sing N N 118 
GLU OXT HXT  sing N N 119 
GLY N   CA   sing N N 120 
GLY N   H    sing N N 121 
GLY N   H2   sing N N 122 
GLY CA  C    sing N N 123 
GLY CA  HA2  sing N N 124 
GLY CA  HA3  sing N N 125 
GLY C   O    doub N N 126 
GLY C   OXT  sing N N 127 
GLY OXT HXT  sing N N 128 
HIS N   CA   sing N N 129 
HIS N   H    sing N N 130 
HIS N   H2   sing N N 131 
HIS CA  C    sing N N 132 
HIS CA  CB   sing N N 133 
HIS CA  HA   sing N N 134 
HIS C   O    doub N N 135 
HIS C   OXT  sing N N 136 
HIS CB  CG   sing N N 137 
HIS CB  HB2  sing N N 138 
HIS CB  HB3  sing N N 139 
HIS CG  ND1  sing Y N 140 
HIS CG  CD2  doub Y N 141 
HIS ND1 CE1  doub Y N 142 
HIS ND1 HD1  sing N N 143 
HIS CD2 NE2  sing Y N 144 
HIS CD2 HD2  sing N N 145 
HIS CE1 NE2  sing Y N 146 
HIS CE1 HE1  sing N N 147 
HIS NE2 HE2  sing N N 148 
HIS OXT HXT  sing N N 149 
HOH O   H1   sing N N 150 
HOH O   H2   sing N N 151 
ILE N   CA   sing N N 152 
ILE N   H    sing N N 153 
ILE N   H2   sing N N 154 
ILE CA  C    sing N N 155 
ILE CA  CB   sing N N 156 
ILE CA  HA   sing N N 157 
ILE C   O    doub N N 158 
ILE C   OXT  sing N N 159 
ILE CB  CG1  sing N N 160 
ILE CB  CG2  sing N N 161 
ILE CB  HB   sing N N 162 
ILE CG1 CD1  sing N N 163 
ILE CG1 HG12 sing N N 164 
ILE CG1 HG13 sing N N 165 
ILE CG2 HG21 sing N N 166 
ILE CG2 HG22 sing N N 167 
ILE CG2 HG23 sing N N 168 
ILE CD1 HD11 sing N N 169 
ILE CD1 HD12 sing N N 170 
ILE CD1 HD13 sing N N 171 
ILE OXT HXT  sing N N 172 
LEU N   CA   sing N N 173 
LEU N   H    sing N N 174 
LEU N   H2   sing N N 175 
LEU CA  C    sing N N 176 
LEU CA  CB   sing N N 177 
LEU CA  HA   sing N N 178 
LEU C   O    doub N N 179 
LEU C   OXT  sing N N 180 
LEU CB  CG   sing N N 181 
LEU CB  HB2  sing N N 182 
LEU CB  HB3  sing N N 183 
LEU CG  CD1  sing N N 184 
LEU CG  CD2  sing N N 185 
LEU CG  HG   sing N N 186 
LEU CD1 HD11 sing N N 187 
LEU CD1 HD12 sing N N 188 
LEU CD1 HD13 sing N N 189 
LEU CD2 HD21 sing N N 190 
LEU CD2 HD22 sing N N 191 
LEU CD2 HD23 sing N N 192 
LEU OXT HXT  sing N N 193 
LYS N   CA   sing N N 194 
LYS N   H    sing N N 195 
LYS N   H2   sing N N 196 
LYS CA  C    sing N N 197 
LYS CA  CB   sing N N 198 
LYS CA  HA   sing N N 199 
LYS C   O    doub N N 200 
LYS C   OXT  sing N N 201 
LYS CB  CG   sing N N 202 
LYS CB  HB2  sing N N 203 
LYS CB  HB3  sing N N 204 
LYS CG  CD   sing N N 205 
LYS CG  HG2  sing N N 206 
LYS CG  HG3  sing N N 207 
LYS CD  CE   sing N N 208 
LYS CD  HD2  sing N N 209 
LYS CD  HD3  sing N N 210 
LYS CE  NZ   sing N N 211 
LYS CE  HE2  sing N N 212 
LYS CE  HE3  sing N N 213 
LYS NZ  HZ1  sing N N 214 
LYS NZ  HZ2  sing N N 215 
LYS NZ  HZ3  sing N N 216 
LYS OXT HXT  sing N N 217 
MET N   CA   sing N N 218 
MET N   H    sing N N 219 
MET N   H2   sing N N 220 
MET CA  C    sing N N 221 
MET CA  CB   sing N N 222 
MET CA  HA   sing N N 223 
MET C   O    doub N N 224 
MET C   OXT  sing N N 225 
MET CB  CG   sing N N 226 
MET CB  HB2  sing N N 227 
MET CB  HB3  sing N N 228 
MET CG  SD   sing N N 229 
MET CG  HG2  sing N N 230 
MET CG  HG3  sing N N 231 
MET SD  CE   sing N N 232 
MET CE  HE1  sing N N 233 
MET CE  HE2  sing N N 234 
MET CE  HE3  sing N N 235 
MET OXT HXT  sing N N 236 
PHE N   CA   sing N N 237 
PHE N   H    sing N N 238 
PHE N   H2   sing N N 239 
PHE CA  C    sing N N 240 
PHE CA  CB   sing N N 241 
PHE CA  HA   sing N N 242 
PHE C   O    doub N N 243 
PHE C   OXT  sing N N 244 
PHE CB  CG   sing N N 245 
PHE CB  HB2  sing N N 246 
PHE CB  HB3  sing N N 247 
PHE CG  CD1  doub Y N 248 
PHE CG  CD2  sing Y N 249 
PHE CD1 CE1  sing Y N 250 
PHE CD1 HD1  sing N N 251 
PHE CD2 CE2  doub Y N 252 
PHE CD2 HD2  sing N N 253 
PHE CE1 CZ   doub Y N 254 
PHE CE1 HE1  sing N N 255 
PHE CE2 CZ   sing Y N 256 
PHE CE2 HE2  sing N N 257 
PHE CZ  HZ   sing N N 258 
PHE OXT HXT  sing N N 259 
PRO N   CA   sing N N 260 
PRO N   CD   sing N N 261 
PRO N   H    sing N N 262 
PRO CA  C    sing N N 263 
PRO CA  CB   sing N N 264 
PRO CA  HA   sing N N 265 
PRO C   O    doub N N 266 
PRO C   OXT  sing N N 267 
PRO CB  CG   sing N N 268 
PRO CB  HB2  sing N N 269 
PRO CB  HB3  sing N N 270 
PRO CG  CD   sing N N 271 
PRO CG  HG2  sing N N 272 
PRO CG  HG3  sing N N 273 
PRO CD  HD2  sing N N 274 
PRO CD  HD3  sing N N 275 
PRO OXT HXT  sing N N 276 
SER N   CA   sing N N 277 
SER N   H    sing N N 278 
SER N   H2   sing N N 279 
SER CA  C    sing N N 280 
SER CA  CB   sing N N 281 
SER CA  HA   sing N N 282 
SER C   O    doub N N 283 
SER C   OXT  sing N N 284 
SER CB  OG   sing N N 285 
SER CB  HB2  sing N N 286 
SER CB  HB3  sing N N 287 
SER OG  HG   sing N N 288 
SER OXT HXT  sing N N 289 
THR N   CA   sing N N 290 
THR N   H    sing N N 291 
THR N   H2   sing N N 292 
THR CA  C    sing N N 293 
THR CA  CB   sing N N 294 
THR CA  HA   sing N N 295 
THR C   O    doub N N 296 
THR C   OXT  sing N N 297 
THR CB  OG1  sing N N 298 
THR CB  CG2  sing N N 299 
THR CB  HB   sing N N 300 
THR OG1 HG1  sing N N 301 
THR CG2 HG21 sing N N 302 
THR CG2 HG22 sing N N 303 
THR CG2 HG23 sing N N 304 
THR OXT HXT  sing N N 305 
TRP N   CA   sing N N 306 
TRP N   H    sing N N 307 
TRP N   H2   sing N N 308 
TRP CA  C    sing N N 309 
TRP CA  CB   sing N N 310 
TRP CA  HA   sing N N 311 
TRP C   O    doub N N 312 
TRP C   OXT  sing N N 313 
TRP CB  CG   sing N N 314 
TRP CB  HB2  sing N N 315 
TRP CB  HB3  sing N N 316 
TRP CG  CD1  doub Y N 317 
TRP CG  CD2  sing Y N 318 
TRP CD1 NE1  sing Y N 319 
TRP CD1 HD1  sing N N 320 
TRP CD2 CE2  doub Y N 321 
TRP CD2 CE3  sing Y N 322 
TRP NE1 CE2  sing Y N 323 
TRP NE1 HE1  sing N N 324 
TRP CE2 CZ2  sing Y N 325 
TRP CE3 CZ3  doub Y N 326 
TRP CE3 HE3  sing N N 327 
TRP CZ2 CH2  doub Y N 328 
TRP CZ2 HZ2  sing N N 329 
TRP CZ3 CH2  sing Y N 330 
TRP CZ3 HZ3  sing N N 331 
TRP CH2 HH2  sing N N 332 
TRP OXT HXT  sing N N 333 
TYR N   CA   sing N N 334 
TYR N   H    sing N N 335 
TYR N   H2   sing N N 336 
TYR CA  C    sing N N 337 
TYR CA  CB   sing N N 338 
TYR CA  HA   sing N N 339 
TYR C   O    doub N N 340 
TYR C   OXT  sing N N 341 
TYR CB  CG   sing N N 342 
TYR CB  HB2  sing N N 343 
TYR CB  HB3  sing N N 344 
TYR CG  CD1  doub Y N 345 
TYR CG  CD2  sing Y N 346 
TYR CD1 CE1  sing Y N 347 
TYR CD1 HD1  sing N N 348 
TYR CD2 CE2  doub Y N 349 
TYR CD2 HD2  sing N N 350 
TYR CE1 CZ   doub Y N 351 
TYR CE1 HE1  sing N N 352 
TYR CE2 CZ   sing Y N 353 
TYR CE2 HE2  sing N N 354 
TYR CZ  OH   sing N N 355 
TYR OH  HH   sing N N 356 
TYR OXT HXT  sing N N 357 
VAL N   CA   sing N N 358 
VAL N   H    sing N N 359 
VAL N   H2   sing N N 360 
VAL CA  C    sing N N 361 
VAL CA  CB   sing N N 362 
VAL CA  HA   sing N N 363 
VAL C   O    doub N N 364 
VAL C   OXT  sing N N 365 
VAL CB  CG1  sing N N 366 
VAL CB  CG2  sing N N 367 
VAL CB  HB   sing N N 368 
VAL CG1 HG11 sing N N 369 
VAL CG1 HG12 sing N N 370 
VAL CG1 HG13 sing N N 371 
VAL CG2 HG21 sing N N 372 
VAL CG2 HG22 sing N N 373 
VAL CG2 HG23 sing N N 374 
VAL OXT HXT  sing N N 375 
# 
_atom_sites.entry_id                    4JEG 
_atom_sites.fract_transf_matrix[1][1]   -0.00776703 
_atom_sites.fract_transf_matrix[1][2]   -0.00130644 
_atom_sites.fract_transf_matrix[1][3]   -0.00669636 
_atom_sites.fract_transf_matrix[2][1]   0.00029130 
_atom_sites.fract_transf_matrix[2][2]   -0.00778158 
_atom_sites.fract_transf_matrix[2][3]   -0.00679973 
_atom_sites.fract_transf_matrix[3][1]   -0.01469501 
_atom_sites.fract_transf_matrix[3][2]   -0.01861805 
_atom_sites.fract_transf_matrix[3][3]   0.02067690 
_atom_sites.fract_transf_vector[1]      0.055019 
_atom_sites.fract_transf_vector[2]      0.381474 
_atom_sites.fract_transf_vector[3]      -0.039902 
# 
loop_
_atom_type.symbol 
C 
N 
O 
S 
# 
loop_
_atom_site.group_PDB 
_atom_site.id 
_atom_site.type_symbol 
_atom_site.label_atom_id 
_atom_site.label_alt_id 
_atom_site.label_comp_id 
_atom_site.label_asym_id 
_atom_site.label_entity_id 
_atom_site.label_seq_id 
_atom_site.pdbx_PDB_ins_code 
_atom_site.Cartn_x 
_atom_site.Cartn_y 
_atom_site.Cartn_z 
_atom_site.occupancy 
_atom_site.B_iso_or_equiv 
_atom_site.pdbx_formal_charge 
_atom_site.auth_seq_id 
_atom_site.auth_comp_id 
_atom_site.auth_asym_id 
_atom_site.auth_atom_id 
_atom_site.pdbx_PDB_model_num 
ATOM   1    N N   . LEU A 1 6   ? -6.231  -4.146  -19.336 1.00 80.14  ? 102 LEU A N   1 
ATOM   2    C CA  . LEU A 1 6   ? -6.639  -5.013  -20.436 1.00 100.50 ? 102 LEU A CA  1 
ATOM   3    C C   . LEU A 1 6   ? -5.449  -5.668  -21.135 1.00 95.95  ? 102 LEU A C   1 
ATOM   4    O O   . LEU A 1 6   ? -5.608  -6.672  -21.832 1.00 102.59 ? 102 LEU A O   1 
ATOM   5    C CB  . LEU A 1 6   ? -7.461  -4.231  -21.466 1.00 93.18  ? 102 LEU A CB  1 
ATOM   6    C CG  . LEU A 1 6   ? -8.956  -3.995  -21.232 1.00 87.38  ? 102 LEU A CG  1 
ATOM   7    C CD1 . LEU A 1 6   ? -9.208  -2.666  -20.530 1.00 59.33  ? 102 LEU A CD1 1 
ATOM   8    C CD2 . LEU A 1 6   ? -9.708  -4.064  -22.555 1.00 68.03  ? 102 LEU A CD2 1 
ATOM   9    N N   . ASN A 1 7   ? -4.261  -5.100  -20.946 1.00 86.23  ? 103 ASN A N   1 
ATOM   10   C CA  . ASN A 1 7   ? -3.084  -5.501  -21.724 1.00 90.80  ? 103 ASN A CA  1 
ATOM   11   C C   . ASN A 1 7   ? -2.273  -6.689  -21.183 1.00 83.47  ? 103 ASN A C   1 
ATOM   12   O O   . ASN A 1 7   ? -1.220  -7.022  -21.726 1.00 84.99  ? 103 ASN A O   1 
ATOM   13   C CB  . ASN A 1 7   ? -2.173  -4.292  -21.990 1.00 92.15  ? 103 ASN A CB  1 
ATOM   14   C CG  . ASN A 1 7   ? -1.857  -3.503  -20.729 1.00 97.07  ? 103 ASN A CG  1 
ATOM   15   O OD1 . ASN A 1 7   ? -2.585  -3.575  -19.738 1.00 92.67  ? 103 ASN A OD1 1 
ATOM   16   N ND2 . ASN A 1 7   ? -0.772  -2.735  -20.767 1.00 67.43  ? 103 ASN A ND2 1 
ATOM   17   N N   . CYS A 1 8   ? -2.765  -7.327  -20.123 1.00 73.78  ? 104 CYS A N   1 
ATOM   18   C CA  . CYS A 1 8   ? -2.148  -8.553  -19.616 1.00 59.66  ? 104 CYS A CA  1 
ATOM   19   C C   . CYS A 1 8   ? -3.204  -9.615  -19.314 1.00 58.35  ? 104 CYS A C   1 
ATOM   20   O O   . CYS A 1 8   ? -4.402  -9.328  -19.338 1.00 55.91  ? 104 CYS A O   1 
ATOM   21   C CB  . CYS A 1 8   ? -1.301  -8.275  -18.370 1.00 60.37  ? 104 CYS A CB  1 
ATOM   22   S SG  . CYS A 1 8   ? 0.329   -7.550  -18.698 1.00 52.28  ? 104 CYS A SG  1 
ATOM   23   N N   . ALA A 1 9   ? -2.749  -10.838 -19.040 1.00 48.58  ? 105 ALA A N   1 
ATOM   24   C CA  . ALA A 1 9   ? -3.644  -11.954 -18.725 1.00 46.53  ? 105 ALA A CA  1 
ATOM   25   C C   . ALA A 1 9   ? -4.615  -11.587 -17.610 1.00 51.23  ? 105 ALA A C   1 
ATOM   26   O O   . ALA A 1 9   ? -4.204  -11.098 -16.559 1.00 50.76  ? 105 ALA A O   1 
ATOM   27   C CB  . ALA A 1 9   ? -2.843  -13.190 -18.339 1.00 36.73  ? 105 ALA A CB  1 
ATOM   28   N N   . ASP A 1 10  ? -5.903  -11.820 -17.849 1.00 58.29  ? 106 ASP A N   1 
ATOM   29   C CA  . ASP A 1 10  ? -6.947  -11.457 -16.895 1.00 49.38  ? 106 ASP A CA  1 
ATOM   30   C C   . ASP A 1 10  ? -6.977  -12.385 -15.678 1.00 48.07  ? 106 ASP A C   1 
ATOM   31   O O   . ASP A 1 10  ? -7.226  -13.584 -15.814 1.00 45.83  ? 106 ASP A O   1 
ATOM   32   C CB  . ASP A 1 10  ? -8.309  -11.444 -17.591 1.00 49.01  ? 106 ASP A CB  1 
ATOM   33   C CG  . ASP A 1 10  ? -9.462  -11.456 -16.614 1.00 70.16  ? 106 ASP A CG  1 
ATOM   34   O OD1 . ASP A 1 10  ? -9.803  -10.375 -16.086 1.00 50.50  ? 106 ASP A OD1 1 
ATOM   35   O OD2 . ASP A 1 10  ? -10.031 -12.544 -16.378 1.00 80.60  ? 106 ASP A OD2 1 
ATOM   36   N N   . PRO A 1 11  ? -6.723  -11.826 -14.481 1.00 46.98  ? 107 PRO A N   1 
ATOM   37   C CA  . PRO A 1 11  ? -6.657  -12.599 -13.239 1.00 48.11  ? 107 PRO A CA  1 
ATOM   38   C C   . PRO A 1 11  ? -7.922  -12.472 -12.392 1.00 44.42  ? 107 PRO A C   1 
ATOM   39   O O   . PRO A 1 11  ? -7.931  -12.940 -11.253 1.00 44.84  ? 107 PRO A O   1 
ATOM   40   C CB  . PRO A 1 11  ? -5.503  -11.923 -12.505 1.00 47.70  ? 107 PRO A CB  1 
ATOM   41   C CG  . PRO A 1 11  ? -5.684  -10.459 -12.866 1.00 45.63  ? 107 PRO A CG  1 
ATOM   42   C CD  . PRO A 1 11  ? -6.281  -10.434 -14.269 1.00 35.34  ? 107 PRO A CD  1 
ATOM   43   N N   . THR A 1 12  ? -8.965  -11.852 -12.937 1.00 40.62  ? 108 THR A N   1 
ATOM   44   C CA  . THR A 1 12  ? -10.172 -11.540 -12.166 1.00 46.18  ? 108 THR A CA  1 
ATOM   45   C C   . THR A 1 12  ? -10.997 -12.755 -11.723 1.00 49.80  ? 108 THR A C   1 
ATOM   46   O O   . THR A 1 12  ? -11.905 -12.625 -10.898 1.00 48.62  ? 108 THR A O   1 
ATOM   47   C CB  . THR A 1 12  ? -11.092 -10.554 -12.922 1.00 51.68  ? 108 THR A CB  1 
ATOM   48   O OG1 . THR A 1 12  ? -11.453 -11.106 -14.194 1.00 49.16  ? 108 THR A OG1 1 
ATOM   49   C CG2 . THR A 1 12  ? -10.389 -9.217  -13.128 1.00 49.58  ? 108 THR A CG2 1 
ATOM   50   N N   . SER A 1 13  ? -10.682 -13.927 -12.267 1.00 47.88  ? 109 SER A N   1 
ATOM   51   C CA  . SER A 1 13  ? -11.405 -15.150 -11.927 1.00 38.54  ? 109 SER A CA  1 
ATOM   52   C C   . SER A 1 13  ? -10.697 -15.918 -10.815 1.00 42.07  ? 109 SER A C   1 
ATOM   53   O O   . SER A 1 13  ? -11.234 -16.888 -10.273 1.00 38.43  ? 109 SER A O   1 
ATOM   54   C CB  . SER A 1 13  ? -11.559 -16.038 -13.161 1.00 56.15  ? 109 SER A CB  1 
ATOM   55   O OG  . SER A 1 13  ? -12.149 -15.322 -14.231 1.00 60.53  ? 109 SER A OG  1 
ATOM   56   N N   . GLU A 1 14  ? -9.488  -15.482 -10.485 1.00 37.24  ? 110 GLU A N   1 
ATOM   57   C CA  . GLU A 1 14  ? -8.739  -16.084 -9.389  1.00 27.76  ? 110 GLU A CA  1 
ATOM   58   C C   . GLU A 1 14  ? -9.450  -15.872 -8.059  1.00 32.68  ? 110 GLU A C   1 
ATOM   59   O O   . GLU A 1 14  ? -10.117 -14.857 -7.857  1.00 35.24  ? 110 GLU A O   1 
ATOM   60   C CB  . GLU A 1 14  ? -7.320  -15.520 -9.335  1.00 25.78  ? 110 GLU A CB  1 
ATOM   61   C CG  . GLU A 1 14  ? -6.469  -15.940 -10.519 1.00 40.87  ? 110 GLU A CG  1 
ATOM   62   C CD  . GLU A 1 14  ? -6.507  -17.437 -10.751 1.00 49.75  ? 110 GLU A CD  1 
ATOM   63   O OE1 . GLU A 1 14  ? -5.866  -18.174 -9.972  1.00 46.06  ? 110 GLU A OE1 1 
ATOM   64   O OE2 . GLU A 1 14  ? -7.189  -17.879 -11.703 1.00 60.58  ? 110 GLU A OE2 1 
ATOM   65   N N   . ARG A 1 15  ? -9.308  -16.838 -7.156  1.00 36.86  ? 111 ARG A N   1 
ATOM   66   C CA  . ARG A 1 15  ? -10.041 -16.823 -5.894  1.00 34.82  ? 111 ARG A CA  1 
ATOM   67   C C   . ARG A 1 15  ? -9.426  -15.847 -4.901  1.00 42.27  ? 111 ARG A C   1 
ATOM   68   O O   . ARG A 1 15  ? -10.114 -15.332 -4.014  1.00 39.15  ? 111 ARG A O   1 
ATOM   69   C CB  . ARG A 1 15  ? -10.098 -18.234 -5.309  1.00 38.48  ? 111 ARG A CB  1 
ATOM   70   C CG  . ARG A 1 15  ? -10.530 -19.279 -6.330  1.00 48.41  ? 111 ARG A CG  1 
ATOM   71   C CD  . ARG A 1 15  ? -9.949  -20.649 -6.022  1.00 71.92  ? 111 ARG A CD  1 
ATOM   72   N NE  . ARG A 1 15  ? -10.977 -21.596 -5.598  1.00 83.54  ? 111 ARG A NE  1 
ATOM   73   C CZ  . ARG A 1 15  ? -10.744 -22.867 -5.286  1.00 86.88  ? 111 ARG A CZ  1 
ATOM   74   N NH1 . ARG A 1 15  ? -9.511  -23.354 -5.348  1.00 70.35  ? 111 ARG A NH1 1 
ATOM   75   N NH2 . ARG A 1 15  ? -11.746 -23.653 -4.912  1.00 60.55  ? 111 ARG A NH2 1 
ATOM   76   N N   . TRP A 1 16  ? -8.130  -15.586 -5.058  1.00 27.36  ? 112 TRP A N   1 
ATOM   77   C CA  . TRP A 1 16  ? -7.454  -14.589 -4.232  1.00 38.92  ? 112 TRP A CA  1 
ATOM   78   C C   . TRP A 1 16  ? -7.593  -13.168 -4.785  1.00 34.07  ? 112 TRP A C   1 
ATOM   79   O O   . TRP A 1 16  ? -6.971  -12.237 -4.273  1.00 26.20  ? 112 TRP A O   1 
ATOM   80   C CB  . TRP A 1 16  ? -5.976  -14.943 -4.011  1.00 27.98  ? 112 TRP A CB  1 
ATOM   81   C CG  . TRP A 1 16  ? -5.285  -15.557 -5.198  1.00 37.23  ? 112 TRP A CG  1 
ATOM   82   C CD1 . TRP A 1 16  ? -4.916  -16.864 -5.345  1.00 48.35  ? 112 TRP A CD1 1 
ATOM   83   C CD2 . TRP A 1 16  ? -4.868  -14.886 -6.396  1.00 26.52  ? 112 TRP A CD2 1 
ATOM   84   N NE1 . TRP A 1 16  ? -4.300  -17.048 -6.560  1.00 37.44  ? 112 TRP A NE1 1 
ATOM   85   C CE2 . TRP A 1 16  ? -4.259  -15.849 -7.225  1.00 33.66  ? 112 TRP A CE2 1 
ATOM   86   C CE3 . TRP A 1 16  ? -4.957  -13.567 -6.850  1.00 30.39  ? 112 TRP A CE3 1 
ATOM   87   C CZ2 . TRP A 1 16  ? -3.736  -15.532 -8.482  1.00 18.58  ? 112 TRP A CZ2 1 
ATOM   88   C CZ3 . TRP A 1 16  ? -4.441  -13.254 -8.099  1.00 28.29  ? 112 TRP A CZ3 1 
ATOM   89   C CH2 . TRP A 1 16  ? -3.838  -14.231 -8.899  1.00 32.98  ? 112 TRP A CH2 1 
ATOM   90   N N   . PHE A 1 17  ? -8.411  -13.006 -5.823  1.00 27.30  ? 113 PHE A N   1 
ATOM   91   C CA  . PHE A 1 17  ? -8.686  -11.681 -6.369  1.00 31.72  ? 113 PHE A CA  1 
ATOM   92   C C   . PHE A 1 17  ? -9.978  -11.119 -5.785  1.00 32.80  ? 113 PHE A C   1 
ATOM   93   O O   . PHE A 1 17  ? -11.032 -11.740 -5.892  1.00 29.62  ? 113 PHE A O   1 
ATOM   94   C CB  . PHE A 1 17  ? -8.770  -11.720 -7.894  1.00 24.39  ? 113 PHE A CB  1 
ATOM   95   C CG  . PHE A 1 17  ? -8.964  -10.369 -8.516  1.00 27.58  ? 113 PHE A CG  1 
ATOM   96   C CD1 . PHE A 1 17  ? -7.890  -9.500  -8.656  1.00 31.50  ? 113 PHE A CD1 1 
ATOM   97   C CD2 . PHE A 1 17  ? -10.217 -9.960  -8.952  1.00 33.70  ? 113 PHE A CD2 1 
ATOM   98   C CE1 . PHE A 1 17  ? -8.059  -8.246  -9.219  1.00 31.30  ? 113 PHE A CE1 1 
ATOM   99   C CE2 . PHE A 1 17  ? -10.397 -8.708  -9.523  1.00 27.55  ? 113 PHE A CE2 1 
ATOM   100  C CZ  . PHE A 1 17  ? -9.315  -7.849  -9.656  1.00 35.24  ? 113 PHE A CZ  1 
ATOM   101  N N   . HIS A 1 18  ? -9.897  -9.939  -5.179  1.00 30.20  ? 114 HIS A N   1 
ATOM   102  C CA  . HIS A 1 18  ? -11.045 -9.378  -4.471  1.00 28.91  ? 114 HIS A CA  1 
ATOM   103  C C   . HIS A 1 18  ? -11.683 -8.189  -5.188  1.00 29.55  ? 114 HIS A C   1 
ATOM   104  O O   . HIS A 1 18  ? -12.726 -7.694  -4.761  1.00 28.51  ? 114 HIS A O   1 
ATOM   105  C CB  . HIS A 1 18  ? -10.655 -8.992  -3.040  1.00 23.90  ? 114 HIS A CB  1 
ATOM   106  C CG  . HIS A 1 18  ? -10.296 -10.163 -2.176  1.00 22.79  ? 114 HIS A CG  1 
ATOM   107  N ND1 . HIS A 1 18  ? -10.899 -10.404 -0.958  1.00 33.06  ? 114 HIS A ND1 1 
ATOM   108  C CD2 . HIS A 1 18  ? -9.399  -11.162 -2.354  1.00 33.06  ? 114 HIS A CD2 1 
ATOM   109  C CE1 . HIS A 1 18  ? -10.387 -11.498 -0.425  1.00 31.12  ? 114 HIS A CE1 1 
ATOM   110  N NE2 . HIS A 1 18  ? -9.476  -11.980 -1.252  1.00 31.60  ? 114 HIS A NE2 1 
ATOM   111  N N   . GLY A 1 19  ? -11.065 -7.732  -6.273  1.00 38.58  ? 115 GLY A N   1 
ATOM   112  C CA  . GLY A 1 19  ? -11.582 -6.592  -7.012  1.00 27.04  ? 115 GLY A CA  1 
ATOM   113  C C   . GLY A 1 19  ? -11.560 -5.323  -6.184  1.00 31.76  ? 115 GLY A C   1 
ATOM   114  O O   . GLY A 1 19  ? -10.504 -4.905  -5.707  1.00 34.48  ? 115 GLY A O   1 
ATOM   115  N N   . HIS A 1 20  ? -12.722 -4.704  -6.014  1.00 25.96  ? 116 HIS A N   1 
ATOM   116  C CA  . HIS A 1 20  ? -12.820 -3.514  -5.173  1.00 27.55  ? 116 HIS A CA  1 
ATOM   117  C C   . HIS A 1 20  ? -12.705 -3.876  -3.695  1.00 34.41  ? 116 HIS A C   1 
ATOM   118  O O   . HIS A 1 20  ? -13.565 -4.558  -3.138  1.00 32.50  ? 116 HIS A O   1 
ATOM   119  C CB  . HIS A 1 20  ? -14.115 -2.744  -5.455  1.00 27.03  ? 116 HIS A CB  1 
ATOM   120  C CG  . HIS A 1 20  ? -14.043 -1.882  -6.674  1.00 36.89  ? 116 HIS A CG  1 
ATOM   121  N ND1 . HIS A 1 20  ? -14.883 -0.801  -6.876  1.00 35.90  ? 116 HIS A ND1 1 
ATOM   122  C CD2 . HIS A 1 20  ? -13.236 -1.929  -7.759  1.00 34.22  ? 116 HIS A CD2 1 
ATOM   123  C CE1 . HIS A 1 20  ? -14.591 -0.228  -8.026  1.00 32.91  ? 116 HIS A CE1 1 
ATOM   124  N NE2 . HIS A 1 20  ? -13.592 -0.892  -8.586  1.00 24.99  ? 116 HIS A NE2 1 
ATOM   125  N N   . LEU A 1 21  ? -11.623 -3.416  -3.074  1.00 28.73  ? 117 LEU A N   1 
ATOM   126  C CA  . LEU A 1 21  ? -11.343 -3.684  -1.669  1.00 18.55  ? 117 LEU A CA  1 
ATOM   127  C C   . LEU A 1 21  ? -10.301 -2.680  -1.207  1.00 18.64  ? 117 LEU A C   1 
ATOM   128  O O   . LEU A 1 21  ? -9.156  -2.716  -1.660  1.00 25.10  ? 117 LEU A O   1 
ATOM   129  C CB  . LEU A 1 21  ? -10.810 -5.108  -1.486  1.00 29.15  ? 117 LEU A CB  1 
ATOM   130  C CG  . LEU A 1 21  ? -10.641 -5.619  -0.053  1.00 39.12  ? 117 LEU A CG  1 
ATOM   131  C CD1 . LEU A 1 21  ? -11.995 -5.944  0.563   1.00 27.23  ? 117 LEU A CD1 1 
ATOM   132  C CD2 . LEU A 1 21  ? -9.724  -6.834  -0.010  1.00 27.10  ? 117 LEU A CD2 1 
ATOM   133  N N   . SER A 1 22  ? -10.695 -1.778  -0.316  1.00 16.28  ? 118 SER A N   1 
ATOM   134  C CA  . SER A 1 22  ? -9.795  -0.723  0.136   1.00 24.23  ? 118 SER A CA  1 
ATOM   135  C C   . SER A 1 22  ? -8.679  -1.293  1.003   1.00 27.83  ? 118 SER A C   1 
ATOM   136  O O   . SER A 1 22  ? -8.742  -2.447  1.432   1.00 24.14  ? 118 SER A O   1 
ATOM   137  C CB  . SER A 1 22  ? -10.561 0.355   0.904   1.00 23.37  ? 118 SER A CB  1 
ATOM   138  O OG  . SER A 1 22  ? -10.994 -0.130  2.158   1.00 29.78  ? 118 SER A OG  1 
ATOM   139  N N   . GLY A 1 23  ? -7.650  -0.485  1.246   1.00 26.83  ? 119 GLY A N   1 
ATOM   140  C CA  . GLY A 1 23  ? -6.529  -0.907  2.069   1.00 30.79  ? 119 GLY A CA  1 
ATOM   141  C C   . GLY A 1 23  ? -6.959  -1.227  3.486   1.00 26.31  ? 119 GLY A C   1 
ATOM   142  O O   . GLY A 1 23  ? -6.411  -2.125  4.130   1.00 29.55  ? 119 GLY A O   1 
ATOM   143  N N   . LYS A 1 24  ? -7.955  -0.487  3.966   1.00 31.83  ? 120 LYS A N   1 
ATOM   144  C CA  . LYS A 1 24  ? -8.495  -0.667  5.311   1.00 29.34  ? 120 LYS A CA  1 
ATOM   145  C C   . LYS A 1 24  ? -9.313  -1.957  5.403   1.00 34.32  ? 120 LYS A C   1 
ATOM   146  O O   . LYS A 1 24  ? -9.229  -2.693  6.394   1.00 28.10  ? 120 LYS A O   1 
ATOM   147  C CB  . LYS A 1 24  ? -9.359  0.543   5.689   1.00 35.15  ? 120 LYS A CB  1 
ATOM   148  C CG  . LYS A 1 24  ? -9.994  0.474   7.069   1.00 44.68  ? 120 LYS A CG  1 
ATOM   149  C CD  . LYS A 1 24  ? -10.987 1.613   7.270   1.00 52.44  ? 120 LYS A CD  1 
ATOM   150  C CE  . LYS A 1 24  ? -11.667 1.526   8.628   1.00 56.26  ? 120 LYS A CE  1 
ATOM   151  N NZ  . LYS A 1 24  ? -10.686 1.537   9.752   1.00 53.05  ? 120 LYS A NZ  1 
ATOM   152  N N   . GLU A 1 25  ? -10.104 -2.223  4.365   1.00 23.70  ? 121 GLU A N   1 
ATOM   153  C CA  . GLU A 1 25  ? -10.876 -3.462  4.276   1.00 27.12  ? 121 GLU A CA  1 
ATOM   154  C C   . GLU A 1 25  ? -9.957  -4.671  4.152   1.00 35.85  ? 121 GLU A C   1 
ATOM   155  O O   . GLU A 1 25  ? -10.192 -5.711  4.770   1.00 32.86  ? 121 GLU A O   1 
ATOM   156  C CB  . GLU A 1 25  ? -11.810 -3.434  3.061   1.00 27.25  ? 121 GLU A CB  1 
ATOM   157  C CG  . GLU A 1 25  ? -12.940 -2.423  3.105   1.00 26.25  ? 121 GLU A CG  1 
ATOM   158  C CD  . GLU A 1 25  ? -13.866 -2.546  1.902   1.00 54.15  ? 121 GLU A CD  1 
ATOM   159  O OE1 . GLU A 1 25  ? -13.661 -1.810  0.912   1.00 36.13  ? 121 GLU A OE1 1 
ATOM   160  O OE2 . GLU A 1 25  ? -14.793 -3.383  1.947   1.00 75.33  ? 121 GLU A OE2 1 
ATOM   161  N N   . ALA A 1 26  ? -8.925  -4.534  3.323   1.00 23.22  ? 122 ALA A N   1 
ATOM   162  C CA  . ALA A 1 26  ? -7.950  -5.600  3.115   1.00 34.22  ? 122 ALA A CA  1 
ATOM   163  C C   . ALA A 1 26  ? -7.223  -5.927  4.413   1.00 31.98  ? 122 ALA A C   1 
ATOM   164  O O   . ALA A 1 26  ? -7.033  -7.096  4.751   1.00 27.05  ? 122 ALA A O   1 
ATOM   165  C CB  . ALA A 1 26  ? -6.951  -5.205  2.029   1.00 18.75  ? 122 ALA A CB  1 
ATOM   166  N N   . GLU A 1 27  ? -6.814  -4.885  5.131   1.00 27.57  ? 123 GLU A N   1 
ATOM   167  C CA  . GLU A 1 27  ? -6.137  -5.041  6.414   1.00 34.89  ? 123 GLU A CA  1 
ATOM   168  C C   . GLU A 1 27  ? -7.015  -5.791  7.417   1.00 43.66  ? 123 GLU A C   1 
ATOM   169  O O   . GLU A 1 27  ? -6.528  -6.631  8.173   1.00 42.10  ? 123 GLU A O   1 
ATOM   170  C CB  . GLU A 1 27  ? -5.749  -3.670  6.972   1.00 34.07  ? 123 GLU A CB  1 
ATOM   171  C CG  . GLU A 1 27  ? -4.855  -3.726  8.201   1.00 51.07  ? 123 GLU A CG  1 
ATOM   172  C CD  . GLU A 1 27  ? -3.674  -2.782  8.094   1.00 69.71  ? 123 GLU A CD  1 
ATOM   173  O OE1 . GLU A 1 27  ? -3.381  -2.331  6.965   1.00 53.85  ? 123 GLU A OE1 1 
ATOM   174  O OE2 . GLU A 1 27  ? -3.042  -2.492  9.134   1.00 66.43  ? 123 GLU A OE2 1 
ATOM   175  N N   . LYS A 1 28  ? -8.310  -5.486  7.412   1.00 39.79  ? 124 LYS A N   1 
ATOM   176  C CA  . LYS A 1 28  ? -9.264  -6.150  8.299   1.00 43.35  ? 124 LYS A CA  1 
ATOM   177  C C   . LYS A 1 28  ? -9.432  -7.632  7.954   1.00 41.33  ? 124 LYS A C   1 
ATOM   178  O O   . LYS A 1 28  ? -9.530  -8.476  8.848   1.00 39.13  ? 124 LYS A O   1 
ATOM   179  C CB  . LYS A 1 28  ? -10.620 -5.427  8.269   1.00 37.00  ? 124 LYS A CB  1 
ATOM   180  C CG  . LYS A 1 28  ? -11.801 -6.266  8.749   1.00 34.78  ? 124 LYS A CG  1 
ATOM   181  C CD  . LYS A 1 28  ? -12.808 -5.433  9.539   1.00 61.93  ? 124 LYS A CD  1 
ATOM   182  C CE  . LYS A 1 28  ? -14.194 -5.459  8.908   1.00 58.10  ? 124 LYS A CE  1 
ATOM   183  N NZ  . LYS A 1 28  ? -14.258 -4.651  7.655   1.00 42.62  ? 124 LYS A NZ  1 
ATOM   184  N N   . LEU A 1 29  ? -9.460  -7.938  6.657   1.00 40.90  ? 125 LEU A N   1 
ATOM   185  C CA  . LEU A 1 29  ? -9.575  -9.317  6.175   1.00 34.44  ? 125 LEU A CA  1 
ATOM   186  C C   . LEU A 1 29  ? -8.350  -10.154 6.542   1.00 46.70  ? 125 LEU A C   1 
ATOM   187  O O   . LEU A 1 29  ? -8.473  -11.246 7.105   1.00 48.02  ? 125 LEU A O   1 
ATOM   188  C CB  . LEU A 1 29  ? -9.767  -9.342  4.653   1.00 36.28  ? 125 LEU A CB  1 
ATOM   189  C CG  . LEU A 1 29  ? -11.185 -9.289  4.087   1.00 36.44  ? 125 LEU A CG  1 
ATOM   190  C CD1 . LEU A 1 29  ? -11.157 -9.384  2.570   1.00 33.74  ? 125 LEU A CD1 1 
ATOM   191  C CD2 . LEU A 1 29  ? -12.032 -10.405 4.675   1.00 34.74  ? 125 LEU A CD2 1 
ATOM   192  N N   . LEU A 1 30  ? -7.171  -9.634  6.212   1.00 35.93  ? 126 LEU A N   1 
ATOM   193  C CA  . LEU A 1 30  ? -5.908  -10.310 6.498   1.00 37.37  ? 126 LEU A CA  1 
ATOM   194  C C   . LEU A 1 30  ? -5.680  -10.465 8.002   1.00 42.29  ? 126 LEU A C   1 
ATOM   195  O O   . LEU A 1 30  ? -4.879  -11.293 8.437   1.00 50.96  ? 126 LEU A O   1 
ATOM   196  C CB  . LEU A 1 30  ? -4.743  -9.546  5.860   1.00 26.96  ? 126 LEU A CB  1 
ATOM   197  C CG  . LEU A 1 30  ? -4.750  -9.468  4.330   1.00 37.90  ? 126 LEU A CG  1 
ATOM   198  C CD1 . LEU A 1 30  ? -3.759  -8.430  3.819   1.00 23.71  ? 126 LEU A CD1 1 
ATOM   199  C CD2 . LEU A 1 30  ? -4.437  -10.830 3.739   1.00 22.34  ? 126 LEU A CD2 1 
ATOM   200  N N   . THR A 1 31  ? -6.391  -9.663  8.789   1.00 42.41  ? 127 THR A N   1 
ATOM   201  C CA  . THR A 1 31  ? -6.299  -9.720  10.245  1.00 42.03  ? 127 THR A CA  1 
ATOM   202  C C   . THR A 1 31  ? -7.251  -10.763 10.833  1.00 40.61  ? 127 THR A C   1 
ATOM   203  O O   . THR A 1 31  ? -6.836  -11.642 11.593  1.00 32.13  ? 127 THR A O   1 
ATOM   204  C CB  . THR A 1 31  ? -6.616  -8.347  10.877  1.00 47.29  ? 127 THR A CB  1 
ATOM   205  O OG1 . THR A 1 31  ? -5.577  -7.412  10.553  1.00 43.28  ? 127 THR A OG1 1 
ATOM   206  C CG2 . THR A 1 31  ? -6.728  -8.466  12.389  1.00 50.79  ? 127 THR A CG2 1 
ATOM   207  N N   . GLU A 1 32  ? -8.527  -10.658 10.476  1.00 29.88  ? 128 GLU A N   1 
ATOM   208  C CA  . GLU A 1 32  ? -9.570  -11.504 11.054  1.00 46.65  ? 128 GLU A CA  1 
ATOM   209  C C   . GLU A 1 32  ? -9.488  -12.964 10.617  1.00 56.01  ? 128 GLU A C   1 
ATOM   210  O O   . GLU A 1 32  ? -10.099 -13.830 11.241  1.00 46.32  ? 128 GLU A O   1 
ATOM   211  C CB  . GLU A 1 32  ? -10.961 -10.960 10.699  1.00 28.67  ? 128 GLU A CB  1 
ATOM   212  C CG  . GLU A 1 32  ? -11.345 -9.654  11.376  1.00 36.34  ? 128 GLU A CG  1 
ATOM   213  C CD  . GLU A 1 32  ? -12.713 -9.170  10.936  1.00 55.57  ? 128 GLU A CD  1 
ATOM   214  O OE1 . GLU A 1 32  ? -13.244 -9.721  9.948   1.00 56.13  ? 128 GLU A OE1 1 
ATOM   215  O OE2 . GLU A 1 32  ? -13.256 -8.243  11.575  1.00 61.46  ? 128 GLU A OE2 1 
ATOM   216  N N   . LYS A 1 33  ? -8.758  -13.238 9.539   1.00 29.41  ? 129 LYS A N   1 
ATOM   217  C CA  . LYS A 1 33  ? -8.726  -14.590 8.985   1.00 44.04  ? 129 LYS A CA  1 
ATOM   218  C C   . LYS A 1 33  ? -7.367  -15.013 8.434   1.00 41.34  ? 129 LYS A C   1 
ATOM   219  O O   . LYS A 1 33  ? -7.143  -16.196 8.171   1.00 46.91  ? 129 LYS A O   1 
ATOM   220  C CB  . LYS A 1 33  ? -9.796  -14.750 7.900   1.00 41.96  ? 129 LYS A CB  1 
ATOM   221  C CG  . LYS A 1 33  ? -11.213 -14.819 8.435   1.00 51.49  ? 129 LYS A CG  1 
ATOM   222  C CD  . LYS A 1 33  ? -12.174 -15.381 7.403   1.00 63.56  ? 129 LYS A CD  1 
ATOM   223  C CE  . LYS A 1 33  ? -13.525 -15.691 8.030   1.00 52.83  ? 129 LYS A CE  1 
ATOM   224  N NZ  . LYS A 1 33  ? -14.424 -16.394 7.074   1.00 49.53  ? 129 LYS A NZ  1 
ATOM   225  N N   . GLY A 1 34  ? -6.464  -14.057 8.257   1.00 32.38  ? 130 GLY A N   1 
ATOM   226  C CA  . GLY A 1 34  ? -5.169  -14.357 7.672   1.00 37.69  ? 130 GLY A CA  1 
ATOM   227  C C   . GLY A 1 34  ? -4.107  -14.752 8.679   1.00 39.75  ? 130 GLY A C   1 
ATOM   228  O O   . GLY A 1 34  ? -4.248  -14.494 9.877   1.00 45.92  ? 130 GLY A O   1 
ATOM   229  N N   . LYS A 1 35  ? -3.052  -15.397 8.188   1.00 36.13  ? 131 LYS A N   1 
ATOM   230  C CA  . LYS A 1 35  ? -1.865  -15.686 8.986   1.00 36.05  ? 131 LYS A CA  1 
ATOM   231  C C   . LYS A 1 35  ? -0.709  -14.865 8.421   1.00 33.54  ? 131 LYS A C   1 
ATOM   232  O O   . LYS A 1 35  ? -0.904  -14.046 7.521   1.00 38.42  ? 131 LYS A O   1 
ATOM   233  C CB  . LYS A 1 35  ? -1.516  -17.180 8.929   1.00 23.28  ? 131 LYS A CB  1 
ATOM   234  C CG  . LYS A 1 35  ? -2.669  -18.125 9.242   1.00 29.72  ? 131 LYS A CG  1 
ATOM   235  C CD  . LYS A 1 35  ? -3.079  -18.040 10.701  1.00 27.63  ? 131 LYS A CD  1 
ATOM   236  C CE  . LYS A 1 35  ? -1.948  -18.489 11.608  1.00 36.80  ? 131 LYS A CE  1 
ATOM   237  N NZ  . LYS A 1 35  ? -2.324  -18.483 13.050  1.00 30.62  ? 131 LYS A NZ  1 
ATOM   238  N N   . HIS A 1 36  ? 0.495   -15.092 8.940   1.00 34.86  ? 132 HIS A N   1 
ATOM   239  C CA  . HIS A 1 36  ? 1.689   -14.424 8.428   1.00 29.63  ? 132 HIS A CA  1 
ATOM   240  C C   . HIS A 1 36  ? 1.977   -14.884 7.003   1.00 32.34  ? 132 HIS A C   1 
ATOM   241  O O   . HIS A 1 36  ? 2.100   -16.083 6.745   1.00 30.63  ? 132 HIS A O   1 
ATOM   242  C CB  . HIS A 1 36  ? 2.893   -14.726 9.322   1.00 28.72  ? 132 HIS A CB  1 
ATOM   243  C CG  . HIS A 1 36  ? 4.062   -13.817 9.101   1.00 43.79  ? 132 HIS A CG  1 
ATOM   244  N ND1 . HIS A 1 36  ? 4.212   -12.622 9.771   1.00 43.34  ? 132 HIS A ND1 1 
ATOM   245  C CD2 . HIS A 1 36  ? 5.141   -13.933 8.291   1.00 42.12  ? 132 HIS A CD2 1 
ATOM   246  C CE1 . HIS A 1 36  ? 5.333   -12.040 9.382   1.00 41.58  ? 132 HIS A CE1 1 
ATOM   247  N NE2 . HIS A 1 36  ? 5.917   -12.815 8.487   1.00 38.11  ? 132 HIS A NE2 1 
ATOM   248  N N   . GLY A 1 37  ? 2.077   -13.932 6.079   1.00 23.54  ? 133 GLY A N   1 
ATOM   249  C CA  . GLY A 1 37  ? 2.358   -14.249 4.689   1.00 19.42  ? 133 GLY A CA  1 
ATOM   250  C C   . GLY A 1 37  ? 1.097   -14.446 3.866   1.00 22.29  ? 133 GLY A C   1 
ATOM   251  O O   . GLY A 1 37  ? 1.163   -14.734 2.667   1.00 26.00  ? 133 GLY A O   1 
ATOM   252  N N   . SER A 1 38  ? -0.058  -14.306 4.510   1.00 32.55  ? 134 SER A N   1 
ATOM   253  C CA  . SER A 1 38  ? -1.325  -14.368 3.796   1.00 32.87  ? 134 SER A CA  1 
ATOM   254  C C   . SER A 1 38  ? -1.412  -13.197 2.831   1.00 23.31  ? 134 SER A C   1 
ATOM   255  O O   . SER A 1 38  ? -0.938  -12.103 3.139   1.00 19.32  ? 134 SER A O   1 
ATOM   256  C CB  . SER A 1 38  ? -2.512  -14.361 4.761   1.00 30.59  ? 134 SER A CB  1 
ATOM   257  O OG  . SER A 1 38  ? -2.640  -15.609 5.418   1.00 32.59  ? 134 SER A OG  1 
ATOM   258  N N   . PHE A 1 39  ? -2.002  -13.430 1.661   1.00 25.51  ? 135 PHE A N   1 
ATOM   259  C CA  . PHE A 1 39  ? -2.031  -12.414 0.614   1.00 22.46  ? 135 PHE A CA  1 
ATOM   260  C C   . PHE A 1 39  ? -3.357  -12.369 -0.142  1.00 21.66  ? 135 PHE A C   1 
ATOM   261  O O   . PHE A 1 39  ? -4.099  -13.352 -0.182  1.00 22.30  ? 135 PHE A O   1 
ATOM   262  C CB  . PHE A 1 39  ? -0.882  -12.637 -0.376  1.00 17.50  ? 135 PHE A CB  1 
ATOM   263  C CG  . PHE A 1 39  ? -1.000  -13.914 -1.165  1.00 28.41  ? 135 PHE A CG  1 
ATOM   264  C CD1 . PHE A 1 39  ? -0.447  -15.090 -0.679  1.00 19.69  ? 135 PHE A CD1 1 
ATOM   265  C CD2 . PHE A 1 39  ? -1.664  -13.937 -2.390  1.00 18.24  ? 135 PHE A CD2 1 
ATOM   266  C CE1 . PHE A 1 39  ? -0.548  -16.269 -1.396  1.00 25.26  ? 135 PHE A CE1 1 
ATOM   267  C CE2 . PHE A 1 39  ? -1.774  -15.116 -3.114  1.00 24.59  ? 135 PHE A CE2 1 
ATOM   268  C CZ  . PHE A 1 39  ? -1.213  -16.284 -2.615  1.00 27.54  ? 135 PHE A CZ  1 
ATOM   269  N N   . LEU A 1 40  ? -3.637  -11.216 -0.742  1.00 27.36  ? 136 LEU A N   1 
ATOM   270  C CA  . LEU A 1 40  ? -4.771  -11.060 -1.647  1.00 18.04  ? 136 LEU A CA  1 
ATOM   271  C C   . LEU A 1 40  ? -4.414  -10.044 -2.727  1.00 20.87  ? 136 LEU A C   1 
ATOM   272  O O   . LEU A 1 40  ? -3.496  -9.240  -2.552  1.00 20.35  ? 136 LEU A O   1 
ATOM   273  C CB  . LEU A 1 40  ? -6.031  -10.636 -0.879  1.00 19.78  ? 136 LEU A CB  1 
ATOM   274  C CG  . LEU A 1 40  ? -5.962  -9.415  0.049   1.00 26.82  ? 136 LEU A CG  1 
ATOM   275  C CD1 . LEU A 1 40  ? -6.076  -8.096  -0.719  1.00 25.04  ? 136 LEU A CD1 1 
ATOM   276  C CD2 . LEU A 1 40  ? -7.036  -9.486  1.130   1.00 17.30  ? 136 LEU A CD2 1 
ATOM   277  N N   . VAL A 1 41  ? -5.133  -10.085 -3.844  1.00 24.89  ? 137 VAL A N   1 
ATOM   278  C CA  . VAL A 1 41  ? -4.984  -9.074  -4.883  1.00 15.42  ? 137 VAL A CA  1 
ATOM   279  C C   . VAL A 1 41  ? -6.286  -8.275  -4.981  1.00 24.01  ? 137 VAL A C   1 
ATOM   280  O O   . VAL A 1 41  ? -7.377  -8.838  -4.897  1.00 20.45  ? 137 VAL A O   1 
ATOM   281  C CB  . VAL A 1 41  ? -4.613  -9.702  -6.245  1.00 26.62  ? 137 VAL A CB  1 
ATOM   282  C CG1 . VAL A 1 41  ? -4.537  -8.639  -7.334  1.00 13.77  ? 137 VAL A CG1 1 
ATOM   283  C CG2 . VAL A 1 41  ? -3.287  -10.448 -6.143  1.00 16.88  ? 137 VAL A CG2 1 
ATOM   284  N N   . ARG A 1 42  ? -6.161  -6.962  -5.137  1.00 19.55  ? 138 ARG A N   1 
ATOM   285  C CA  . ARG A 1 42  ? -7.307  -6.064  -5.172  1.00 26.01  ? 138 ARG A CA  1 
ATOM   286  C C   . ARG A 1 42  ? -7.000  -4.960  -6.180  1.00 14.44  ? 138 ARG A C   1 
ATOM   287  O O   . ARG A 1 42  ? -5.857  -4.834  -6.624  1.00 16.19  ? 138 ARG A O   1 
ATOM   288  C CB  . ARG A 1 42  ? -7.535  -5.477  -3.777  1.00 15.19  ? 138 ARG A CB  1 
ATOM   289  C CG  . ARG A 1 42  ? -6.300  -4.781  -3.216  1.00 16.69  ? 138 ARG A CG  1 
ATOM   290  C CD  . ARG A 1 42  ? -6.434  -4.454  -1.737  1.00 16.71  ? 138 ARG A CD  1 
ATOM   291  N NE  . ARG A 1 42  ? -5.322  -3.627  -1.269  1.00 19.27  ? 138 ARG A NE  1 
ATOM   292  C CZ  . ARG A 1 42  ? -5.350  -2.298  -1.196  1.00 16.07  ? 138 ARG A CZ  1 
ATOM   293  N NH1 . ARG A 1 42  ? -6.440  -1.629  -1.548  1.00 13.68  ? 138 ARG A NH1 1 
ATOM   294  N NH2 . ARG A 1 42  ? -4.286  -1.634  -0.772  1.00 11.64  ? 138 ARG A NH2 1 
ATOM   295  N N   . GLU A 1 43  ? -7.998  -4.165  -6.553  1.00 28.27  ? 139 GLU A N   1 
ATOM   296  C CA  . GLU A 1 43  ? -7.742  -3.078  -7.496  1.00 18.44  ? 139 GLU A CA  1 
ATOM   297  C C   . GLU A 1 43  ? -7.212  -1.834  -6.792  1.00 18.60  ? 139 GLU A C   1 
ATOM   298  O O   . GLU A 1 43  ? -7.689  -1.466  -5.714  1.00 17.78  ? 139 GLU A O   1 
ATOM   299  C CB  . GLU A 1 43  ? -8.990  -2.721  -8.307  1.00 20.04  ? 139 GLU A CB  1 
ATOM   300  C CG  . GLU A 1 43  ? -8.701  -1.726  -9.429  1.00 30.64  ? 139 GLU A CG  1 
ATOM   301  C CD  . GLU A 1 43  ? -9.951  -1.209  -10.110 1.00 50.09  ? 139 GLU A CD  1 
ATOM   302  O OE1 . GLU A 1 43  ? -9.820  -0.319  -10.979 1.00 31.45  ? 139 GLU A OE1 1 
ATOM   303  O OE2 . GLU A 1 43  ? -11.058 -1.687  -9.778  1.00 48.73  ? 139 GLU A OE2 1 
ATOM   304  N N   . SER A 1 44  ? -6.223  -1.194  -7.411  1.00 21.02  ? 140 SER A N   1 
ATOM   305  C CA  . SER A 1 44  ? -5.653  0.048   -6.896  1.00 16.33  ? 140 SER A CA  1 
ATOM   306  C C   . SER A 1 44  ? -6.704  1.154   -6.795  1.00 24.79  ? 140 SER A C   1 
ATOM   307  O O   . SER A 1 44  ? -7.646  1.197   -7.587  1.00 14.88  ? 140 SER A O   1 
ATOM   308  C CB  . SER A 1 44  ? -4.497  0.506   -7.791  1.00 19.32  ? 140 SER A CB  1 
ATOM   309  O OG  . SER A 1 44  ? -4.029  1.786   -7.410  1.00 28.52  ? 140 SER A OG  1 
ATOM   310  N N   . GLN A 1 45  ? -6.544  2.039   -5.814  1.00 21.50  ? 141 GLN A N   1 
ATOM   311  C CA  . GLN A 1 45  ? -7.454  3.167   -5.644  1.00 19.03  ? 141 GLN A CA  1 
ATOM   312  C C   . GLN A 1 45  ? -6.787  4.457   -6.113  1.00 18.71  ? 141 GLN A C   1 
ATOM   313  O O   . GLN A 1 45  ? -7.423  5.506   -6.175  1.00 25.09  ? 141 GLN A O   1 
ATOM   314  C CB  . GLN A 1 45  ? -7.890  3.301   -4.179  1.00 15.93  ? 141 GLN A CB  1 
ATOM   315  C CG  . GLN A 1 45  ? -8.536  2.051   -3.582  1.00 21.14  ? 141 GLN A CG  1 
ATOM   316  C CD  . GLN A 1 45  ? -8.861  2.208   -2.105  1.00 30.59  ? 141 GLN A CD  1 
ATOM   317  O OE1 . GLN A 1 45  ? -8.125  1.730   -1.243  1.00 27.58  ? 141 GLN A OE1 1 
ATOM   318  N NE2 . GLN A 1 45  ? -9.970  2.885   -1.806  1.00 23.56  ? 141 GLN A NE2 1 
ATOM   319  N N   . SER A 1 46  ? -5.500  4.368   -6.435  1.00 20.70  ? 142 SER A N   1 
ATOM   320  C CA  . SER A 1 46  ? -4.750  5.509   -6.947  1.00 25.43  ? 142 SER A CA  1 
ATOM   321  C C   . SER A 1 46  ? -4.529  5.394   -8.454  1.00 29.03  ? 142 SER A C   1 
ATOM   322  O O   . SER A 1 46  ? -4.466  6.403   -9.161  1.00 48.50  ? 142 SER A O   1 
ATOM   323  C CB  . SER A 1 46  ? -3.404  5.636   -6.226  1.00 22.94  ? 142 SER A CB  1 
ATOM   324  O OG  . SER A 1 46  ? -2.624  4.463   -6.382  1.00 35.19  ? 142 SER A OG  1 
ATOM   325  N N   . HIS A 1 47  ? -4.412  4.161   -8.940  1.00 30.77  ? 143 HIS A N   1 
ATOM   326  C CA  . HIS A 1 47  ? -4.224  3.902   -10.368 1.00 26.91  ? 143 HIS A CA  1 
ATOM   327  C C   . HIS A 1 47  ? -5.300  2.951   -10.899 1.00 27.14  ? 143 HIS A C   1 
ATOM   328  O O   . HIS A 1 47  ? -5.141  1.729   -10.834 1.00 34.24  ? 143 HIS A O   1 
ATOM   329  C CB  . HIS A 1 47  ? -2.828  3.317   -10.640 1.00 31.56  ? 143 HIS A CB  1 
ATOM   330  C CG  . HIS A 1 47  ? -1.697  4.201   -10.205 1.00 40.92  ? 143 HIS A CG  1 
ATOM   331  N ND1 . HIS A 1 47  ? -1.113  4.103   -8.960  1.00 53.78  ? 143 HIS A ND1 1 
ATOM   332  C CD2 . HIS A 1 47  ? -1.036  5.189   -10.855 1.00 57.01  ? 143 HIS A CD2 1 
ATOM   333  C CE1 . HIS A 1 47  ? -0.144  4.996   -8.860  1.00 52.49  ? 143 HIS A CE1 1 
ATOM   334  N NE2 . HIS A 1 47  ? -0.077  5.669   -9.995  1.00 37.43  ? 143 HIS A NE2 1 
ATOM   335  N N   . PRO A 1 48  ? -6.402  3.516   -11.426 1.00 29.58  ? 144 PRO A N   1 
ATOM   336  C CA  . PRO A 1 48  ? -7.526  2.739   -11.969 1.00 26.10  ? 144 PRO A CA  1 
ATOM   337  C C   . PRO A 1 48  ? -7.084  1.688   -12.987 1.00 26.67  ? 144 PRO A C   1 
ATOM   338  O O   . PRO A 1 48  ? -6.379  2.011   -13.945 1.00 24.28  ? 144 PRO A O   1 
ATOM   339  C CB  . PRO A 1 48  ? -8.379  3.804   -12.663 1.00 27.65  ? 144 PRO A CB  1 
ATOM   340  C CG  . PRO A 1 48  ? -8.096  5.058   -11.903 1.00 23.17  ? 144 PRO A CG  1 
ATOM   341  C CD  . PRO A 1 48  ? -6.651  4.968   -11.487 1.00 31.04  ? 144 PRO A CD  1 
ATOM   342  N N   . GLY A 1 49  ? -7.497  0.440   -12.781 1.00 24.99  ? 145 GLY A N   1 
ATOM   343  C CA  . GLY A 1 49  ? -7.128  -0.631  -13.687 1.00 20.12  ? 145 GLY A CA  1 
ATOM   344  C C   . GLY A 1 49  ? -5.840  -1.345  -13.316 1.00 28.23  ? 145 GLY A C   1 
ATOM   345  O O   . GLY A 1 49  ? -5.484  -2.350  -13.936 1.00 31.28  ? 145 GLY A O   1 
ATOM   346  N N   . ASP A 1 50  ? -5.130  -0.826  -12.318 1.00 20.34  ? 146 ASP A N   1 
ATOM   347  C CA  . ASP A 1 50  ? -3.920  -1.485  -11.834 1.00 22.53  ? 146 ASP A CA  1 
ATOM   348  C C   . ASP A 1 50  ? -4.213  -2.299  -10.575 1.00 23.86  ? 146 ASP A C   1 
ATOM   349  O O   . ASP A 1 50  ? -5.235  -2.096  -9.914  1.00 19.77  ? 146 ASP A O   1 
ATOM   350  C CB  . ASP A 1 50  ? -2.800  -0.468  -11.587 1.00 31.07  ? 146 ASP A CB  1 
ATOM   351  C CG  . ASP A 1 50  ? -2.284  0.153   -12.874 1.00 38.84  ? 146 ASP A CG  1 
ATOM   352  O OD1 . ASP A 1 50  ? -2.707  -0.292  -13.961 1.00 44.99  ? 146 ASP A OD1 1 
ATOM   353  O OD2 . ASP A 1 50  ? -1.448  1.080   -12.796 1.00 46.63  ? 146 ASP A OD2 1 
ATOM   354  N N   . PHE A 1 51  ? -3.312  -3.217  -10.248 1.00 19.49  ? 147 PHE A N   1 
ATOM   355  C CA  . PHE A 1 51  ? -3.553  -4.173  -9.177  1.00 15.11  ? 147 PHE A CA  1 
ATOM   356  C C   . PHE A 1 51  ? -2.598  -3.970  -8.014  1.00 15.39  ? 147 PHE A C   1 
ATOM   357  O O   . PHE A 1 51  ? -1.492  -3.456  -8.190  1.00 13.04  ? 147 PHE A O   1 
ATOM   358  C CB  . PHE A 1 51  ? -3.442  -5.599  -9.724  1.00 14.17  ? 147 PHE A CB  1 
ATOM   359  C CG  . PHE A 1 51  ? -4.437  -5.902  -10.809 1.00 17.01  ? 147 PHE A CG  1 
ATOM   360  C CD1 . PHE A 1 51  ? -5.781  -5.580  -10.641 1.00 23.59  ? 147 PHE A CD1 1 
ATOM   361  C CD2 . PHE A 1 51  ? -4.032  -6.476  -12.006 1.00 22.54  ? 147 PHE A CD2 1 
ATOM   362  C CE1 . PHE A 1 51  ? -6.709  -5.845  -11.641 1.00 24.06  ? 147 PHE A CE1 1 
ATOM   363  C CE2 . PHE A 1 51  ? -4.952  -6.745  -13.015 1.00 24.29  ? 147 PHE A CE2 1 
ATOM   364  C CZ  . PHE A 1 51  ? -6.292  -6.428  -12.833 1.00 19.47  ? 147 PHE A CZ  1 
ATOM   365  N N   . VAL A 1 52  ? -3.046  -4.360  -6.824  1.00 15.02  ? 148 VAL A N   1 
ATOM   366  C CA  . VAL A 1 52  ? -2.228  -4.283  -5.623  1.00 20.09  ? 148 VAL A CA  1 
ATOM   367  C C   . VAL A 1 52  ? -2.208  -5.644  -4.945  1.00 25.36  ? 148 VAL A C   1 
ATOM   368  O O   . VAL A 1 52  ? -3.258  -6.258  -4.741  1.00 22.18  ? 148 VAL A O   1 
ATOM   369  C CB  . VAL A 1 52  ? -2.758  -3.224  -4.632  1.00 20.71  ? 148 VAL A CB  1 
ATOM   370  C CG1 . VAL A 1 52  ? -2.008  -3.308  -3.306  1.00 17.70  ? 148 VAL A CG1 1 
ATOM   371  C CG2 . VAL A 1 52  ? -2.637  -1.830  -5.225  1.00 16.77  ? 148 VAL A CG2 1 
ATOM   372  N N   . LEU A 1 53  ? -1.008  -6.121  -4.624  1.00 17.54  ? 149 LEU A N   1 
ATOM   373  C CA  . LEU A 1 53  ? -0.848  -7.345  -3.850  1.00 20.80  ? 149 LEU A CA  1 
ATOM   374  C C   . LEU A 1 53  ? -0.658  -6.936  -2.395  1.00 19.52  ? 149 LEU A C   1 
ATOM   375  O O   . LEU A 1 53  ? 0.291   -6.225  -2.067  1.00 18.56  ? 149 LEU A O   1 
ATOM   376  C CB  . LEU A 1 53  ? 0.360   -8.141  -4.356  1.00 20.99  ? 149 LEU A CB  1 
ATOM   377  C CG  . LEU A 1 53  ? 0.825   -9.390  -3.605  1.00 27.60  ? 149 LEU A CG  1 
ATOM   378  C CD1 . LEU A 1 53  ? -0.281  -10.430 -3.536  1.00 16.20  ? 149 LEU A CD1 1 
ATOM   379  C CD2 . LEU A 1 53  ? 2.067   -9.973  -4.273  1.00 29.73  ? 149 LEU A CD2 1 
ATOM   380  N N   . SER A 1 54  ? -1.579  -7.352  -1.531  1.00 22.50  ? 150 SER A N   1 
ATOM   381  C CA  . SER A 1 54  ? -1.507  -7.002  -0.118  1.00 22.32  ? 150 SER A CA  1 
ATOM   382  C C   . SER A 1 54  ? -1.071  -8.211  0.694   1.00 27.01  ? 150 SER A C   1 
ATOM   383  O O   . SER A 1 54  ? -1.703  -9.267  0.636   1.00 17.52  ? 150 SER A O   1 
ATOM   384  C CB  . SER A 1 54  ? -2.857  -6.485  0.383   1.00 21.16  ? 150 SER A CB  1 
ATOM   385  O OG  . SER A 1 54  ? -3.219  -5.287  -0.281  1.00 21.65  ? 150 SER A OG  1 
ATOM   386  N N   . VAL A 1 55  ? 0.010   -8.051  1.452   1.00 18.92  ? 151 VAL A N   1 
ATOM   387  C CA  . VAL A 1 55  ? 0.619   -9.169  2.159   1.00 25.57  ? 151 VAL A CA  1 
ATOM   388  C C   . VAL A 1 55  ? 0.692   -8.906  3.657   1.00 37.62  ? 151 VAL A C   1 
ATOM   389  O O   . VAL A 1 55  ? 1.181   -7.858  4.090   1.00 19.51  ? 151 VAL A O   1 
ATOM   390  C CB  . VAL A 1 55  ? 2.043   -9.433  1.640   1.00 28.37  ? 151 VAL A CB  1 
ATOM   391  C CG1 . VAL A 1 55  ? 2.613   -10.697 2.268   1.00 22.12  ? 151 VAL A CG1 1 
ATOM   392  C CG2 . VAL A 1 55  ? 2.043   -9.532  0.123   1.00 13.83  ? 151 VAL A CG2 1 
ATOM   393  N N   . ARG A 1 56  ? 0.209   -9.854  4.454   1.00 26.54  ? 152 ARG A N   1 
ATOM   394  C CA  . ARG A 1 56  ? 0.331   -9.724  5.900   1.00 32.35  ? 152 ARG A CA  1 
ATOM   395  C C   . ARG A 1 56  ? 1.768   -9.986  6.344   1.00 21.25  ? 152 ARG A C   1 
ATOM   396  O O   . ARG A 1 56  ? 2.345   -11.031 6.048   1.00 31.53  ? 152 ARG A O   1 
ATOM   397  C CB  . ARG A 1 56  ? -0.642  -10.647 6.632   1.00 24.07  ? 152 ARG A CB  1 
ATOM   398  C CG  . ARG A 1 56  ? -0.523  -10.536 8.135   1.00 37.24  ? 152 ARG A CG  1 
ATOM   399  C CD  . ARG A 1 56  ? -1.650  -11.240 8.846   1.00 37.53  ? 152 ARG A CD  1 
ATOM   400  N NE  . ARG A 1 56  ? -1.401  -11.312 10.282  1.00 60.05  ? 152 ARG A NE  1 
ATOM   401  C CZ  . ARG A 1 56  ? -2.207  -11.910 11.150  1.00 56.35  ? 152 ARG A CZ  1 
ATOM   402  N NH1 . ARG A 1 56  ? -3.321  -12.490 10.733  1.00 51.19  ? 152 ARG A NH1 1 
ATOM   403  N NH2 . ARG A 1 56  ? -1.901  -11.929 12.438  1.00 70.45  ? 152 ARG A NH2 1 
ATOM   404  N N   . THR A 1 57  ? 2.338   -9.015  7.049   1.00 35.73  ? 153 THR A N   1 
ATOM   405  C CA  . THR A 1 57  ? 3.757   -9.022  7.377   1.00 32.00  ? 153 THR A CA  1 
ATOM   406  C C   . THR A 1 57  ? 4.020   -8.865  8.877   1.00 36.92  ? 153 THR A C   1 
ATOM   407  O O   . THR A 1 57  ? 5.172   -8.775  9.308   1.00 44.16  ? 153 THR A O   1 
ATOM   408  C CB  . THR A 1 57  ? 4.497   -7.921  6.595   1.00 45.33  ? 153 THR A CB  1 
ATOM   409  O OG1 . THR A 1 57  ? 3.757   -6.696  6.673   1.00 33.07  ? 153 THR A OG1 1 
ATOM   410  C CG2 . THR A 1 57  ? 4.636   -8.310  5.141   1.00 29.96  ? 153 THR A CG2 1 
ATOM   411  N N   . GLY A 1 58  ? 2.946   -8.840  9.662   1.00 48.32  ? 154 GLY A N   1 
ATOM   412  C CA  . GLY A 1 58  ? 3.048   -8.706  11.105  1.00 53.62  ? 154 GLY A CA  1 
ATOM   413  C C   . GLY A 1 58  ? 1.743   -9.026  11.814  1.00 62.55  ? 154 GLY A C   1 
ATOM   414  O O   . GLY A 1 58  ? 0.673   -9.020  11.200  1.00 60.79  ? 154 GLY A O   1 
ATOM   415  N N   . ASP A 1 59  ? 1.830   -9.308  13.111  1.00 76.64  ? 155 ASP A N   1 
ATOM   416  C CA  . ASP A 1 59  ? 0.655   -9.665  13.900  1.00 81.02  ? 155 ASP A CA  1 
ATOM   417  C C   . ASP A 1 59  ? 0.010   -8.470  14.602  1.00 85.39  ? 155 ASP A C   1 
ATOM   418  O O   . ASP A 1 59  ? -1.140  -8.558  15.034  1.00 72.56  ? 155 ASP A O   1 
ATOM   419  C CB  . ASP A 1 59  ? 1.017   -10.719 14.963  1.00 81.16  ? 155 ASP A CB  1 
ATOM   420  C CG  . ASP A 1 59  ? 0.796   -12.148 14.486  1.00 76.88  ? 155 ASP A CG  1 
ATOM   421  O OD1 . ASP A 1 59  ? 0.053   -12.343 13.504  1.00 93.74  ? 155 ASP A OD1 1 
ATOM   422  O OD2 . ASP A 1 59  ? 1.359   -13.079 15.104  1.00 62.82  ? 155 ASP A OD2 1 
ATOM   423  N N   . ASP A 1 60  ? 0.730   -7.356  14.711  1.00 83.61  ? 156 ASP A N   1 
ATOM   424  C CA  . ASP A 1 60  ? 0.397   -6.381  15.756  1.00 92.27  ? 156 ASP A CA  1 
ATOM   425  C C   . ASP A 1 60  ? -0.049  -4.955  15.402  1.00 91.96  ? 156 ASP A C   1 
ATOM   426  O O   . ASP A 1 60  ? -0.998  -4.451  16.002  1.00 97.93  ? 156 ASP A O   1 
ATOM   427  C CB  . ASP A 1 60  ? 1.513   -6.333  16.805  1.00 102.09 ? 156 ASP A CB  1 
ATOM   428  C CG  . ASP A 1 60  ? 1.439   -7.493  17.775  1.00 103.27 ? 156 ASP A CG  1 
ATOM   429  O OD1 . ASP A 1 60  ? 0.435   -8.233  17.718  1.00 103.08 ? 156 ASP A OD1 1 
ATOM   430  O OD2 . ASP A 1 60  ? 2.364   -7.660  18.598  1.00 100.47 ? 156 ASP A OD2 1 
ATOM   431  N N   . LYS A 1 61  ? 0.630   -4.289  14.476  1.00 86.79  ? 157 LYS A N   1 
ATOM   432  C CA  . LYS A 1 61  ? 0.335   -2.877  14.243  1.00 92.60  ? 157 LYS A CA  1 
ATOM   433  C C   . LYS A 1 61  ? 0.076   -2.546  12.775  1.00 72.16  ? 157 LYS A C   1 
ATOM   434  O O   . LYS A 1 61  ? -0.870  -1.825  12.447  1.00 58.91  ? 157 LYS A O   1 
ATOM   435  C CB  . LYS A 1 61  ? 1.452   -1.991  14.814  1.00 77.83  ? 157 LYS A CB  1 
ATOM   436  C CG  . LYS A 1 61  ? 2.819   -2.189  14.172  1.00 86.54  ? 157 LYS A CG  1 
ATOM   437  C CD  . LYS A 1 61  ? 3.902   -1.484  14.984  1.00 81.80  ? 157 LYS A CD  1 
ATOM   438  C CE  . LYS A 1 61  ? 5.159   -1.254  14.161  1.00 68.67  ? 157 LYS A CE  1 
ATOM   439  N NZ  . LYS A 1 61  ? 4.843   -0.546  12.888  1.00 49.30  ? 157 LYS A NZ  1 
ATOM   440  N N   . ASP A 1 66  ? -3.773  -0.627  17.878  1.00 71.36  ? 162 ASP A N   1 
ATOM   441  C CA  . ASP A 1 66  ? -5.037  -1.317  17.630  1.00 89.06  ? 162 ASP A CA  1 
ATOM   442  C C   . ASP A 1 66  ? -4.843  -2.820  17.442  1.00 89.72  ? 162 ASP A C   1 
ATOM   443  O O   . ASP A 1 66  ? -3.743  -3.278  17.133  1.00 96.34  ? 162 ASP A O   1 
ATOM   444  C CB  . ASP A 1 66  ? -5.757  -0.715  16.417  1.00 77.36  ? 162 ASP A CB  1 
ATOM   445  C CG  . ASP A 1 66  ? -4.824  -0.459  15.243  1.00 94.22  ? 162 ASP A CG  1 
ATOM   446  O OD1 . ASP A 1 66  ? -3.775  -1.132  15.141  1.00 87.52  ? 162 ASP A OD1 1 
ATOM   447  O OD2 . ASP A 1 66  ? -5.147  0.419   14.413  1.00 92.14  ? 162 ASP A OD2 1 
ATOM   448  N N   . GLY A 1 67  ? -5.921  -3.581  17.618  1.00 65.86  ? 163 GLY A N   1 
ATOM   449  C CA  . GLY A 1 67  ? -5.871  -5.030  17.501  1.00 44.77  ? 163 GLY A CA  1 
ATOM   450  C C   . GLY A 1 67  ? -5.843  -5.538  16.069  1.00 70.86  ? 163 GLY A C   1 
ATOM   451  O O   . GLY A 1 67  ? -6.330  -6.635  15.781  1.00 49.96  ? 163 GLY A O   1 
ATOM   452  N N   . LYS A 1 68  ? -5.264  -4.744  15.172  1.00 74.18  ? 164 LYS A N   1 
ATOM   453  C CA  . LYS A 1 68  ? -5.174  -5.097  13.759  1.00 69.37  ? 164 LYS A CA  1 
ATOM   454  C C   . LYS A 1 68  ? -3.761  -5.584  13.416  1.00 70.66  ? 164 LYS A C   1 
ATOM   455  O O   . LYS A 1 68  ? -2.818  -5.332  14.164  1.00 56.68  ? 164 LYS A O   1 
ATOM   456  C CB  . LYS A 1 68  ? -5.558  -3.889  12.898  1.00 59.28  ? 164 LYS A CB  1 
ATOM   457  C CG  . LYS A 1 68  ? -6.074  -4.238  11.511  1.00 66.99  ? 164 LYS A CG  1 
ATOM   458  C CD  . LYS A 1 68  ? -7.418  -3.575  11.228  1.00 69.76  ? 164 LYS A CD  1 
ATOM   459  C CE  . LYS A 1 68  ? -8.527  -4.166  12.091  1.00 72.80  ? 164 LYS A CE  1 
ATOM   460  N NZ  . LYS A 1 68  ? -9.857  -3.550  11.805  1.00 55.72  ? 164 LYS A NZ  1 
ATOM   461  N N   . SER A 1 69  ? -3.620  -6.288  12.294  1.00 70.38  ? 165 SER A N   1 
ATOM   462  C CA  . SER A 1 69  ? -2.316  -6.804  11.866  1.00 60.99  ? 165 SER A CA  1 
ATOM   463  C C   . SER A 1 69  ? -1.635  -5.857  10.878  1.00 58.66  ? 165 SER A C   1 
ATOM   464  O O   . SER A 1 69  ? -2.275  -4.952  10.340  1.00 48.90  ? 165 SER A O   1 
ATOM   465  C CB  . SER A 1 69  ? -2.467  -8.199  11.250  1.00 65.64  ? 165 SER A CB  1 
ATOM   466  O OG  . SER A 1 69  ? -3.343  -8.179  10.135  1.00 57.35  ? 165 SER A OG  1 
ATOM   467  N N   . LYS A 1 70  ? -0.339  -6.056  10.640  1.00 54.52  ? 166 LYS A N   1 
ATOM   468  C CA  . LYS A 1 70  ? 0.385   -5.185  9.713   1.00 39.39  ? 166 LYS A CA  1 
ATOM   469  C C   . LYS A 1 70  ? 0.463   -5.737  8.292   1.00 43.90  ? 166 LYS A C   1 
ATOM   470  O O   . LYS A 1 70  ? 0.848   -6.887  8.075   1.00 36.31  ? 166 LYS A O   1 
ATOM   471  C CB  . LYS A 1 70  ? 1.788   -4.854  10.228  1.00 40.13  ? 166 LYS A CB  1 
ATOM   472  C CG  . LYS A 1 70  ? 2.367   -3.605  9.577   1.00 56.57  ? 166 LYS A CG  1 
ATOM   473  C CD  . LYS A 1 70  ? 1.349   -2.470  9.625   1.00 46.77  ? 166 LYS A CD  1 
ATOM   474  C CE  . LYS A 1 70  ? 1.318   -1.673  8.331   1.00 51.92  ? 166 LYS A CE  1 
ATOM   475  N NZ  . LYS A 1 70  ? 0.118   -0.786  8.251   1.00 49.97  ? 166 LYS A NZ  1 
ATOM   476  N N   . VAL A 1 71  ? 0.098   -4.895  7.329   1.00 39.08  ? 167 VAL A N   1 
ATOM   477  C CA  . VAL A 1 71  ? 0.062   -5.277  5.924   1.00 25.45  ? 167 VAL A CA  1 
ATOM   478  C C   . VAL A 1 71  ? 1.029   -4.429  5.095   1.00 28.72  ? 167 VAL A C   1 
ATOM   479  O O   . VAL A 1 71  ? 1.049   -3.200  5.204   1.00 23.04  ? 167 VAL A O   1 
ATOM   480  C CB  . VAL A 1 71  ? -1.369  -5.134  5.349   1.00 24.38  ? 167 VAL A CB  1 
ATOM   481  C CG1 . VAL A 1 71  ? -1.420  -5.580  3.902   1.00 20.39  ? 167 VAL A CG1 1 
ATOM   482  C CG2 . VAL A 1 71  ? -2.360  -5.933  6.180   1.00 35.83  ? 167 VAL A CG2 1 
ATOM   483  N N   . THR A 1 72  ? 1.842   -5.092  4.275   1.00 20.34  ? 168 THR A N   1 
ATOM   484  C CA  . THR A 1 72  ? 2.681   -4.399  3.300   1.00 20.31  ? 168 THR A CA  1 
ATOM   485  C C   . THR A 1 72  ? 2.034   -4.560  1.923   1.00 25.32  ? 168 THR A C   1 
ATOM   486  O O   . THR A 1 72  ? 1.515   -5.633  1.600   1.00 12.71  ? 168 THR A O   1 
ATOM   487  C CB  . THR A 1 72  ? 4.123   -4.945  3.305   1.00 20.46  ? 168 THR A CB  1 
ATOM   488  O OG1 . THR A 1 72  ? 4.691   -4.776  4.611   1.00 29.38  ? 168 THR A OG1 1 
ATOM   489  C CG2 . THR A 1 72  ? 4.995   -4.213  2.281   1.00 18.63  ? 168 THR A CG2 1 
ATOM   490  N N   . HIS A 1 73  ? 2.040   -3.492  1.127   1.00 19.10  ? 169 HIS A N   1 
ATOM   491  C CA  . HIS A 1 73  ? 1.337   -3.487  -0.158  1.00 10.39  ? 169 HIS A CA  1 
ATOM   492  C C   . HIS A 1 73  ? 2.313   -3.422  -1.328  1.00 20.56  ? 169 HIS A C   1 
ATOM   493  O O   . HIS A 1 73  ? 3.339   -2.736  -1.261  1.00 15.90  ? 169 HIS A O   1 
ATOM   494  C CB  . HIS A 1 73  ? 0.354   -2.313  -0.235  1.00 17.63  ? 169 HIS A CB  1 
ATOM   495  C CG  . HIS A 1 73  ? -0.737  -2.365  0.790   1.00 21.03  ? 169 HIS A CG  1 
ATOM   496  N ND1 . HIS A 1 73  ? -1.960  -2.952  0.546   1.00 15.07  ? 169 HIS A ND1 1 
ATOM   497  C CD2 . HIS A 1 73  ? -0.792  -1.897  2.060   1.00 22.42  ? 169 HIS A CD2 1 
ATOM   498  C CE1 . HIS A 1 73  ? -2.719  -2.849  1.623   1.00 16.91  ? 169 HIS A CE1 1 
ATOM   499  N NE2 . HIS A 1 73  ? -2.036  -2.212  2.555   1.00 17.63  ? 169 HIS A NE2 1 
ATOM   500  N N   . VAL A 1 74  ? 1.987   -4.135  -2.402  1.00 16.70  ? 170 VAL A N   1 
ATOM   501  C CA  . VAL A 1 74  ? 2.872   -4.225  -3.555  1.00 20.23  ? 170 VAL A CA  1 
ATOM   502  C C   . VAL A 1 74  ? 2.157   -3.784  -4.830  1.00 19.96  ? 170 VAL A C   1 
ATOM   503  O O   . VAL A 1 74  ? 1.076   -4.288  -5.152  1.00 15.09  ? 170 VAL A O   1 
ATOM   504  C CB  . VAL A 1 74  ? 3.416   -5.659  -3.735  1.00 20.05  ? 170 VAL A CB  1 
ATOM   505  C CG1 . VAL A 1 74  ? 4.540   -5.679  -4.761  1.00 13.86  ? 170 VAL A CG1 1 
ATOM   506  C CG2 . VAL A 1 74  ? 3.903   -6.213  -2.401  1.00 12.21  ? 170 VAL A CG2 1 
ATOM   507  N N   . MET A 1 75  ? 2.754   -2.832  -5.544  1.00 14.71  ? 171 MET A N   1 
ATOM   508  C CA  . MET A 1 75  ? 2.227   -2.410  -6.837  1.00 16.13  ? 171 MET A CA  1 
ATOM   509  C C   . MET A 1 75  ? 2.545   -3.466  -7.892  1.00 19.05  ? 171 MET A C   1 
ATOM   510  O O   . MET A 1 75  ? 3.700   -3.853  -8.070  1.00 15.44  ? 171 MET A O   1 
ATOM   511  C CB  . MET A 1 75  ? 2.805   -1.048  -7.247  1.00 24.79  ? 171 MET A CB  1 
ATOM   512  C CG  . MET A 1 75  ? 2.592   -0.693  -8.718  1.00 35.09  ? 171 MET A CG  1 
ATOM   513  S SD  . MET A 1 75  ? 3.342   0.879   -9.210  1.00 40.34  ? 171 MET A SD  1 
ATOM   514  C CE  . MET A 1 75  ? 2.101   2.033   -8.639  1.00 45.34  ? 171 MET A CE  1 
ATOM   515  N N   . ILE A 1 76  ? 1.514   -3.953  -8.572  1.00 17.60  ? 172 ILE A N   1 
ATOM   516  C CA  . ILE A 1 76  ? 1.706   -4.901  -9.662  1.00 22.29  ? 172 ILE A CA  1 
ATOM   517  C C   . ILE A 1 76  ? 1.730   -4.152  -10.990 1.00 19.91  ? 172 ILE A C   1 
ATOM   518  O O   . ILE A 1 76  ? 0.790   -3.426  -11.316 1.00 29.01  ? 172 ILE A O   1 
ATOM   519  C CB  . ILE A 1 76  ? 0.589   -5.955  -9.679  1.00 16.61  ? 172 ILE A CB  1 
ATOM   520  C CG1 . ILE A 1 76  ? 0.638   -6.795  -8.399  1.00 17.50  ? 172 ILE A CG1 1 
ATOM   521  C CG2 . ILE A 1 76  ? 0.705   -6.838  -10.908 1.00 12.68  ? 172 ILE A CG2 1 
ATOM   522  C CD1 . ILE A 1 76  ? -0.588  -7.677  -8.202  1.00 16.60  ? 172 ILE A CD1 1 
ATOM   523  N N   . ARG A 1 77  ? 2.812   -4.317  -11.747 1.00 33.21  ? 173 ARG A N   1 
ATOM   524  C CA  . ARG A 1 77  ? 2.952   -3.638  -13.033 1.00 34.23  ? 173 ARG A CA  1 
ATOM   525  C C   . ARG A 1 77  ? 2.713   -4.585  -14.206 1.00 31.42  ? 173 ARG A C   1 
ATOM   526  O O   . ARG A 1 77  ? 3.339   -5.643  -14.304 1.00 29.35  ? 173 ARG A O   1 
ATOM   527  C CB  . ARG A 1 77  ? 4.334   -2.983  -13.162 1.00 32.71  ? 173 ARG A CB  1 
ATOM   528  C CG  . ARG A 1 77  ? 4.600   -2.371  -14.538 1.00 40.50  ? 173 ARG A CG  1 
ATOM   529  C CD  . ARG A 1 77  ? 5.986   -1.735  -14.635 1.00 38.91  ? 173 ARG A CD  1 
ATOM   530  N NE  . ARG A 1 77  ? 7.061   -2.724  -14.557 1.00 58.14  ? 173 ARG A NE  1 
ATOM   531  C CZ  . ARG A 1 77  ? 8.340   -2.465  -14.824 1.00 46.42  ? 173 ARG A CZ  1 
ATOM   532  N NH1 . ARG A 1 77  ? 8.711   -1.249  -15.195 1.00 46.76  ? 173 ARG A NH1 1 
ATOM   533  N NH2 . ARG A 1 77  ? 9.248   -3.427  -14.726 1.00 41.50  ? 173 ARG A NH2 1 
ATOM   534  N N   . CYS A 1 78  ? 1.798   -4.206  -15.090 1.00 46.80  ? 174 CYS A N   1 
ATOM   535  C CA  . CYS A 1 78  ? 1.616   -4.922  -16.345 1.00 44.64  ? 174 CYS A CA  1 
ATOM   536  C C   . CYS A 1 78  ? 2.275   -4.133  -17.464 1.00 44.63  ? 174 CYS A C   1 
ATOM   537  O O   . CYS A 1 78  ? 1.876   -3.007  -17.753 1.00 48.65  ? 174 CYS A O   1 
ATOM   538  C CB  . CYS A 1 78  ? 0.132   -5.112  -16.656 1.00 35.85  ? 174 CYS A CB  1 
ATOM   539  S SG  . CYS A 1 78  ? -0.182  -5.611  -18.368 1.00 67.55  ? 174 CYS A SG  1 
ATOM   540  N N   . GLN A 1 79  ? 3.292   -4.711  -18.091 1.00 47.50  ? 175 GLN A N   1 
ATOM   541  C CA  . GLN A 1 79  ? 3.939   -4.031  -19.204 1.00 49.70  ? 175 GLN A CA  1 
ATOM   542  C C   . GLN A 1 79  ? 4.430   -5.002  -20.268 1.00 60.64  ? 175 GLN A C   1 
ATOM   543  O O   . GLN A 1 79  ? 5.210   -5.915  -19.981 1.00 43.59  ? 175 GLN A O   1 
ATOM   544  C CB  . GLN A 1 79  ? 5.085   -3.143  -18.716 1.00 62.66  ? 175 GLN A CB  1 
ATOM   545  C CG  . GLN A 1 79  ? 5.241   -1.870  -19.540 1.00 59.15  ? 175 GLN A CG  1 
ATOM   546  C CD  . GLN A 1 79  ? 6.444   -1.043  -19.131 1.00 66.86  ? 175 GLN A CD  1 
ATOM   547  O OE1 . GLN A 1 79  ? 7.571   -1.542  -19.094 1.00 45.52  ? 175 GLN A OE1 1 
ATOM   548  N NE2 . GLN A 1 79  ? 6.209   0.229   -18.819 1.00 38.57  ? 175 GLN A NE2 1 
ATOM   549  N N   . GLU A 1 80  ? 3.960   -4.782  -21.494 1.00 61.33  ? 176 GLU A N   1 
ATOM   550  C CA  . GLU A 1 80  ? 4.301   -5.615  -22.643 1.00 59.57  ? 176 GLU A CA  1 
ATOM   551  C C   . GLU A 1 80  ? 3.871   -7.061  -22.404 1.00 47.81  ? 176 GLU A C   1 
ATOM   552  O O   . GLU A 1 80  ? 4.674   -7.991  -22.505 1.00 41.26  ? 176 GLU A O   1 
ATOM   553  C CB  . GLU A 1 80  ? 5.793   -5.485  -22.985 1.00 68.54  ? 176 GLU A CB  1 
ATOM   554  C CG  . GLU A 1 80  ? 6.225   -4.022  -23.140 1.00 66.81  ? 176 GLU A CG  1 
ATOM   555  C CD  . GLU A 1 80  ? 7.692   -3.845  -23.498 1.00 88.22  ? 176 GLU A CD  1 
ATOM   556  O OE1 . GLU A 1 80  ? 8.523   -4.679  -23.080 1.00 75.89  ? 176 GLU A OE1 1 
ATOM   557  O OE2 . GLU A 1 80  ? 8.010   -2.860  -24.198 1.00 85.48  ? 176 GLU A OE2 1 
ATOM   558  N N   . LEU A 1 81  ? 2.592   -7.212  -22.057 1.00 36.46  ? 177 LEU A N   1 
ATOM   559  C CA  . LEU A 1 81  ? 1.937   -8.511  -21.858 1.00 52.16  ? 177 LEU A CA  1 
ATOM   560  C C   . LEU A 1 81  ? 2.462   -9.325  -20.667 1.00 46.26  ? 177 LEU A C   1 
ATOM   561  O O   . LEU A 1 81  ? 2.074   -10.480 -20.482 1.00 36.20  ? 177 LEU A O   1 
ATOM   562  C CB  . LEU A 1 81  ? 1.973   -9.346  -23.147 1.00 66.45  ? 177 LEU A CB  1 
ATOM   563  C CG  . LEU A 1 81  ? 1.246   -8.774  -24.367 1.00 71.05  ? 177 LEU A CG  1 
ATOM   564  C CD1 . LEU A 1 81  ? 1.640   -9.532  -25.626 1.00 52.60  ? 177 LEU A CD1 1 
ATOM   565  C CD2 . LEU A 1 81  ? -0.262  -8.816  -24.172 1.00 43.25  ? 177 LEU A CD2 1 
ATOM   566  N N   . LYS A 1 82  ? 3.320   -8.716  -19.850 1.00 41.32  ? 178 LYS A N   1 
ATOM   567  C CA  . LYS A 1 82  ? 3.917   -9.418  -18.714 1.00 36.56  ? 178 LYS A CA  1 
ATOM   568  C C   . LYS A 1 82  ? 3.746   -8.694  -17.377 1.00 41.80  ? 178 LYS A C   1 
ATOM   569  O O   . LYS A 1 82  ? 3.709   -7.461  -17.317 1.00 28.33  ? 178 LYS A O   1 
ATOM   570  C CB  . LYS A 1 82  ? 5.399   -9.716  -18.985 1.00 29.74  ? 178 LYS A CB  1 
ATOM   571  C CG  . LYS A 1 82  ? 5.639   -10.993 -19.782 1.00 51.45  ? 178 LYS A CG  1 
ATOM   572  C CD  . LYS A 1 82  ? 7.080   -11.084 -20.264 1.00 48.88  ? 178 LYS A CD  1 
ATOM   573  C CE  . LYS A 1 82  ? 7.437   -12.488 -20.746 1.00 51.70  ? 178 LYS A CE  1 
ATOM   574  N NZ  . LYS A 1 82  ? 7.738   -13.418 -19.618 1.00 44.33  ? 178 LYS A NZ  1 
ATOM   575  N N   . TYR A 1 83  ? 3.637   -9.481  -16.309 1.00 29.65  ? 179 TYR A N   1 
ATOM   576  C CA  . TYR A 1 83  ? 3.499   -8.947  -14.957 1.00 26.50  ? 179 TYR A CA  1 
ATOM   577  C C   . TYR A 1 83  ? 4.840   -8.931  -14.232 1.00 23.39  ? 179 TYR A C   1 
ATOM   578  O O   . TYR A 1 83  ? 5.651   -9.845  -14.393 1.00 24.18  ? 179 TYR A O   1 
ATOM   579  C CB  . TYR A 1 83  ? 2.520   -9.799  -14.142 1.00 25.49  ? 179 TYR A CB  1 
ATOM   580  C CG  . TYR A 1 83  ? 1.066   -9.640  -14.521 1.00 26.37  ? 179 TYR A CG  1 
ATOM   581  C CD1 . TYR A 1 83  ? 0.364   -8.492  -14.176 1.00 28.72  ? 179 TYR A CD1 1 
ATOM   582  C CD2 . TYR A 1 83  ? 0.385   -10.648 -15.196 1.00 25.69  ? 179 TYR A CD2 1 
ATOM   583  C CE1 . TYR A 1 83  ? -0.968  -8.342  -14.510 1.00 24.33  ? 179 TYR A CE1 1 
ATOM   584  C CE2 . TYR A 1 83  ? -0.949  -10.510 -15.530 1.00 23.97  ? 179 TYR A CE2 1 
ATOM   585  C CZ  . TYR A 1 83  ? -1.619  -9.354  -15.182 1.00 35.01  ? 179 TYR A CZ  1 
ATOM   586  O OH  . TYR A 1 83  ? -2.948  -9.201  -15.512 1.00 36.85  ? 179 TYR A OH  1 
ATOM   587  N N   . ASP A 1 84  ? 5.070   -7.884  -13.444 1.00 14.55  ? 180 ASP A N   1 
ATOM   588  C CA  . ASP A 1 84  ? 6.141   -7.894  -12.448 1.00 25.23  ? 180 ASP A CA  1 
ATOM   589  C C   . ASP A 1 84  ? 5.778   -6.996  -11.273 1.00 19.10  ? 180 ASP A C   1 
ATOM   590  O O   . ASP A 1 84  ? 4.759   -6.302  -11.307 1.00 17.79  ? 180 ASP A O   1 
ATOM   591  C CB  . ASP A 1 84  ? 7.513   -7.523  -13.047 1.00 40.34  ? 180 ASP A CB  1 
ATOM   592  C CG  . ASP A 1 84  ? 7.594   -6.076  -13.534 1.00 35.56  ? 180 ASP A CG  1 
ATOM   593  O OD1 . ASP A 1 84  ? 6.623   -5.304  -13.392 1.00 38.35  ? 180 ASP A OD1 1 
ATOM   594  O OD2 . ASP A 1 84  ? 8.665   -5.706  -14.062 1.00 57.98  ? 180 ASP A OD2 1 
ATOM   595  N N   . VAL A 1 85  ? 6.609   -7.015  -10.238 1.00 26.40  ? 181 VAL A N   1 
ATOM   596  C CA  . VAL A 1 85  ? 6.380   -6.180  -9.067  1.00 26.13  ? 181 VAL A CA  1 
ATOM   597  C C   . VAL A 1 85  ? 7.408   -5.053  -8.999  1.00 33.66  ? 181 VAL A C   1 
ATOM   598  O O   . VAL A 1 85  ? 7.929   -4.739  -7.929  1.00 39.42  ? 181 VAL A O   1 
ATOM   599  C CB  . VAL A 1 85  ? 6.392   -7.010  -7.762  1.00 33.72  ? 181 VAL A CB  1 
ATOM   600  C CG1 . VAL A 1 85  ? 5.124   -7.845  -7.650  1.00 27.16  ? 181 VAL A CG1 1 
ATOM   601  C CG2 . VAL A 1 85  ? 7.624   -7.903  -7.704  1.00 27.83  ? 181 VAL A CG2 1 
ATOM   602  N N   . GLY A 1 86  ? 7.700   -4.453  -10.151 1.00 41.94  ? 182 GLY A N   1 
ATOM   603  C CA  . GLY A 1 86  ? 8.586   -3.302  -10.210 1.00 41.81  ? 182 GLY A CA  1 
ATOM   604  C C   . GLY A 1 86  ? 9.956   -3.571  -10.789 1.00 54.76  ? 182 GLY A C   1 
ATOM   605  O O   . GLY A 1 86  ? 10.650  -2.650  -11.223 1.00 65.70  ? 182 GLY A O   1 
ATOM   606  N N   . GLY A 1 87  ? 10.345  -4.839  -10.790 1.00 60.46  ? 183 GLY A N   1 
ATOM   607  C CA  . GLY A 1 87  ? 11.641  -5.234  -11.299 1.00 51.43  ? 183 GLY A CA  1 
ATOM   608  C C   . GLY A 1 87  ? 11.795  -6.735  -11.220 1.00 44.20  ? 183 GLY A C   1 
ATOM   609  O O   . GLY A 1 87  ? 10.820  -7.452  -10.998 1.00 51.93  ? 183 GLY A O   1 
ATOM   610  N N   . GLY A 1 88  ? 13.022  -7.212  -11.396 1.00 41.00  ? 184 GLY A N   1 
ATOM   611  C CA  . GLY A 1 88  ? 13.288  -8.637  -11.392 1.00 37.19  ? 184 GLY A CA  1 
ATOM   612  C C   . GLY A 1 88  ? 12.455  -9.417  -12.394 1.00 41.13  ? 184 GLY A C   1 
ATOM   613  O O   . GLY A 1 88  ? 12.207  -8.969  -13.514 1.00 35.11  ? 184 GLY A O   1 
ATOM   614  N N   . GLU A 1 89  ? 12.000  -10.586 -11.962 1.00 32.51  ? 185 GLU A N   1 
ATOM   615  C CA  . GLU A 1 89  ? 11.324  -11.558 -12.815 1.00 30.07  ? 185 GLU A CA  1 
ATOM   616  C C   . GLU A 1 89  ? 9.959   -11.119 -13.359 1.00 29.01  ? 185 GLU A C   1 
ATOM   617  O O   . GLU A 1 89  ? 9.240   -10.337 -12.732 1.00 33.50  ? 185 GLU A O   1 
ATOM   618  C CB  . GLU A 1 89  ? 11.193  -12.885 -12.063 1.00 43.76  ? 185 GLU A CB  1 
ATOM   619  C CG  . GLU A 1 89  ? 10.683  -12.743 -10.626 1.00 58.32  ? 185 GLU A CG  1 
ATOM   620  C CD  . GLU A 1 89  ? 11.756  -12.320 -9.632  1.00 55.56  ? 185 GLU A CD  1 
ATOM   621  O OE1 . GLU A 1 89  ? 12.461  -13.204 -9.104  1.00 40.97  ? 185 GLU A OE1 1 
ATOM   622  O OE2 . GLU A 1 89  ? 11.890  -11.101 -9.375  1.00 42.77  ? 185 GLU A OE2 1 
ATOM   623  N N   . ARG A 1 90  ? 9.617   -11.636 -14.538 1.00 29.92  ? 186 ARG A N   1 
ATOM   624  C CA  . ARG A 1 90  ? 8.385   -11.264 -15.231 1.00 39.36  ? 186 ARG A CA  1 
ATOM   625  C C   . ARG A 1 90  ? 7.553   -12.496 -15.570 1.00 38.08  ? 186 ARG A C   1 
ATOM   626  O O   . ARG A 1 90  ? 8.095   -13.557 -15.880 1.00 38.14  ? 186 ARG A O   1 
ATOM   627  C CB  . ARG A 1 90  ? 8.713   -10.493 -16.509 1.00 44.12  ? 186 ARG A CB  1 
ATOM   628  C CG  . ARG A 1 90  ? 9.928   -9.591  -16.383 1.00 39.21  ? 186 ARG A CG  1 
ATOM   629  C CD  . ARG A 1 90  ? 9.651   -8.224  -16.969 1.00 54.71  ? 186 ARG A CD  1 
ATOM   630  N NE  . ARG A 1 90  ? 9.268   -8.305  -18.375 1.00 76.19  ? 186 ARG A NE  1 
ATOM   631  C CZ  . ARG A 1 90  ? 9.875   -7.641  -19.354 1.00 87.25  ? 186 ARG A CZ  1 
ATOM   632  N NH1 . ARG A 1 90  ? 10.893  -6.837  -19.082 1.00 71.29  ? 186 ARG A NH1 1 
ATOM   633  N NH2 . ARG A 1 90  ? 9.460   -7.777  -20.606 1.00 80.09  ? 186 ARG A NH2 1 
ATOM   634  N N   . PHE A 1 91  ? 6.231   -12.349 -15.524 1.00 29.49  ? 187 PHE A N   1 
ATOM   635  C CA  . PHE A 1 91  ? 5.348   -13.503 -15.652 1.00 34.01  ? 187 PHE A CA  1 
ATOM   636  C C   . PHE A 1 91  ? 4.198   -13.275 -16.626 1.00 39.04  ? 187 PHE A C   1 
ATOM   637  O O   . PHE A 1 91  ? 3.670   -12.165 -16.738 1.00 30.76  ? 187 PHE A O   1 
ATOM   638  C CB  . PHE A 1 91  ? 4.797   -13.891 -14.277 1.00 23.64  ? 187 PHE A CB  1 
ATOM   639  C CG  . PHE A 1 91  ? 5.855   -14.031 -13.223 1.00 25.26  ? 187 PHE A CG  1 
ATOM   640  C CD1 . PHE A 1 91  ? 6.508   -15.242 -13.035 1.00 34.93  ? 187 PHE A CD1 1 
ATOM   641  C CD2 . PHE A 1 91  ? 6.207   -12.948 -12.428 1.00 35.64  ? 187 PHE A CD2 1 
ATOM   642  C CE1 . PHE A 1 91  ? 7.488   -15.372 -12.067 1.00 37.11  ? 187 PHE A CE1 1 
ATOM   643  C CE2 . PHE A 1 91  ? 7.182   -13.070 -11.456 1.00 28.37  ? 187 PHE A CE2 1 
ATOM   644  C CZ  . PHE A 1 91  ? 7.821   -14.284 -11.274 1.00 38.36  ? 187 PHE A CZ  1 
ATOM   645  N N   . ASP A 1 92  ? 3.813   -14.340 -17.324 1.00 33.63  ? 188 ASP A N   1 
ATOM   646  C CA  . ASP A 1 92  ? 2.709   -14.278 -18.269 1.00 24.70  ? 188 ASP A CA  1 
ATOM   647  C C   . ASP A 1 92  ? 1.374   -14.132 -17.534 1.00 24.24  ? 188 ASP A C   1 
ATOM   648  O O   . ASP A 1 92  ? 0.387   -13.671 -18.107 1.00 27.39  ? 188 ASP A O   1 
ATOM   649  C CB  . ASP A 1 92  ? 2.709   -15.524 -19.161 1.00 31.73  ? 188 ASP A CB  1 
ATOM   650  C CG  . ASP A 1 92  ? 4.002   -15.681 -19.941 1.00 34.63  ? 188 ASP A CG  1 
ATOM   651  O OD1 . ASP A 1 92  ? 4.490   -14.667 -20.484 1.00 46.32  ? 188 ASP A OD1 1 
ATOM   652  O OD2 . ASP A 1 92  ? 4.534   -16.811 -20.005 1.00 51.60  ? 188 ASP A OD2 1 
ATOM   653  N N   . SER A 1 93  ? 1.361   -14.514 -16.258 1.00 26.23  ? 189 SER A N   1 
ATOM   654  C CA  . SER A 1 93  ? 0.153   -14.424 -15.438 1.00 24.05  ? 189 SER A CA  1 
ATOM   655  C C   . SER A 1 93  ? 0.463   -14.076 -13.985 1.00 17.93  ? 189 SER A C   1 
ATOM   656  O O   . SER A 1 93  ? 1.575   -14.304 -13.504 1.00 33.06  ? 189 SER A O   1 
ATOM   657  C CB  . SER A 1 93  ? -0.633  -15.738 -15.491 1.00 24.53  ? 189 SER A CB  1 
ATOM   658  O OG  . SER A 1 93  ? 0.060   -16.778 -14.812 1.00 29.41  ? 189 SER A OG  1 
ATOM   659  N N   . LEU A 1 94  ? -0.531  -13.530 -13.289 1.00 20.81  ? 190 LEU A N   1 
ATOM   660  C CA  . LEU A 1 94  ? -0.407  -13.250 -11.860 1.00 33.06  ? 190 LEU A CA  1 
ATOM   661  C C   . LEU A 1 94  ? -0.279  -14.541 -11.060 1.00 30.32  ? 190 LEU A C   1 
ATOM   662  O O   . LEU A 1 94  ? 0.399   -14.581 -10.029 1.00 26.36  ? 190 LEU A O   1 
ATOM   663  C CB  . LEU A 1 94  ? -1.610  -12.447 -11.355 1.00 30.89  ? 190 LEU A CB  1 
ATOM   664  C CG  . LEU A 1 94  ? -1.563  -10.930 -11.533 1.00 35.22  ? 190 LEU A CG  1 
ATOM   665  C CD1 . LEU A 1 94  ? -2.702  -10.265 -10.781 1.00 27.85  ? 190 LEU A CD1 1 
ATOM   666  C CD2 . LEU A 1 94  ? -0.222  -10.379 -11.072 1.00 29.86  ? 190 LEU A CD2 1 
ATOM   667  N N   . THR A 1 95  ? -0.944  -15.590 -11.537 1.00 23.69  ? 191 THR A N   1 
ATOM   668  C CA  . THR A 1 95  ? -0.889  -16.900 -10.896 1.00 31.42  ? 191 THR A CA  1 
ATOM   669  C C   . THR A 1 95  ? 0.547   -17.427 -10.866 1.00 27.52  ? 191 THR A C   1 
ATOM   670  O O   . THR A 1 95  ? 0.998   -17.963 -9.849  1.00 27.98  ? 191 THR A O   1 
ATOM   671  C CB  . THR A 1 95  ? -1.815  -17.905 -11.608 1.00 35.13  ? 191 THR A CB  1 
ATOM   672  O OG1 . THR A 1 95  ? -3.179  -17.483 -11.463 1.00 38.00  ? 191 THR A OG1 1 
ATOM   673  C CG2 . THR A 1 95  ? -1.656  -19.298 -11.016 1.00 35.60  ? 191 THR A CG2 1 
ATOM   674  N N   . ASP A 1 96  ? 1.258   -17.256 -11.981 1.00 16.98  ? 192 ASP A N   1 
ATOM   675  C CA  . ASP A 1 96  ? 2.676   -17.608 -12.062 1.00 27.13  ? 192 ASP A CA  1 
ATOM   676  C C   . ASP A 1 96  ? 3.514   -16.735 -11.136 1.00 29.95  ? 192 ASP A C   1 
ATOM   677  O O   . ASP A 1 96  ? 4.449   -17.215 -10.493 1.00 29.03  ? 192 ASP A O   1 
ATOM   678  C CB  . ASP A 1 96  ? 3.193   -17.443 -13.498 1.00 18.10  ? 192 ASP A CB  1 
ATOM   679  C CG  . ASP A 1 96  ? 2.755   -18.562 -14.413 1.00 29.45  ? 192 ASP A CG  1 
ATOM   680  O OD1 . ASP A 1 96  ? 2.279   -19.600 -13.906 1.00 23.49  ? 192 ASP A OD1 1 
ATOM   681  O OD2 . ASP A 1 96  ? 2.901   -18.402 -15.646 1.00 30.05  ? 192 ASP A OD2 1 
ATOM   682  N N   . LEU A 1 97  ? 3.185   -15.448 -11.092 1.00 28.51  ? 193 LEU A N   1 
ATOM   683  C CA  . LEU A 1 97  ? 3.888   -14.499 -10.231 1.00 21.46  ? 193 LEU A CA  1 
ATOM   684  C C   . LEU A 1 97  ? 3.724   -14.897 -8.767  1.00 21.52  ? 193 LEU A C   1 
ATOM   685  O O   . LEU A 1 97  ? 4.693   -14.914 -8.001  1.00 11.63  ? 193 LEU A O   1 
ATOM   686  C CB  . LEU A 1 97  ? 3.361   -13.077 -10.468 1.00 17.37  ? 193 LEU A CB  1 
ATOM   687  C CG  . LEU A 1 97  ? 3.985   -11.928 -9.664  1.00 27.47  ? 193 LEU A CG  1 
ATOM   688  C CD1 . LEU A 1 97  ? 4.065   -10.657 -10.502 1.00 22.72  ? 193 LEU A CD1 1 
ATOM   689  C CD2 . LEU A 1 97  ? 3.188   -11.668 -8.396  1.00 11.95  ? 193 LEU A CD2 1 
ATOM   690  N N   . VAL A 1 98  ? 2.489   -15.219 -8.392  1.00 13.02  ? 194 VAL A N   1 
ATOM   691  C CA  . VAL A 1 98  ? 2.170   -15.629 -7.026  1.00 22.53  ? 194 VAL A CA  1 
ATOM   692  C C   . VAL A 1 98  ? 2.926   -16.892 -6.603  1.00 28.07  ? 194 VAL A C   1 
ATOM   693  O O   . VAL A 1 98  ? 3.498   -16.941 -5.512  1.00 23.87  ? 194 VAL A O   1 
ATOM   694  C CB  . VAL A 1 98  ? 0.649   -15.822 -6.851  1.00 26.76  ? 194 VAL A CB  1 
ATOM   695  C CG1 . VAL A 1 98  ? 0.350   -16.714 -5.665  1.00 24.00  ? 194 VAL A CG1 1 
ATOM   696  C CG2 . VAL A 1 98  ? -0.036  -14.475 -6.698  1.00 21.55  ? 194 VAL A CG2 1 
ATOM   697  N N   . GLU A 1 99  ? 2.944   -17.902 -7.470  1.00 23.00  ? 195 GLU A N   1 
ATOM   698  C CA  . GLU A 1 99  ? 3.668   -19.143 -7.183  1.00 26.79  ? 195 GLU A CA  1 
ATOM   699  C C   . GLU A 1 99  ? 5.164   -18.910 -6.991  1.00 22.23  ? 195 GLU A C   1 
ATOM   700  O O   . GLU A 1 99  ? 5.777   -19.484 -6.091  1.00 20.55  ? 195 GLU A O   1 
ATOM   701  C CB  . GLU A 1 99  ? 3.436   -20.176 -8.286  1.00 22.47  ? 195 GLU A CB  1 
ATOM   702  C CG  . GLU A 1 99  ? 2.032   -20.743 -8.291  1.00 34.20  ? 195 GLU A CG  1 
ATOM   703  C CD  . GLU A 1 99  ? 1.624   -21.267 -6.928  1.00 48.90  ? 195 GLU A CD  1 
ATOM   704  O OE1 . GLU A 1 99  ? 2.305   -22.179 -6.409  1.00 40.91  ? 195 GLU A OE1 1 
ATOM   705  O OE2 . GLU A 1 99  ? 0.629   -20.760 -6.367  1.00 35.09  ? 195 GLU A OE2 1 
ATOM   706  N N   . HIS A 1 100 ? 5.742   -18.065 -7.838  1.00 18.81  ? 196 HIS A N   1 
ATOM   707  C CA  . HIS A 1 100 ? 7.166   -17.751 -7.760  1.00 17.20  ? 196 HIS A CA  1 
ATOM   708  C C   . HIS A 1 100 ? 7.541   -17.086 -6.433  1.00 18.73  ? 196 HIS A C   1 
ATOM   709  O O   . HIS A 1 100 ? 8.612   -17.340 -5.875  1.00 17.50  ? 196 HIS A O   1 
ATOM   710  C CB  . HIS A 1 100 ? 7.571   -16.856 -8.936  1.00 16.83  ? 196 HIS A CB  1 
ATOM   711  C CG  . HIS A 1 100 ? 8.984   -16.365 -8.869  1.00 27.44  ? 196 HIS A CG  1 
ATOM   712  N ND1 . HIS A 1 100 ? 10.048  -17.088 -9.365  1.00 29.52  ? 196 HIS A ND1 1 
ATOM   713  C CD2 . HIS A 1 100 ? 9.507   -15.220 -8.372  1.00 19.92  ? 196 HIS A CD2 1 
ATOM   714  C CE1 . HIS A 1 100 ? 11.166  -16.412 -9.169  1.00 29.61  ? 196 HIS A CE1 1 
ATOM   715  N NE2 . HIS A 1 100 ? 10.866  -15.274 -8.568  1.00 35.61  ? 196 HIS A NE2 1 
ATOM   716  N N   . TYR A 1 101 ? 6.655   -16.238 -5.923  1.00 15.02  ? 197 TYR A N   1 
ATOM   717  C CA  . TYR A 1 101 ? 6.934   -15.518 -4.682  1.00 22.16  ? 197 TYR A CA  1 
ATOM   718  C C   . TYR A 1 101 ? 6.440   -16.240 -3.425  1.00 21.54  ? 197 TYR A C   1 
ATOM   719  O O   . TYR A 1 101 ? 6.535   -15.710 -2.318  1.00 23.07  ? 197 TYR A O   1 
ATOM   720  C CB  . TYR A 1 101 ? 6.412   -14.082 -4.763  1.00 22.38  ? 197 TYR A CB  1 
ATOM   721  C CG  . TYR A 1 101 ? 7.229   -13.228 -5.700  1.00 21.42  ? 197 TYR A CG  1 
ATOM   722  C CD1 . TYR A 1 101 ? 8.576   -12.997 -5.454  1.00 20.91  ? 197 TYR A CD1 1 
ATOM   723  C CD2 . TYR A 1 101 ? 6.660   -12.660 -6.832  1.00 12.76  ? 197 TYR A CD2 1 
ATOM   724  C CE1 . TYR A 1 101 ? 9.336   -12.222 -6.306  1.00 25.05  ? 197 TYR A CE1 1 
ATOM   725  C CE2 . TYR A 1 101 ? 7.408   -11.878 -7.692  1.00 21.56  ? 197 TYR A CE2 1 
ATOM   726  C CZ  . TYR A 1 101 ? 8.747   -11.667 -7.423  1.00 30.63  ? 197 TYR A CZ  1 
ATOM   727  O OH  . TYR A 1 101 ? 9.502   -10.891 -8.271  1.00 28.51  ? 197 TYR A OH  1 
ATOM   728  N N   . LYS A 1 102 ? 5.913   -17.448 -3.600  1.00 26.88  ? 198 LYS A N   1 
ATOM   729  C CA  . LYS A 1 102 ? 5.739   -18.361 -2.476  1.00 27.81  ? 198 LYS A CA  1 
ATOM   730  C C   . LYS A 1 102 ? 7.072   -19.057 -2.225  1.00 26.42  ? 198 LYS A C   1 
ATOM   731  O O   . LYS A 1 102 ? 7.448   -19.332 -1.083  1.00 26.01  ? 198 LYS A O   1 
ATOM   732  C CB  . LYS A 1 102 ? 4.679   -19.420 -2.789  1.00 20.78  ? 198 LYS A CB  1 
ATOM   733  C CG  . LYS A 1 102 ? 3.244   -18.923 -2.842  1.00 20.60  ? 198 LYS A CG  1 
ATOM   734  C CD  . LYS A 1 102 ? 2.314   -20.110 -3.074  1.00 27.07  ? 198 LYS A CD  1 
ATOM   735  C CE  . LYS A 1 102 ? 0.853   -19.701 -3.126  1.00 39.05  ? 198 LYS A CE  1 
ATOM   736  N NZ  . LYS A 1 102 ? -0.025  -20.875 -3.410  1.00 33.22  ? 198 LYS A NZ  1 
ATOM   737  N N   . LYS A 1 103 ? 7.785   -19.337 -3.312  1.00 21.88  ? 199 LYS A N   1 
ATOM   738  C CA  . LYS A 1 103 ? 9.053   -20.058 -3.245  1.00 26.30  ? 199 LYS A CA  1 
ATOM   739  C C   . LYS A 1 103 ? 10.247  -19.120 -3.092  1.00 28.99  ? 199 LYS A C   1 
ATOM   740  O O   . LYS A 1 103 ? 11.303  -19.523 -2.601  1.00 32.79  ? 199 LYS A O   1 
ATOM   741  C CB  . LYS A 1 103 ? 9.230   -20.914 -4.501  1.00 23.14  ? 199 LYS A CB  1 
ATOM   742  C CG  . LYS A 1 103 ? 8.026   -21.773 -4.863  1.00 25.82  ? 199 LYS A CG  1 
ATOM   743  C CD  . LYS A 1 103 ? 8.353   -22.645 -6.068  1.00 31.24  ? 199 LYS A CD  1 
ATOM   744  C CE  . LYS A 1 103 ? 7.106   -23.056 -6.837  1.00 51.16  ? 199 LYS A CE  1 
ATOM   745  N NZ  . LYS A 1 103 ? 7.451   -23.778 -8.099  1.00 46.70  ? 199 LYS A NZ  1 
ATOM   746  N N   . ASN A 1 104 ? 10.076  -17.873 -3.521  1.00 28.45  ? 200 ASN A N   1 
ATOM   747  C CA  . ASN A 1 104 ? 11.153  -16.890 -3.468  1.00 20.63  ? 200 ASN A CA  1 
ATOM   748  C C   . ASN A 1 104 ? 10.767  -15.646 -2.678  1.00 30.65  ? 200 ASN A C   1 
ATOM   749  O O   . ASN A 1 104 ? 9.596   -15.254 -2.663  1.00 32.65  ? 200 ASN A O   1 
ATOM   750  C CB  . ASN A 1 104 ? 11.589  -16.507 -4.886  1.00 20.95  ? 200 ASN A CB  1 
ATOM   751  C CG  . ASN A 1 104 ? 12.133  -17.690 -5.664  1.00 28.55  ? 200 ASN A CG  1 
ATOM   752  O OD1 . ASN A 1 104 ? 11.418  -18.313 -6.448  1.00 32.84  ? 200 ASN A OD1 1 
ATOM   753  N ND2 . ASN A 1 104 ? 13.403  -18.011 -5.445  1.00 30.27  ? 200 ASN A ND2 1 
ATOM   754  N N   . PRO A 1 105 ? 11.750  -15.033 -1.997  1.00 41.97  ? 201 PRO A N   1 
ATOM   755  C CA  . PRO A 1 105 ? 11.506  -13.767 -1.304  1.00 33.78  ? 201 PRO A CA  1 
ATOM   756  C C   . PRO A 1 105 ? 11.299  -12.665 -2.327  1.00 25.87  ? 201 PRO A C   1 
ATOM   757  O O   . PRO A 1 105 ? 11.974  -12.654 -3.359  1.00 26.59  ? 201 PRO A O   1 
ATOM   758  C CB  . PRO A 1 105 ? 12.811  -13.529 -0.533  1.00 32.54  ? 201 PRO A CB  1 
ATOM   759  C CG  . PRO A 1 105 ? 13.855  -14.282 -1.308  1.00 30.21  ? 201 PRO A CG  1 
ATOM   760  C CD  . PRO A 1 105 ? 13.142  -15.497 -1.834  1.00 38.08  ? 201 PRO A CD  1 
ATOM   761  N N   . MET A 1 106 ? 10.366  -11.762 -2.053  1.00 24.55  ? 202 MET A N   1 
ATOM   762  C CA  . MET A 1 106 ? 10.084  -10.657 -2.959  1.00 38.97  ? 202 MET A CA  1 
ATOM   763  C C   . MET A 1 106 ? 11.084  -9.534  -2.731  1.00 23.81  ? 202 MET A C   1 
ATOM   764  O O   . MET A 1 106 ? 11.757  -9.078  -3.660  1.00 35.31  ? 202 MET A O   1 
ATOM   765  C CB  . MET A 1 106 ? 8.658   -10.153 -2.725  1.00 31.49  ? 202 MET A CB  1 
ATOM   766  C CG  . MET A 1 106 ? 8.228   -8.999  -3.613  1.00 35.71  ? 202 MET A CG  1 
ATOM   767  S SD  . MET A 1 106 ? 6.521   -9.226  -4.157  1.00 43.34  ? 202 MET A SD  1 
ATOM   768  C CE  . MET A 1 106 ? 5.835   -10.107 -2.752  1.00 11.69  ? 202 MET A CE  1 
ATOM   769  N N   . VAL A 1 107 ? 11.182  -9.104  -1.479  1.00 26.13  ? 203 VAL A N   1 
ATOM   770  C CA  . VAL A 1 107 ? 12.002  -7.959  -1.123  1.00 23.06  ? 203 VAL A CA  1 
ATOM   771  C C   . VAL A 1 107 ? 12.178  -7.914  0.390   1.00 27.69  ? 203 VAL A C   1 
ATOM   772  O O   . VAL A 1 107 ? 11.375  -8.491  1.128   1.00 28.63  ? 203 VAL A O   1 
ATOM   773  C CB  . VAL A 1 107 ? 11.338  -6.646  -1.615  1.00 30.71  ? 203 VAL A CB  1 
ATOM   774  C CG1 . VAL A 1 107 ? 10.241  -6.197  -0.654  1.00 22.42  ? 203 VAL A CG1 1 
ATOM   775  C CG2 . VAL A 1 107 ? 12.366  -5.561  -1.778  1.00 24.26  ? 203 VAL A CG2 1 
ATOM   776  N N   . GLU A 1 108 ? 13.240  -7.261  0.855   1.00 30.57  ? 204 GLU A N   1 
ATOM   777  C CA  . GLU A 1 108 ? 13.330  -6.906  2.270   1.00 41.07  ? 204 GLU A CA  1 
ATOM   778  C C   . GLU A 1 108 ? 13.172  -5.401  2.414   1.00 24.09  ? 204 GLU A C   1 
ATOM   779  O O   . GLU A 1 108 ? 14.035  -4.629  1.992   1.00 24.21  ? 204 GLU A O   1 
ATOM   780  C CB  . GLU A 1 108 ? 14.638  -7.369  2.919   1.00 30.96  ? 204 GLU A CB  1 
ATOM   781  C CG  . GLU A 1 108 ? 14.691  -7.050  4.413   1.00 43.93  ? 204 GLU A CG  1 
ATOM   782  C CD  . GLU A 1 108 ? 15.830  -7.738  5.137   1.00 66.76  ? 204 GLU A CD  1 
ATOM   783  O OE1 . GLU A 1 108 ? 16.887  -7.976  4.513   1.00 49.06  ? 204 GLU A OE1 1 
ATOM   784  O OE2 . GLU A 1 108 ? 15.664  -8.044  6.338   1.00 47.60  ? 204 GLU A OE2 1 
ATOM   785  N N   . THR A 1 109 ? 12.057  -4.986  3.000   1.00 30.05  ? 205 THR A N   1 
ATOM   786  C CA  . THR A 1 109 ? 11.775  -3.569  3.152   1.00 23.56  ? 205 THR A CA  1 
ATOM   787  C C   . THR A 1 109 ? 10.862  -3.346  4.348   1.00 22.18  ? 205 THR A C   1 
ATOM   788  O O   . THR A 1 109 ? 10.103  -4.241  4.734   1.00 25.99  ? 205 THR A O   1 
ATOM   789  C CB  . THR A 1 109 ? 11.151  -2.974  1.866   1.00 27.19  ? 205 THR A CB  1 
ATOM   790  O OG1 . THR A 1 109 ? 11.279  -1.547  1.881   1.00 32.47  ? 205 THR A OG1 1 
ATOM   791  C CG2 . THR A 1 109 ? 9.678   -3.362  1.736   1.00 24.57  ? 205 THR A CG2 1 
ATOM   792  N N   . LEU A 1 110 ? 10.959  -2.156  4.938   1.00 21.66  ? 206 LEU A N   1 
ATOM   793  C CA  . LEU A 1 110 ? 10.145  -1.789  6.093   1.00 32.51  ? 206 LEU A CA  1 
ATOM   794  C C   . LEU A 1 110 ? 10.296  -2.798  7.231   1.00 24.57  ? 206 LEU A C   1 
ATOM   795  O O   . LEU A 1 110 ? 9.319   -3.159  7.890   1.00 32.37  ? 206 LEU A O   1 
ATOM   796  C CB  . LEU A 1 110 ? 8.672   -1.632  5.695   1.00 30.51  ? 206 LEU A CB  1 
ATOM   797  C CG  . LEU A 1 110 ? 8.411   -0.661  4.538   1.00 35.35  ? 206 LEU A CG  1 
ATOM   798  C CD1 . LEU A 1 110 ? 6.919   -0.454  4.301   1.00 35.17  ? 206 LEU A CD1 1 
ATOM   799  C CD2 . LEU A 1 110 ? 9.098   0.668   4.791   1.00 25.39  ? 206 LEU A CD2 1 
ATOM   800  N N   . GLY A 1 111 ? 11.528  -3.259  7.441   1.00 42.58  ? 207 GLY A N   1 
ATOM   801  C CA  . GLY A 1 111 ? 11.847  -4.165  8.533   1.00 35.76  ? 207 GLY A CA  1 
ATOM   802  C C   . GLY A 1 111 ? 11.103  -5.488  8.497   1.00 60.41  ? 207 GLY A C   1 
ATOM   803  O O   . GLY A 1 111 ? 10.782  -6.056  9.543   1.00 62.34  ? 207 GLY A O   1 
ATOM   804  N N   . THR A 1 112 ? 10.821  -5.975  7.291   1.00 37.10  ? 208 THR A N   1 
ATOM   805  C CA  . THR A 1 112 ? 10.144  -7.258  7.123   1.00 37.79  ? 208 THR A CA  1 
ATOM   806  C C   . THR A 1 112 ? 10.557  -7.900  5.795   1.00 46.97  ? 208 THR A C   1 
ATOM   807  O O   . THR A 1 112 ? 10.751  -7.211  4.788   1.00 41.24  ? 208 THR A O   1 
ATOM   808  C CB  . THR A 1 112 ? 8.592   -7.118  7.240   1.00 43.81  ? 208 THR A CB  1 
ATOM   809  O OG1 . THR A 1 112 ? 8.001   -8.384  7.569   1.00 59.46  ? 208 THR A OG1 1 
ATOM   810  C CG2 . THR A 1 112 ? 7.979   -6.580  5.949   1.00 50.16  ? 208 THR A CG2 1 
ATOM   811  N N   . VAL A 1 113 ? 10.723  -9.219  5.801   1.00 56.37  ? 209 VAL A N   1 
ATOM   812  C CA  . VAL A 1 113 ? 11.106  -9.937  4.588   1.00 38.77  ? 209 VAL A CA  1 
ATOM   813  C C   . VAL A 1 113 ? 9.850   -10.401 3.850   1.00 49.49  ? 209 VAL A C   1 
ATOM   814  O O   . VAL A 1 113 ? 9.045   -11.166 4.389   1.00 53.80  ? 209 VAL A O   1 
ATOM   815  C CB  . VAL A 1 113 ? 12.028  -11.127 4.901   1.00 50.99  ? 209 VAL A CB  1 
ATOM   816  C CG1 . VAL A 1 113 ? 13.102  -11.265 3.826   1.00 33.86  ? 209 VAL A CG1 1 
ATOM   817  C CG2 . VAL A 1 113 ? 12.672  -10.944 6.271   1.00 50.45  ? 209 VAL A CG2 1 
ATOM   818  N N   . LEU A 1 114 ? 9.677   -9.924  2.620   1.00 27.34  ? 210 LEU A N   1 
ATOM   819  C CA  . LEU A 1 114 ? 8.423   -10.125 1.898   1.00 32.98  ? 210 LEU A CA  1 
ATOM   820  C C   . LEU A 1 114 ? 8.407   -11.426 1.089   1.00 29.16  ? 210 LEU A C   1 
ATOM   821  O O   . LEU A 1 114 ? 9.170   -11.595 0.135   1.00 23.47  ? 210 LEU A O   1 
ATOM   822  C CB  . LEU A 1 114 ? 8.118   -8.910  1.009   1.00 33.21  ? 210 LEU A CB  1 
ATOM   823  C CG  . LEU A 1 114 ? 6.653   -8.691  0.633   1.00 40.81  ? 210 LEU A CG  1 
ATOM   824  C CD1 . LEU A 1 114 ? 5.804   -8.867  1.861   1.00 47.46  ? 210 LEU A CD1 1 
ATOM   825  C CD2 . LEU A 1 114 ? 6.442   -7.304  0.042   1.00 41.12  ? 210 LEU A CD2 1 
ATOM   826  N N   . GLN A 1 115 ? 7.530   -12.340 1.493   1.00 22.47  ? 211 GLN A N   1 
ATOM   827  C CA  . GLN A 1 115 ? 7.374   -13.626 0.821   1.00 30.08  ? 211 GLN A CA  1 
ATOM   828  C C   . GLN A 1 115 ? 5.950   -14.129 1.046   1.00 25.44  ? 211 GLN A C   1 
ATOM   829  O O   . GLN A 1 115 ? 5.376   -13.926 2.119   1.00 26.09  ? 211 GLN A O   1 
ATOM   830  C CB  . GLN A 1 115 ? 8.411   -14.628 1.347   1.00 26.01  ? 211 GLN A CB  1 
ATOM   831  C CG  . GLN A 1 115 ? 8.498   -15.924 0.552   1.00 27.60  ? 211 GLN A CG  1 
ATOM   832  C CD  . GLN A 1 115 ? 9.811   -16.658 0.777   1.00 30.31  ? 211 GLN A CD  1 
ATOM   833  O OE1 . GLN A 1 115 ? 10.707  -16.156 1.453   1.00 37.05  ? 211 GLN A OE1 1 
ATOM   834  N NE2 . GLN A 1 115 ? 9.929   -17.847 0.204   1.00 32.08  ? 211 GLN A NE2 1 
ATOM   835  N N   . LEU A 1 116 ? 5.380   -14.768 0.027   1.00 21.14  ? 212 LEU A N   1 
ATOM   836  C CA  . LEU A 1 116 ? 3.978   -15.188 0.068   1.00 26.62  ? 212 LEU A CA  1 
ATOM   837  C C   . LEU A 1 116 ? 3.793   -16.570 0.696   1.00 29.17  ? 212 LEU A C   1 
ATOM   838  O O   . LEU A 1 116 ? 4.672   -17.426 0.609   1.00 26.55  ? 212 LEU A O   1 
ATOM   839  C CB  . LEU A 1 116 ? 3.373   -15.171 -1.340  1.00 20.22  ? 212 LEU A CB  1 
ATOM   840  C CG  . LEU A 1 116 ? 3.474   -13.857 -2.115  1.00 22.89  ? 212 LEU A CG  1 
ATOM   841  C CD1 . LEU A 1 116 ? 2.820   -13.989 -3.483  1.00 17.78  ? 212 LEU A CD1 1 
ATOM   842  C CD2 . LEU A 1 116 ? 2.852   -12.718 -1.327  1.00 15.73  ? 212 LEU A CD2 1 
ATOM   843  N N   . LYS A 1 117 ? 2.640   -16.775 1.329   1.00 31.63  ? 213 LYS A N   1 
ATOM   844  C CA  . LYS A 1 117 ? 2.301   -18.059 1.938   1.00 28.20  ? 213 LYS A CA  1 
ATOM   845  C C   . LYS A 1 117 ? 0.936   -18.553 1.457   1.00 27.10  ? 213 LYS A C   1 
ATOM   846  O O   . LYS A 1 117 ? 0.831   -19.191 0.411   1.00 30.28  ? 213 LYS A O   1 
ATOM   847  C CB  . LYS A 1 117 ? 2.299   -17.947 3.466   1.00 33.29  ? 213 LYS A CB  1 
ATOM   848  C CG  . LYS A 1 117 ? 3.641   -17.577 4.086   1.00 39.42  ? 213 LYS A CG  1 
ATOM   849  C CD  . LYS A 1 117 ? 4.677   -18.676 3.894   1.00 58.60  ? 213 LYS A CD  1 
ATOM   850  C CE  . LYS A 1 117 ? 6.020   -18.277 4.493   1.00 57.96  ? 213 LYS A CE  1 
ATOM   851  N NZ  . LYS A 1 117 ? 7.118   -19.175 4.037   1.00 71.16  ? 213 LYS A NZ  1 
ATOM   852  N N   . GLN A 1 118 ? -0.102  -18.252 2.235   1.00 31.87  ? 214 GLN A N   1 
ATOM   853  C CA  . GLN A 1 118 ? -1.464  -18.704 1.944   1.00 34.84  ? 214 GLN A CA  1 
ATOM   854  C C   . GLN A 1 118 ? -2.310  -17.588 1.347   1.00 32.38  ? 214 GLN A C   1 
ATOM   855  O O   . GLN A 1 118 ? -2.359  -16.489 1.887   1.00 22.60  ? 214 GLN A O   1 
ATOM   856  C CB  . GLN A 1 118 ? -2.156  -19.189 3.225   1.00 36.48  ? 214 GLN A CB  1 
ATOM   857  C CG  . GLN A 1 118 ? -1.667  -20.521 3.776   1.00 36.42  ? 214 GLN A CG  1 
ATOM   858  C CD  . GLN A 1 118 ? -2.275  -20.843 5.139   1.00 73.51  ? 214 GLN A CD  1 
ATOM   859  O OE1 . GLN A 1 118 ? -2.712  -19.947 5.865   1.00 57.26  ? 214 GLN A OE1 1 
ATOM   860  N NE2 . GLN A 1 118 ? -2.307  -22.126 5.486   1.00 70.72  ? 214 GLN A NE2 1 
ATOM   861  N N   . PRO A 1 119 ? -3.004  -17.873 0.236   1.00 28.70  ? 215 PRO A N   1 
ATOM   862  C CA  . PRO A 1 119 ? -3.912  -16.858 -0.308  1.00 28.70  ? 215 PRO A CA  1 
ATOM   863  C C   . PRO A 1 119 ? -5.103  -16.634 0.618   1.00 33.97  ? 215 PRO A C   1 
ATOM   864  O O   . PRO A 1 119 ? -5.567  -17.588 1.249   1.00 36.71  ? 215 PRO A O   1 
ATOM   865  C CB  . PRO A 1 119 ? -4.382  -17.481 -1.630  1.00 26.54  ? 215 PRO A CB  1 
ATOM   866  C CG  . PRO A 1 119 ? -4.218  -18.963 -1.437  1.00 26.77  ? 215 PRO A CG  1 
ATOM   867  C CD  . PRO A 1 119 ? -3.001  -19.113 -0.562  1.00 25.70  ? 215 PRO A CD  1 
ATOM   868  N N   . LEU A 1 120 ? -5.572  -15.394 0.722   1.00 30.29  ? 216 LEU A N   1 
ATOM   869  C CA  . LEU A 1 120 ? -6.836  -15.128 1.402   1.00 40.64  ? 216 LEU A CA  1 
ATOM   870  C C   . LEU A 1 120 ? -7.915  -14.965 0.340   1.00 37.29  ? 216 LEU A C   1 
ATOM   871  O O   . LEU A 1 120 ? -7.967  -13.950 -0.356  1.00 30.17  ? 216 LEU A O   1 
ATOM   872  C CB  . LEU A 1 120 ? -6.751  -13.885 2.298   1.00 30.21  ? 216 LEU A CB  1 
ATOM   873  C CG  . LEU A 1 120 ? -7.882  -13.731 3.324   1.00 26.30  ? 216 LEU A CG  1 
ATOM   874  C CD1 . LEU A 1 120 ? -7.353  -13.168 4.629   1.00 35.99  ? 216 LEU A CD1 1 
ATOM   875  C CD2 . LEU A 1 120 ? -9.004  -12.850 2.792   1.00 39.86  ? 216 LEU A CD2 1 
ATOM   876  N N   . ASN A 1 121 ? -8.767  -15.975 0.205   1.00 32.79  ? 217 ASN A N   1 
ATOM   877  C CA  . ASN A 1 121 ? -9.750  -15.991 -0.874  1.00 44.64  ? 217 ASN A CA  1 
ATOM   878  C C   . ASN A 1 121 ? -11.020 -15.195 -0.583  1.00 47.49  ? 217 ASN A C   1 
ATOM   879  O O   . ASN A 1 121 ? -11.446 -15.072 0.569   1.00 41.12  ? 217 ASN A O   1 
ATOM   880  C CB  . ASN A 1 121 ? -10.103 -17.435 -1.263  1.00 35.74  ? 217 ASN A CB  1 
ATOM   881  C CG  . ASN A 1 121 ? -8.913  -18.207 -1.811  1.00 39.84  ? 217 ASN A CG  1 
ATOM   882  O OD1 . ASN A 1 121 ? -7.918  -17.621 -2.237  1.00 41.45  ? 217 ASN A OD1 1 
ATOM   883  N ND2 . ASN A 1 121 ? -9.017  -19.530 -1.809  1.00 52.69  ? 217 ASN A ND2 1 
ATOM   884  N N   . LYS A 1 122 ? -11.613 -14.649 -1.642  1.00 49.38  ? 218 LYS A N   1 
ATOM   885  C CA  . LYS A 1 122 ? -12.907 -13.978 -1.555  1.00 46.83  ? 218 LYS A CA  1 
ATOM   886  C C   . LYS A 1 122 ? -13.999 -14.969 -1.165  1.00 60.92  ? 218 LYS A C   1 
ATOM   887  O O   . LYS A 1 122 ? -14.051 -16.084 -1.684  1.00 48.14  ? 218 LYS A O   1 
ATOM   888  C CB  . LYS A 1 122 ? -13.252 -13.327 -2.898  1.00 41.89  ? 218 LYS A CB  1 
ATOM   889  C CG  . LYS A 1 122 ? -13.167 -14.274 -4.094  1.00 56.39  ? 218 LYS A CG  1 
ATOM   890  C CD  . LYS A 1 122 ? -13.475 -13.557 -5.408  1.00 63.60  ? 218 LYS A CD  1 
ATOM   891  C CE  . LYS A 1 122 ? -13.012 -14.370 -6.615  1.00 62.31  ? 218 LYS A CE  1 
ATOM   892  N NZ  . LYS A 1 122 ? -12.637 -13.496 -7.771  1.00 54.13  ? 218 LYS A NZ  1 
ATOM   893  N N   . GLU A 1 123 ? -14.865 -14.561 -0.243  1.00 80.09  ? 219 GLU A N   1 
ATOM   894  C CA  . GLU A 1 123 ? -15.964 -15.414 0.188   1.00 73.17  ? 219 GLU A CA  1 
ATOM   895  C C   . GLU A 1 123 ? -17.284 -14.939 -0.408  1.00 74.65  ? 219 GLU A C   1 
ATOM   896  O O   . GLU A 1 123 ? -17.317 -14.413 -1.522  1.00 57.52  ? 219 GLU A O   1 
ATOM   897  C CB  . GLU A 1 123 ? -16.039 -15.444 1.714   1.00 71.65  ? 219 GLU A CB  1 
ATOM   898  C CG  . GLU A 1 123 ? -14.749 -15.907 2.372   1.00 96.04  ? 219 GLU A CG  1 
ATOM   899  C CD  . GLU A 1 123 ? -14.813 -17.348 2.833   1.00 102.42 ? 219 GLU A CD  1 
ATOM   900  O OE1 . GLU A 1 123 ? -15.699 -17.669 3.654   1.00 100.78 ? 219 GLU A OE1 1 
ATOM   901  O OE2 . GLU A 1 123 ? -13.980 -18.159 2.374   1.00 70.08  ? 219 GLU A OE2 1 
ATOM   902  N N   . SER B 2 2   ? -1.973  22.105  -8.361  1.00 56.72  ? 2   SER B N   1 
ATOM   903  C CA  . SER B 2 2   ? -3.186  21.964  -7.562  1.00 65.97  ? 2   SER B CA  1 
ATOM   904  C C   . SER B 2 2   ? -3.290  20.561  -6.965  1.00 70.02  ? 2   SER B C   1 
ATOM   905  O O   . SER B 2 2   ? -3.988  19.697  -7.501  1.00 61.75  ? 2   SER B O   1 
ATOM   906  C CB  . SER B 2 2   ? -4.423  22.266  -8.410  1.00 61.32  ? 2   SER B CB  1 
ATOM   907  O OG  . SER B 2 2   ? -4.598  21.293  -9.425  1.00 62.22  ? 2   SER B OG  1 
ATOM   908  N N   . SER B 2 3   ? -2.592  20.337  -5.855  1.00 38.95  ? 3   SER B N   1 
ATOM   909  C CA  . SER B 2 3   ? -2.615  19.039  -5.190  1.00 48.27  ? 3   SER B CA  1 
ATOM   910  C C   . SER B 2 3   ? -3.680  19.007  -4.098  1.00 27.46  ? 3   SER B C   1 
ATOM   911  O O   . SER B 2 3   ? -4.032  20.041  -3.535  1.00 36.04  ? 3   SER B O   1 
ATOM   912  C CB  . SER B 2 3   ? -1.247  18.722  -4.585  1.00 36.73  ? 3   SER B CB  1 
ATOM   913  O OG  . SER B 2 3   ? -0.987  19.541  -3.458  1.00 41.40  ? 3   SER B OG  1 
ATOM   914  N N   . VAL B 2 4   ? -4.213  17.818  -3.828  1.00 30.60  ? 4   VAL B N   1 
ATOM   915  C CA  . VAL B 2 4   ? -5.104  17.609  -2.690  1.00 31.57  ? 4   VAL B CA  1 
ATOM   916  C C   . VAL B 2 4   ? -4.640  16.385  -1.903  1.00 35.16  ? 4   VAL B C   1 
ATOM   917  O O   . VAL B 2 4   ? -4.684  15.261  -2.413  1.00 32.35  ? 4   VAL B O   1 
ATOM   918  C CB  . VAL B 2 4   ? -6.578  17.436  -3.110  1.00 45.81  ? 4   VAL B CB  1 
ATOM   919  C CG1 . VAL B 2 4   ? -7.463  17.260  -1.876  1.00 26.01  ? 4   VAL B CG1 1 
ATOM   920  C CG2 . VAL B 2 4   ? -7.047  18.632  -3.918  1.00 42.80  ? 4   VAL B CG2 1 
ATOM   921  N N   . PRO B 2 5   ? -4.193  16.599  -0.652  1.00 44.15  ? 5   PRO B N   1 
ATOM   922  C CA  . PRO B 2 5   ? -4.164  17.900  0.034   1.00 30.88  ? 5   PRO B CA  1 
ATOM   923  C C   . PRO B 2 5   ? -2.963  18.763  -0.366  1.00 25.78  ? 5   PRO B C   1 
ATOM   924  O O   . PRO B 2 5   ? -2.266  18.443  -1.331  1.00 27.91  ? 5   PRO B O   1 
ATOM   925  C CB  . PRO B 2 5   ? -4.043  17.500  1.507   1.00 31.42  ? 5   PRO B CB  1 
ATOM   926  C CG  . PRO B 2 5   ? -3.236  16.236  1.466   1.00 34.25  ? 5   PRO B CG  1 
ATOM   927  C CD  . PRO B 2 5   ? -3.680  15.514  0.207   1.00 29.88  ? 5   PRO B CD  1 
ATOM   928  N N   . THR B 2 6   ? -2.738  19.849  0.371   1.00 33.31  ? 6   THR B N   1 
ATOM   929  C CA  . THR B 2 6   ? -1.603  20.740  0.127   1.00 39.36  ? 6   THR B CA  1 
ATOM   930  C C   . THR B 2 6   ? -0.687  20.854  1.346   1.00 31.85  ? 6   THR B C   1 
ATOM   931  O O   . THR B 2 6   ? -1.076  20.497  2.457   1.00 35.62  ? 6   THR B O   1 
ATOM   932  C CB  . THR B 2 6   ? -2.070  22.156  -0.264  1.00 36.51  ? 6   THR B CB  1 
ATOM   933  O OG1 . THR B 2 6   ? -3.100  22.589  0.635   1.00 37.60  ? 6   THR B OG1 1 
ATOM   934  C CG2 . THR B 2 6   ? -2.605  22.171  -1.681  1.00 28.24  ? 6   THR B CG2 1 
ATOM   935  N N   . LYS B 2 7   ? 0.525   21.362  1.124   1.00 36.68  ? 7   LYS B N   1 
ATOM   936  C CA  . LYS B 2 7   ? 1.497   21.609  2.198   1.00 38.64  ? 7   LYS B CA  1 
ATOM   937  C C   . LYS B 2 7   ? 1.742   20.422  3.131   1.00 46.43  ? 7   LYS B C   1 
ATOM   938  O O   . LYS B 2 7   ? 1.456   20.496  4.329   1.00 42.38  ? 7   LYS B O   1 
ATOM   939  C CB  . LYS B 2 7   ? 1.102   22.836  3.030   1.00 32.73  ? 7   LYS B CB  1 
ATOM   940  C CG  . LYS B 2 7   ? 1.195   24.169  2.300   1.00 55.41  ? 7   LYS B CG  1 
ATOM   941  C CD  . LYS B 2 7   ? 0.986   25.329  3.274   1.00 75.44  ? 7   LYS B CD  1 
ATOM   942  C CE  . LYS B 2 7   ? 0.282   26.507  2.609   1.00 74.50  ? 7   LYS B CE  1 
ATOM   943  N NZ  . LYS B 2 7   ? 1.126   27.165  1.576   1.00 65.40  ? 7   LYS B NZ  1 
ATOM   944  N N   . LEU B 2 8   ? 2.274   19.334  2.584   1.00 41.88  ? 8   LEU B N   1 
ATOM   945  C CA  . LEU B 2 8   ? 2.677   18.200  3.407   1.00 28.86  ? 8   LEU B CA  1 
ATOM   946  C C   . LEU B 2 8   ? 4.103   18.417  3.900   1.00 22.80  ? 8   LEU B C   1 
ATOM   947  O O   . LEU B 2 8   ? 4.999   18.737  3.116   1.00 31.24  ? 8   LEU B O   1 
ATOM   948  C CB  . LEU B 2 8   ? 2.580   16.888  2.623   1.00 28.42  ? 8   LEU B CB  1 
ATOM   949  C CG  . LEU B 2 8   ? 3.038   15.622  3.352   1.00 21.34  ? 8   LEU B CG  1 
ATOM   950  C CD1 . LEU B 2 8   ? 2.125   15.330  4.534   1.00 24.93  ? 8   LEU B CD1 1 
ATOM   951  C CD2 . LEU B 2 8   ? 3.113   14.428  2.400   1.00 20.99  ? 8   LEU B CD2 1 
ATOM   952  N N   . GLU B 2 9   ? 4.312   18.253  5.198   1.00 29.13  ? 9   GLU B N   1 
ATOM   953  C CA  . GLU B 2 9   ? 5.639   18.434  5.764   1.00 34.52  ? 9   GLU B CA  1 
ATOM   954  C C   . GLU B 2 9   ? 5.848   17.574  7.004   1.00 29.31  ? 9   GLU B C   1 
ATOM   955  O O   . GLU B 2 9   ? 4.893   17.232  7.705   1.00 23.42  ? 9   GLU B O   1 
ATOM   956  C CB  . GLU B 2 9   ? 5.877   19.912  6.092   1.00 28.01  ? 9   GLU B CB  1 
ATOM   957  C CG  . GLU B 2 9   ? 4.792   20.547  6.951   1.00 51.65  ? 9   GLU B CG  1 
ATOM   958  C CD  . GLU B 2 9   ? 5.039   22.026  7.205   1.00 76.42  ? 9   GLU B CD  1 
ATOM   959  O OE1 . GLU B 2 9   ? 5.269   22.398  8.377   1.00 56.45  ? 9   GLU B OE1 1 
ATOM   960  O OE2 . GLU B 2 9   ? 5.001   22.813  6.234   1.00 60.59  ? 9   GLU B OE2 1 
ATOM   961  N N   . VAL B 2 10  ? 7.099   17.204  7.257   1.00 44.09  ? 10  VAL B N   1 
ATOM   962  C CA  . VAL B 2 10  ? 7.446   16.575  8.524   1.00 37.80  ? 10  VAL B CA  1 
ATOM   963  C C   . VAL B 2 10  ? 7.579   17.685  9.563   1.00 40.96  ? 10  VAL B C   1 
ATOM   964  O O   . VAL B 2 10  ? 8.397   18.598  9.407   1.00 25.99  ? 10  VAL B O   1 
ATOM   965  C CB  . VAL B 2 10  ? 8.752   15.760  8.431   1.00 33.11  ? 10  VAL B CB  1 
ATOM   966  C CG1 . VAL B 2 10  ? 9.165   15.262  9.805   1.00 18.79  ? 10  VAL B CG1 1 
ATOM   967  C CG2 . VAL B 2 10  ? 8.577   14.588  7.476   1.00 25.93  ? 10  VAL B CG2 1 
ATOM   968  N N   . VAL B 2 11  ? 6.749   17.624  10.600  1.00 19.64  ? 11  VAL B N   1 
ATOM   969  C CA  . VAL B 2 11  ? 6.737   18.643  11.649  1.00 29.88  ? 11  VAL B CA  1 
ATOM   970  C C   . VAL B 2 11  ? 7.802   18.345  12.697  1.00 36.36  ? 11  VAL B C   1 
ATOM   971  O O   . VAL B 2 11  ? 8.509   19.243  13.164  1.00 41.29  ? 11  VAL B O   1 
ATOM   972  C CB  . VAL B 2 11  ? 5.365   18.700  12.340  1.00 33.88  ? 11  VAL B CB  1 
ATOM   973  C CG1 . VAL B 2 11  ? 5.372   19.718  13.474  1.00 39.64  ? 11  VAL B CG1 1 
ATOM   974  C CG2 . VAL B 2 11  ? 4.286   19.035  11.332  1.00 26.99  ? 11  VAL B CG2 1 
ATOM   975  N N   . ALA B 2 12  ? 7.902   17.071  13.057  1.00 34.31  ? 12  ALA B N   1 
ATOM   976  C CA  . ALA B 2 12  ? 8.862   16.611  14.050  1.00 33.45  ? 12  ALA B CA  1 
ATOM   977  C C   . ALA B 2 12  ? 9.224   15.158  13.760  1.00 26.60  ? 12  ALA B C   1 
ATOM   978  O O   . ALA B 2 12  ? 8.405   14.400  13.236  1.00 29.20  ? 12  ALA B O   1 
ATOM   979  C CB  . ALA B 2 12  ? 8.279   16.750  15.445  1.00 28.97  ? 12  ALA B CB  1 
ATOM   980  N N   . ALA B 2 13  ? 10.446  14.767  14.104  1.00 23.68  ? 13  ALA B N   1 
ATOM   981  C CA  . ALA B 2 13  ? 10.918  13.421  13.801  1.00 24.75  ? 13  ALA B CA  1 
ATOM   982  C C   . ALA B 2 13  ? 11.785  12.839  14.912  1.00 23.90  ? 13  ALA B C   1 
ATOM   983  O O   . ALA B 2 13  ? 12.565  13.548  15.543  1.00 25.38  ? 13  ALA B O   1 
ATOM   984  C CB  . ALA B 2 13  ? 11.683  13.415  12.482  1.00 22.44  ? 13  ALA B CB  1 
ATOM   985  N N   . THR B 2 14  ? 11.633  11.539  15.139  1.00 28.19  ? 14  THR B N   1 
ATOM   986  C CA  . THR B 2 14  ? 12.546  10.776  15.981  1.00 28.78  ? 14  THR B CA  1 
ATOM   987  C C   . THR B 2 14  ? 13.304  9.872   15.012  1.00 31.13  ? 14  THR B C   1 
ATOM   988  O O   . THR B 2 14  ? 12.989  9.863   13.820  1.00 28.41  ? 14  THR B O   1 
ATOM   989  C CB  . THR B 2 14  ? 11.782  9.935   17.032  1.00 24.70  ? 14  THR B CB  1 
ATOM   990  O OG1 . THR B 2 14  ? 11.342  8.703   16.445  1.00 18.20  ? 14  THR B OG1 1 
ATOM   991  C CG2 . THR B 2 14  ? 10.587  10.704  17.569  1.00 16.98  ? 14  THR B CG2 1 
ATOM   992  N N   . PRO B 2 15  ? 14.318  9.130   15.495  1.00 32.51  ? 15  PRO B N   1 
ATOM   993  C CA  . PRO B 2 15  ? 14.986  8.197   14.574  1.00 33.06  ? 15  PRO B CA  1 
ATOM   994  C C   . PRO B 2 15  ? 14.081  7.095   14.007  1.00 25.94  ? 15  PRO B C   1 
ATOM   995  O O   . PRO B 2 15  ? 14.465  6.428   13.045  1.00 24.76  ? 15  PRO B O   1 
ATOM   996  C CB  . PRO B 2 15  ? 16.066  7.567   15.456  1.00 26.53  ? 15  PRO B CB  1 
ATOM   997  C CG  . PRO B 2 15  ? 16.398  8.638   16.449  1.00 31.11  ? 15  PRO B CG  1 
ATOM   998  C CD  . PRO B 2 15  ? 15.087  9.320   16.742  1.00 23.83  ? 15  PRO B CD  1 
ATOM   999  N N   . THR B 2 16  ? 12.905  6.903   14.598  1.00 19.53  ? 16  THR B N   1 
ATOM   1000 C CA  . THR B 2 16  ? 12.043  5.777   14.248  1.00 29.08  ? 16  THR B CA  1 
ATOM   1001 C C   . THR B 2 16  ? 10.607  6.198   13.940  1.00 26.28  ? 16  THR B C   1 
ATOM   1002 O O   . THR B 2 16  ? 9.739   5.350   13.722  1.00 24.17  ? 16  THR B O   1 
ATOM   1003 C CB  . THR B 2 16  ? 12.000  4.744   15.390  1.00 27.80  ? 16  THR B CB  1 
ATOM   1004 O OG1 . THR B 2 16  ? 11.400  5.336   16.549  1.00 19.05  ? 16  THR B OG1 1 
ATOM   1005 C CG2 . THR B 2 16  ? 13.398  4.264   15.739  1.00 19.42  ? 16  THR B CG2 1 
ATOM   1006 N N   . SER B 2 17  ? 10.362  7.505   13.918  1.00 28.00  ? 17  SER B N   1 
ATOM   1007 C CA  . SER B 2 17  ? 8.998   8.023   13.833  1.00 21.43  ? 17  SER B CA  1 
ATOM   1008 C C   . SER B 2 17  ? 8.932   9.427   13.233  1.00 27.72  ? 17  SER B C   1 
ATOM   1009 O O   . SER B 2 17  ? 9.789   10.269  13.510  1.00 32.94  ? 17  SER B O   1 
ATOM   1010 C CB  . SER B 2 17  ? 8.351   8.012   15.224  1.00 19.64  ? 17  SER B CB  1 
ATOM   1011 O OG  . SER B 2 17  ? 7.248   8.901   15.295  1.00 47.77  ? 17  SER B OG  1 
ATOM   1012 N N   . LEU B 2 18  ? 7.912   9.671   12.409  1.00 22.01  ? 18  LEU B N   1 
ATOM   1013 C CA  . LEU B 2 18  ? 7.693   10.991  11.813  1.00 26.12  ? 18  LEU B CA  1 
ATOM   1014 C C   . LEU B 2 18  ? 6.354   11.581  12.245  1.00 21.34  ? 18  LEU B C   1 
ATOM   1015 O O   . LEU B 2 18  ? 5.350   10.870  12.330  1.00 28.88  ? 18  LEU B O   1 
ATOM   1016 C CB  . LEU B 2 18  ? 7.738   10.920  10.281  1.00 23.28  ? 18  LEU B CB  1 
ATOM   1017 C CG  . LEU B 2 18  ? 8.993   10.370  9.598   1.00 29.71  ? 18  LEU B CG  1 
ATOM   1018 C CD1 . LEU B 2 18  ? 8.787   10.260  8.090   1.00 29.99  ? 18  LEU B CD1 1 
ATOM   1019 C CD2 . LEU B 2 18  ? 10.193  11.239  9.906   1.00 26.69  ? 18  LEU B CD2 1 
ATOM   1020 N N   . LEU B 2 19  ? 6.345   12.883  12.520  1.00 26.02  ? 19  LEU B N   1 
ATOM   1021 C CA  . LEU B 2 19  ? 5.103   13.609  12.766  1.00 25.19  ? 19  LEU B CA  1 
ATOM   1022 C C   . LEU B 2 19  ? 4.822   14.492  11.556  1.00 20.74  ? 19  LEU B C   1 
ATOM   1023 O O   . LEU B 2 19  ? 5.548   15.457  11.305  1.00 17.51  ? 19  LEU B O   1 
ATOM   1024 C CB  . LEU B 2 19  ? 5.212   14.460  14.032  1.00 31.64  ? 19  LEU B CB  1 
ATOM   1025 C CG  . LEU B 2 19  ? 3.996   15.326  14.377  1.00 32.26  ? 19  LEU B CG  1 
ATOM   1026 C CD1 . LEU B 2 19  ? 2.758   14.463  14.463  1.00 29.56  ? 19  LEU B CD1 1 
ATOM   1027 C CD2 . LEU B 2 19  ? 4.203   16.084  15.680  1.00 28.67  ? 19  LEU B CD2 1 
ATOM   1028 N N   . ILE B 2 20  ? 3.782   14.155  10.797  1.00 15.41  ? 20  ILE B N   1 
ATOM   1029 C CA  . ILE B 2 20  ? 3.481   14.884  9.568   1.00 27.82  ? 20  ILE B CA  1 
ATOM   1030 C C   . ILE B 2 20  ? 2.210   15.726  9.668   1.00 26.17  ? 20  ILE B C   1 
ATOM   1031 O O   . ILE B 2 20  ? 1.331   15.467  10.493  1.00 17.89  ? 20  ILE B O   1 
ATOM   1032 C CB  . ILE B 2 20  ? 3.360   13.942  8.352   1.00 28.90  ? 20  ILE B CB  1 
ATOM   1033 C CG1 . ILE B 2 20  ? 2.136   13.031  8.491   1.00 23.70  ? 20  ILE B CG1 1 
ATOM   1034 C CG2 . ILE B 2 20  ? 4.644   13.134  8.164   1.00 19.64  ? 20  ILE B CG2 1 
ATOM   1035 C CD1 . ILE B 2 20  ? 1.811   12.243  7.219   1.00 21.04  ? 20  ILE B CD1 1 
ATOM   1036 N N   . SER B 2 21  ? 2.128   16.736  8.809   1.00 27.51  ? 21  SER B N   1 
ATOM   1037 C CA  . SER B 2 21  ? 0.971   17.616  8.757   1.00 23.22  ? 21  SER B CA  1 
ATOM   1038 C C   . SER B 2 21  ? 0.705   18.014  7.315   1.00 21.13  ? 21  SER B C   1 
ATOM   1039 O O   . SER B 2 21  ? 1.628   18.115  6.505   1.00 26.05  ? 21  SER B O   1 
ATOM   1040 C CB  . SER B 2 21  ? 1.216   18.869  9.606   1.00 20.81  ? 21  SER B CB  1 
ATOM   1041 O OG  . SER B 2 21  ? 0.090   19.729  9.605   1.00 35.22  ? 21  SER B OG  1 
ATOM   1042 N N   . TRP B 2 22  ? -0.567  18.217  6.997   1.00 23.23  ? 22  TRP B N   1 
ATOM   1043 C CA  . TRP B 2 22  ? -0.951  18.830  5.731   1.00 40.85  ? 22  TRP B CA  1 
ATOM   1044 C C   . TRP B 2 22  ? -1.996  19.910  6.003   1.00 46.61  ? 22  TRP B C   1 
ATOM   1045 O O   . TRP B 2 22  ? -2.500  20.024  7.124   1.00 42.97  ? 22  TRP B O   1 
ATOM   1046 C CB  . TRP B 2 22  ? -1.460  17.786  4.725   1.00 27.28  ? 22  TRP B CB  1 
ATOM   1047 C CG  . TRP B 2 22  ? -2.552  16.899  5.243   1.00 20.08  ? 22  TRP B CG  1 
ATOM   1048 C CD1 . TRP B 2 22  ? -3.896  17.036  5.031   1.00 23.74  ? 22  TRP B CD1 1 
ATOM   1049 C CD2 . TRP B 2 22  ? -2.391  15.723  6.047   1.00 30.78  ? 22  TRP B CD2 1 
ATOM   1050 N NE1 . TRP B 2 22  ? -4.579  16.021  5.659   1.00 22.55  ? 22  TRP B NE1 1 
ATOM   1051 C CE2 . TRP B 2 22  ? -3.678  15.201  6.291   1.00 29.01  ? 22  TRP B CE2 1 
ATOM   1052 C CE3 . TRP B 2 22  ? -1.282  15.063  6.589   1.00 21.48  ? 22  TRP B CE3 1 
ATOM   1053 C CZ2 . TRP B 2 22  ? -3.886  14.050  7.057   1.00 24.84  ? 22  TRP B CZ2 1 
ATOM   1054 C CZ3 . TRP B 2 22  ? -1.490  13.922  7.347   1.00 22.88  ? 22  TRP B CZ3 1 
ATOM   1055 C CH2 . TRP B 2 22  ? -2.780  13.426  7.574   1.00 23.77  ? 22  TRP B CH2 1 
ATOM   1056 N N   . ASP B 2 23  ? -2.306  20.712  4.990   1.00 36.60  ? 23  ASP B N   1 
ATOM   1057 C CA  . ASP B 2 23  ? -3.270  21.793  5.157   1.00 41.12  ? 23  ASP B CA  1 
ATOM   1058 C C   . ASP B 2 23  ? -4.672  21.287  5.475   1.00 49.59  ? 23  ASP B C   1 
ATOM   1059 O O   . ASP B 2 23  ? -5.270  20.558  4.683   1.00 41.05  ? 23  ASP B O   1 
ATOM   1060 C CB  . ASP B 2 23  ? -3.334  22.663  3.899   1.00 48.99  ? 23  ASP B CB  1 
ATOM   1061 C CG  . ASP B 2 23  ? -2.273  23.741  3.874   1.00 68.22  ? 23  ASP B CG  1 
ATOM   1062 O OD1 . ASP B 2 23  ? -1.788  24.136  4.958   1.00 63.99  ? 23  ASP B OD1 1 
ATOM   1063 O OD2 . ASP B 2 23  ? -1.934  24.200  2.762   1.00 71.69  ? 23  ASP B OD2 1 
ATOM   1064 N N   . ALA B 2 24  ? -5.184  21.665  6.643   1.00 48.70  ? 24  ALA B N   1 
ATOM   1065 C CA  . ALA B 2 24  ? -6.617  21.597  6.889   1.00 55.11  ? 24  ALA B CA  1 
ATOM   1066 C C   . ALA B 2 24  ? -7.208  22.650  5.960   1.00 63.39  ? 24  ALA B C   1 
ATOM   1067 O O   . ALA B 2 24  ? -6.995  23.845  6.165   1.00 52.24  ? 24  ALA B O   1 
ATOM   1068 C CB  . ALA B 2 24  ? -6.927  21.919  8.338   1.00 52.71  ? 24  ALA B CB  1 
ATOM   1069 N N   . PRO B 2 25  ? -7.931  22.213  4.918   1.00 71.97  ? 25  PRO B N   1 
ATOM   1070 C CA  . PRO B 2 25  ? -8.254  23.124  3.815   1.00 71.74  ? 25  PRO B CA  1 
ATOM   1071 C C   . PRO B 2 25  ? -9.576  23.873  3.968   1.00 71.08  ? 25  PRO B C   1 
ATOM   1072 O O   . PRO B 2 25  ? -10.272 23.728  4.975   1.00 51.90  ? 25  PRO B O   1 
ATOM   1073 C CB  . PRO B 2 25  ? -8.340  22.175  2.619   1.00 58.43  ? 25  PRO B CB  1 
ATOM   1074 C CG  . PRO B 2 25  ? -8.892  20.907  3.212   1.00 48.18  ? 25  PRO B CG  1 
ATOM   1075 C CD  . PRO B 2 25  ? -8.395  20.838  4.648   1.00 47.00  ? 25  PRO B CD  1 
ATOM   1076 N N   . ALA B 2 26  ? -9.904  24.676  2.959   1.00 79.14  ? 26  ALA B N   1 
ATOM   1077 C CA  . ALA B 2 26  ? -11.190 25.358  2.894   1.00 77.22  ? 26  ALA B CA  1 
ATOM   1078 C C   . ALA B 2 26  ? -12.269 24.366  2.475   1.00 54.20  ? 26  ALA B C   1 
ATOM   1079 O O   . ALA B 2 26  ? -13.348 24.312  3.068   1.00 66.72  ? 26  ALA B O   1 
ATOM   1080 C CB  . ALA B 2 26  ? -11.127 26.521  1.913   1.00 48.40  ? 26  ALA B CB  1 
ATOM   1081 N N   . VAL B 2 27  ? -11.965 23.587  1.442   1.00 66.97  ? 27  VAL B N   1 
ATOM   1082 C CA  . VAL B 2 27  ? -12.867 22.547  0.962   1.00 67.11  ? 27  VAL B CA  1 
ATOM   1083 C C   . VAL B 2 27  ? -12.453 21.197  1.544   1.00 62.87  ? 27  VAL B C   1 
ATOM   1084 O O   . VAL B 2 27  ? -11.370 20.692  1.251   1.00 62.89  ? 27  VAL B O   1 
ATOM   1085 C CB  . VAL B 2 27  ? -12.865 22.468  -0.575  1.00 62.76  ? 27  VAL B CB  1 
ATOM   1086 C CG1 . VAL B 2 27  ? -13.864 21.428  -1.049  1.00 54.90  ? 27  VAL B CG1 1 
ATOM   1087 C CG2 . VAL B 2 27  ? -13.186 23.830  -1.170  1.00 45.95  ? 27  VAL B CG2 1 
ATOM   1088 N N   . THR B 2 28  ? -13.321 20.618  2.368   1.00 45.51  ? 28  THR B N   1 
ATOM   1089 C CA  . THR B 2 28  ? -12.999 19.400  3.109   1.00 45.13  ? 28  THR B CA  1 
ATOM   1090 C C   . THR B 2 28  ? -13.291 18.118  2.329   1.00 45.98  ? 28  THR B C   1 
ATOM   1091 O O   . THR B 2 28  ? -14.133 18.100  1.430   1.00 33.15  ? 28  THR B O   1 
ATOM   1092 C CB  . THR B 2 28  ? -13.757 19.356  4.448   1.00 38.32  ? 28  THR B CB  1 
ATOM   1093 O OG1 . THR B 2 28  ? -15.168 19.376  4.200   1.00 36.30  ? 28  THR B OG1 1 
ATOM   1094 C CG2 . THR B 2 28  ? -13.387 20.556  5.303   1.00 47.76  ? 28  THR B CG2 1 
ATOM   1095 N N   . VAL B 2 29  ? -12.581 17.049  2.683   1.00 42.73  ? 29  VAL B N   1 
ATOM   1096 C CA  . VAL B 2 29  ? -12.808 15.734  2.094   1.00 30.63  ? 29  VAL B CA  1 
ATOM   1097 C C   . VAL B 2 29  ? -13.224 14.753  3.186   1.00 28.92  ? 29  VAL B C   1 
ATOM   1098 O O   . VAL B 2 29  ? -13.167 15.082  4.374   1.00 39.54  ? 29  VAL B O   1 
ATOM   1099 C CB  . VAL B 2 29  ? -11.549 15.212  1.367   1.00 20.89  ? 29  VAL B CB  1 
ATOM   1100 C CG1 . VAL B 2 29  ? -11.171 16.145  0.229   1.00 24.78  ? 29  VAL B CG1 1 
ATOM   1101 C CG2 . VAL B 2 29  ? -10.391 15.072  2.342   1.00 14.43  ? 29  VAL B CG2 1 
ATOM   1102 N N   . ASP B 2 30  ? -13.635 13.551  2.790   1.00 20.98  ? 30  ASP B N   1 
ATOM   1103 C CA  . ASP B 2 30  ? -14.129 12.566  3.751   1.00 26.27  ? 30  ASP B CA  1 
ATOM   1104 C C   . ASP B 2 30  ? -13.024 11.860  4.535   1.00 32.09  ? 30  ASP B C   1 
ATOM   1105 O O   . ASP B 2 30  ? -13.182 11.578  5.726   1.00 31.44  ? 30  ASP B O   1 
ATOM   1106 C CB  . ASP B 2 30  ? -15.020 11.532  3.059   1.00 33.31  ? 30  ASP B CB  1 
ATOM   1107 C CG  . ASP B 2 30  ? -16.397 12.070  2.740   1.00 32.39  ? 30  ASP B CG  1 
ATOM   1108 O OD1 . ASP B 2 30  ? -16.929 12.859  3.550   1.00 44.21  ? 30  ASP B OD1 1 
ATOM   1109 O OD2 . ASP B 2 30  ? -16.948 11.699  1.681   1.00 29.28  ? 30  ASP B OD2 1 
ATOM   1110 N N   . TYR B 2 31  ? -11.912 11.569  3.868   1.00 27.96  ? 31  TYR B N   1 
ATOM   1111 C CA  . TYR B 2 31  ? -10.815 10.856  4.517   1.00 34.89  ? 31  TYR B CA  1 
ATOM   1112 C C   . TYR B 2 31  ? -9.467  11.114  3.852   1.00 26.68  ? 31  TYR B C   1 
ATOM   1113 O O   . TYR B 2 31  ? -9.393  11.670  2.755   1.00 32.29  ? 31  TYR B O   1 
ATOM   1114 C CB  . TYR B 2 31  ? -11.101 9.349   4.556   1.00 26.44  ? 31  TYR B CB  1 
ATOM   1115 C CG  . TYR B 2 31  ? -11.126 8.679   3.197   1.00 30.17  ? 31  TYR B CG  1 
ATOM   1116 C CD1 . TYR B 2 31  ? -9.966  8.154   2.634   1.00 33.51  ? 31  TYR B CD1 1 
ATOM   1117 C CD2 . TYR B 2 31  ? -12.312 8.560   2.481   1.00 31.67  ? 31  TYR B CD2 1 
ATOM   1118 C CE1 . TYR B 2 31  ? -9.982  7.539   1.394   1.00 33.18  ? 31  TYR B CE1 1 
ATOM   1119 C CE2 . TYR B 2 31  ? -12.340 7.944   1.238   1.00 36.00  ? 31  TYR B CE2 1 
ATOM   1120 C CZ  . TYR B 2 31  ? -11.171 7.435   0.701   1.00 42.20  ? 31  TYR B CZ  1 
ATOM   1121 O OH  . TYR B 2 31  ? -11.184 6.819   -0.532  1.00 29.60  ? 31  TYR B OH  1 
ATOM   1122 N N   . TYR B 2 32  ? -8.405  10.702  4.537   1.00 32.57  ? 32  TYR B N   1 
ATOM   1123 C CA  . TYR B 2 32  ? -7.058  10.760  3.990   1.00 16.96  ? 32  TYR B CA  1 
ATOM   1124 C C   . TYR B 2 32  ? -6.400  9.397   4.127   1.00 22.21  ? 32  TYR B C   1 
ATOM   1125 O O   . TYR B 2 32  ? -6.655  8.673   5.092   1.00 28.18  ? 32  TYR B O   1 
ATOM   1126 C CB  . TYR B 2 32  ? -6.224  11.809  4.724   1.00 26.27  ? 32  TYR B CB  1 
ATOM   1127 C CG  . TYR B 2 32  ? -6.677  13.226  4.485   1.00 23.48  ? 32  TYR B CG  1 
ATOM   1128 C CD1 . TYR B 2 32  ? -6.332  13.894  3.318   1.00 21.24  ? 32  TYR B CD1 1 
ATOM   1129 C CD2 . TYR B 2 32  ? -7.444  13.898  5.429   1.00 23.92  ? 32  TYR B CD2 1 
ATOM   1130 C CE1 . TYR B 2 32  ? -6.741  15.192  3.092   1.00 29.41  ? 32  TYR B CE1 1 
ATOM   1131 C CE2 . TYR B 2 32  ? -7.860  15.198  5.215   1.00 35.53  ? 32  TYR B CE2 1 
ATOM   1132 C CZ  . TYR B 2 32  ? -7.504  15.839  4.044   1.00 34.88  ? 32  TYR B CZ  1 
ATOM   1133 O OH  . TYR B 2 32  ? -7.916  17.135  3.823   1.00 32.27  ? 32  TYR B OH  1 
ATOM   1134 N N   . VAL B 2 33  ? -5.572  9.042   3.153   1.00 21.09  ? 33  VAL B N   1 
ATOM   1135 C CA  . VAL B 2 33  ? -4.762  7.834   3.240   1.00 18.65  ? 33  VAL B CA  1 
ATOM   1136 C C   . VAL B 2 33  ? -3.302  8.243   3.221   1.00 18.70  ? 33  VAL B C   1 
ATOM   1137 O O   . VAL B 2 33  ? -2.841  8.889   2.278   1.00 19.00  ? 33  VAL B O   1 
ATOM   1138 C CB  . VAL B 2 33  ? -5.047  6.855   2.088   1.00 25.02  ? 33  VAL B CB  1 
ATOM   1139 C CG1 . VAL B 2 33  ? -4.028  5.716   2.086   1.00 17.18  ? 33  VAL B CG1 1 
ATOM   1140 C CG2 . VAL B 2 33  ? -6.455  6.306   2.203   1.00 17.15  ? 33  VAL B CG2 1 
ATOM   1141 N N   . ILE B 2 34  ? -2.589  7.893   4.286   1.00 18.10  ? 34  ILE B N   1 
ATOM   1142 C CA  . ILE B 2 34  ? -1.168  8.172   4.382   1.00 12.53  ? 34  ILE B CA  1 
ATOM   1143 C C   . ILE B 2 34  ? -0.421  6.933   3.922   1.00 23.25  ? 34  ILE B C   1 
ATOM   1144 O O   . ILE B 2 34  ? -0.608  5.858   4.485   1.00 20.95  ? 34  ILE B O   1 
ATOM   1145 C CB  . ILE B 2 34  ? -0.749  8.506   5.829   1.00 18.74  ? 34  ILE B CB  1 
ATOM   1146 C CG1 . ILE B 2 34  ? -1.390  9.819   6.294   1.00 27.21  ? 34  ILE B CG1 1 
ATOM   1147 C CG2 . ILE B 2 34  ? 0.766   8.583   5.943   1.00 18.30  ? 34  ILE B CG2 1 
ATOM   1148 C CD1 . ILE B 2 34  ? -2.768  9.654   6.910   1.00 27.12  ? 34  ILE B CD1 1 
ATOM   1149 N N   . THR B 2 35  ? 0.404   7.075   2.890   1.00 17.21  ? 35  THR B N   1 
ATOM   1150 C CA  . THR B 2 35  ? 1.224   5.970   2.410   1.00 24.61  ? 35  THR B CA  1 
ATOM   1151 C C   . THR B 2 35  ? 2.686   6.342   2.601   1.00 21.95  ? 35  THR B C   1 
ATOM   1152 O O   . THR B 2 35  ? 3.041   7.521   2.545   1.00 18.73  ? 35  THR B O   1 
ATOM   1153 C CB  . THR B 2 35  ? 0.979   5.672   0.914   1.00 24.79  ? 35  THR B CB  1 
ATOM   1154 O OG1 . THR B 2 35  ? 1.493   6.750   0.121   1.00 22.05  ? 35  THR B OG1 1 
ATOM   1155 C CG2 . THR B 2 35  ? -0.507  5.497   0.633   1.00 14.84  ? 35  THR B CG2 1 
ATOM   1156 N N   . TYR B 2 36  ? 3.529   5.340   2.828   1.00 13.36  ? 36  TYR B N   1 
ATOM   1157 C CA  . TYR B 2 36  ? 4.953   5.577   3.024   1.00 17.60  ? 36  TYR B CA  1 
ATOM   1158 C C   . TYR B 2 36  ? 5.751   4.317   2.721   1.00 22.97  ? 36  TYR B C   1 
ATOM   1159 O O   . TYR B 2 36  ? 5.259   3.200   2.895   1.00 12.57  ? 36  TYR B O   1 
ATOM   1160 C CB  . TYR B 2 36  ? 5.228   6.046   4.457   1.00 15.04  ? 36  TYR B CB  1 
ATOM   1161 C CG  . TYR B 2 36  ? 4.821   5.049   5.518   1.00 16.84  ? 36  TYR B CG  1 
ATOM   1162 C CD1 . TYR B 2 36  ? 3.524   5.026   6.014   1.00 13.26  ? 36  TYR B CD1 1 
ATOM   1163 C CD2 . TYR B 2 36  ? 5.736   4.137   6.029   1.00 23.08  ? 36  TYR B CD2 1 
ATOM   1164 C CE1 . TYR B 2 36  ? 3.146   4.120   6.986   1.00 20.43  ? 36  TYR B CE1 1 
ATOM   1165 C CE2 . TYR B 2 36  ? 5.369   3.226   7.002   1.00 27.97  ? 36  TYR B CE2 1 
ATOM   1166 C CZ  . TYR B 2 36  ? 4.073   3.222   7.476   1.00 24.38  ? 36  TYR B CZ  1 
ATOM   1167 O OH  . TYR B 2 36  ? 3.703   2.316   8.446   1.00 26.18  ? 36  TYR B OH  1 
ATOM   1168 N N   . GLY B 2 37  ? 6.984   4.500   2.263   1.00 19.54  ? 37  GLY B N   1 
ATOM   1169 C CA  . GLY B 2 37  ? 7.862   3.377   1.993   1.00 21.34  ? 37  GLY B CA  1 
ATOM   1170 C C   . GLY B 2 37  ? 9.299   3.840   1.881   1.00 19.77  ? 37  GLY B C   1 
ATOM   1171 O O   . GLY B 2 37  ? 9.570   5.043   1.866   1.00 20.26  ? 37  GLY B O   1 
ATOM   1172 N N   . GLU B 2 38  ? 10.229  2.895   1.811   1.00 22.55  ? 38  GLU B N   1 
ATOM   1173 C CA  . GLU B 2 38  ? 11.627  3.250   1.627   1.00 28.92  ? 38  GLU B CA  1 
ATOM   1174 C C   . GLU B 2 38  ? 11.848  3.723   0.198   1.00 23.74  ? 38  GLU B C   1 
ATOM   1175 O O   . GLU B 2 38  ? 11.427  3.061   -0.754  1.00 26.82  ? 38  GLU B O   1 
ATOM   1176 C CB  . GLU B 2 38  ? 12.533  2.050   1.919   1.00 22.24  ? 38  GLU B CB  1 
ATOM   1177 C CG  . GLU B 2 38  ? 12.408  1.491   3.327   1.00 30.30  ? 38  GLU B CG  1 
ATOM   1178 C CD  . GLU B 2 38  ? 13.292  0.280   3.542   1.00 31.93  ? 38  GLU B CD  1 
ATOM   1179 O OE1 . GLU B 2 38  ? 14.223  0.079   2.731   1.00 33.45  ? 38  GLU B OE1 1 
ATOM   1180 O OE2 . GLU B 2 38  ? 13.057  -0.470  4.515   1.00 31.29  ? 38  GLU B OE2 1 
ATOM   1181 N N   . THR B 2 39  ? 12.501  4.874   0.048   1.00 22.28  ? 39  THR B N   1 
ATOM   1182 C CA  . THR B 2 39  ? 12.854  5.384   -1.274  1.00 20.86  ? 39  THR B CA  1 
ATOM   1183 C C   . THR B 2 39  ? 13.780  4.383   -1.960  1.00 25.55  ? 39  THR B C   1 
ATOM   1184 O O   . THR B 2 39  ? 14.666  3.813   -1.322  1.00 23.38  ? 39  THR B O   1 
ATOM   1185 C CB  . THR B 2 39  ? 13.528  6.769   -1.178  1.00 28.53  ? 39  THR B CB  1 
ATOM   1186 O OG1 . THR B 2 39  ? 12.654  7.671   -0.489  1.00 22.23  ? 39  THR B OG1 1 
ATOM   1187 C CG2 . THR B 2 39  ? 13.833  7.330   -2.567  1.00 25.96  ? 39  THR B CG2 1 
ATOM   1188 N N   . GLY B 2 40  ? 13.564  4.144   -3.249  1.00 33.14  ? 40  GLY B N   1 
ATOM   1189 C CA  . GLY B 2 40  ? 14.316  3.122   -3.958  1.00 49.33  ? 40  GLY B CA  1 
ATOM   1190 C C   . GLY B 2 40  ? 13.511  1.845   -4.141  1.00 28.50  ? 40  GLY B C   1 
ATOM   1191 O O   . GLY B 2 40  ? 13.670  1.131   -5.134  1.00 35.06  ? 40  GLY B O   1 
ATOM   1192 N N   . TYR B 2 41  ? 12.649  1.552   -3.173  1.00 24.79  ? 41  TYR B N   1 
ATOM   1193 C CA  . TYR B 2 41  ? 11.681  0.470   -3.311  1.00 27.03  ? 41  TYR B CA  1 
ATOM   1194 C C   . TYR B 2 41  ? 10.322  1.069   -3.640  1.00 22.00  ? 41  TYR B C   1 
ATOM   1195 O O   . TYR B 2 41  ? 9.515   0.476   -4.364  1.00 20.18  ? 41  TYR B O   1 
ATOM   1196 C CB  . TYR B 2 41  ? 11.633  -0.357  -2.030  1.00 19.79  ? 41  TYR B CB  1 
ATOM   1197 C CG  . TYR B 2 41  ? 12.874  -1.185  -1.852  1.00 27.86  ? 41  TYR B CG  1 
ATOM   1198 C CD1 . TYR B 2 41  ? 13.168  -2.208  -2.741  1.00 22.57  ? 41  TYR B CD1 1 
ATOM   1199 C CD2 . TYR B 2 41  ? 13.757  -0.945  -0.807  1.00 27.38  ? 41  TYR B CD2 1 
ATOM   1200 C CE1 . TYR B 2 41  ? 14.303  -2.966  -2.601  1.00 23.16  ? 41  TYR B CE1 1 
ATOM   1201 C CE2 . TYR B 2 41  ? 14.897  -1.709  -0.653  1.00 36.42  ? 41  TYR B CE2 1 
ATOM   1202 C CZ  . TYR B 2 41  ? 15.160  -2.720  -1.556  1.00 30.55  ? 41  TYR B CZ  1 
ATOM   1203 O OH  . TYR B 2 41  ? 16.291  -3.490  -1.424  1.00 44.14  ? 41  TYR B OH  1 
ATOM   1204 N N   . TRP B 2 42  ? 10.095  2.257   -3.092  1.00 27.69  ? 42  TRP B N   1 
ATOM   1205 C CA  . TRP B 2 42  ? 8.997   3.117   -3.491  1.00 22.84  ? 42  TRP B CA  1 
ATOM   1206 C C   . TRP B 2 42  ? 9.112   3.319   -4.995  1.00 24.54  ? 42  TRP B C   1 
ATOM   1207 O O   . TRP B 2 42  ? 10.222  3.465   -5.512  1.00 33.66  ? 42  TRP B O   1 
ATOM   1208 C CB  . TRP B 2 42  ? 9.124   4.461   -2.768  1.00 30.71  ? 42  TRP B CB  1 
ATOM   1209 C CG  . TRP B 2 42  ? 8.032   5.417   -3.094  1.00 31.31  ? 42  TRP B CG  1 
ATOM   1210 C CD1 . TRP B 2 42  ? 8.033   6.374   -4.070  1.00 12.27  ? 42  TRP B CD1 1 
ATOM   1211 C CD2 . TRP B 2 42  ? 6.760   5.501   -2.447  1.00 26.15  ? 42  TRP B CD2 1 
ATOM   1212 N NE1 . TRP B 2 42  ? 6.835   7.049   -4.066  1.00 21.37  ? 42  TRP B NE1 1 
ATOM   1213 C CE2 . TRP B 2 42  ? 6.037   6.533   -3.074  1.00 21.01  ? 42  TRP B CE2 1 
ATOM   1214 C CE3 . TRP B 2 42  ? 6.163   4.802   -1.393  1.00 21.97  ? 42  TRP B CE3 1 
ATOM   1215 C CZ2 . TRP B 2 42  ? 4.745   6.884   -2.683  1.00 35.37  ? 42  TRP B CZ2 1 
ATOM   1216 C CZ3 . TRP B 2 42  ? 4.884   5.152   -1.002  1.00 35.60  ? 42  TRP B CZ3 1 
ATOM   1217 C CH2 . TRP B 2 42  ? 4.188   6.183   -1.645  1.00 37.04  ? 42  TRP B CH2 1 
ATOM   1218 N N   . PRO B 2 43  ? 7.975   3.332   -5.710  1.00 17.67  ? 43  PRO B N   1 
ATOM   1219 C CA  . PRO B 2 43  ? 6.595   3.246   -5.220  1.00 25.74  ? 43  PRO B CA  1 
ATOM   1220 C C   . PRO B 2 43  ? 6.035   1.828   -5.219  1.00 18.83  ? 43  PRO B C   1 
ATOM   1221 O O   . PRO B 2 43  ? 4.822   1.666   -5.104  1.00 15.87  ? 43  PRO B O   1 
ATOM   1222 C CB  . PRO B 2 43  ? 5.833   4.063   -6.262  1.00 23.12  ? 43  PRO B CB  1 
ATOM   1223 C CG  . PRO B 2 43  ? 6.562   3.733   -7.542  1.00 18.71  ? 43  PRO B CG  1 
ATOM   1224 C CD  . PRO B 2 43  ? 8.018   3.573   -7.165  1.00 21.22  ? 43  PRO B CD  1 
ATOM   1225 N N   . TYR B 2 44  ? 6.885   0.817   -5.351  1.00 18.90  ? 44  TYR B N   1 
ATOM   1226 C CA  . TYR B 2 44  ? 6.381   -0.547  -5.510  1.00 20.56  ? 44  TYR B CA  1 
ATOM   1227 C C   . TYR B 2 44  ? 6.048   -1.268  -4.204  1.00 18.89  ? 44  TYR B C   1 
ATOM   1228 O O   . TYR B 2 44  ? 5.269   -2.221  -4.195  1.00 18.85  ? 44  TYR B O   1 
ATOM   1229 C CB  . TYR B 2 44  ? 7.324   -1.372  -6.392  1.00 17.22  ? 44  TYR B CB  1 
ATOM   1230 C CG  . TYR B 2 44  ? 7.234   -0.955  -7.839  1.00 28.34  ? 44  TYR B CG  1 
ATOM   1231 C CD1 . TYR B 2 44  ? 6.237   -1.464  -8.664  1.00 35.21  ? 44  TYR B CD1 1 
ATOM   1232 C CD2 . TYR B 2 44  ? 8.120   -0.024  -8.374  1.00 31.33  ? 44  TYR B CD2 1 
ATOM   1233 C CE1 . TYR B 2 44  ? 6.135   -1.072  -9.987  1.00 37.40  ? 44  TYR B CE1 1 
ATOM   1234 C CE2 . TYR B 2 44  ? 8.028   0.371   -9.697  1.00 30.73  ? 44  TYR B CE2 1 
ATOM   1235 C CZ  . TYR B 2 44  ? 7.033   -0.157  -10.497 1.00 44.06  ? 44  TYR B CZ  1 
ATOM   1236 O OH  . TYR B 2 44  ? 6.932   0.232   -11.815 1.00 45.38  ? 44  TYR B OH  1 
ATOM   1237 N N   . TYR B 2 45  ? 6.628   -0.797  -3.105  1.00 16.15  ? 45  TYR B N   1 
ATOM   1238 C CA  . TYR B 2 45  ? 6.340   -1.350  -1.788  1.00 20.74  ? 45  TYR B CA  1 
ATOM   1239 C C   . TYR B 2 45  ? 6.069   -0.205  -0.823  1.00 18.88  ? 45  TYR B C   1 
ATOM   1240 O O   . TYR B 2 45  ? 6.818   0.772   -0.777  1.00 18.31  ? 45  TYR B O   1 
ATOM   1241 C CB  . TYR B 2 45  ? 7.508   -2.215  -1.292  1.00 20.59  ? 45  TYR B CB  1 
ATOM   1242 C CG  . TYR B 2 45  ? 7.940   -3.272  -2.284  1.00 13.66  ? 45  TYR B CG  1 
ATOM   1243 C CD1 . TYR B 2 45  ? 8.908   -2.996  -3.241  1.00 21.74  ? 45  TYR B CD1 1 
ATOM   1244 C CD2 . TYR B 2 45  ? 7.377   -4.544  -2.265  1.00 22.56  ? 45  TYR B CD2 1 
ATOM   1245 C CE1 . TYR B 2 45  ? 9.302   -3.954  -4.156  1.00 24.72  ? 45  TYR B CE1 1 
ATOM   1246 C CE2 . TYR B 2 45  ? 7.766   -5.512  -3.175  1.00 23.85  ? 45  TYR B CE2 1 
ATOM   1247 C CZ  . TYR B 2 45  ? 8.728   -5.210  -4.116  1.00 21.49  ? 45  TYR B CZ  1 
ATOM   1248 O OH  . TYR B 2 45  ? 9.119   -6.168  -5.025  1.00 28.03  ? 45  TYR B OH  1 
ATOM   1249 N N   . TRP B 2 46  ? 4.982   -0.319  -0.070  1.00 15.73  ? 46  TRP B N   1 
ATOM   1250 C CA  . TRP B 2 46  ? 4.603   0.726   0.872   1.00 20.87  ? 46  TRP B CA  1 
ATOM   1251 C C   . TRP B 2 46  ? 3.705   0.170   1.964   1.00 14.74  ? 46  TRP B C   1 
ATOM   1252 O O   . TRP B 2 46  ? 3.220   -0.960  1.878   1.00 12.41  ? 46  TRP B O   1 
ATOM   1253 C CB  . TRP B 2 46  ? 3.897   1.888   0.154   1.00 19.10  ? 46  TRP B CB  1 
ATOM   1254 C CG  . TRP B 2 46  ? 2.496   1.579   -0.289  1.00 15.82  ? 46  TRP B CG  1 
ATOM   1255 C CD1 . TRP B 2 46  ? 1.336   1.865   0.379   1.00 18.14  ? 46  TRP B CD1 1 
ATOM   1256 C CD2 . TRP B 2 46  ? 2.107   0.933   -1.508  1.00 18.08  ? 46  TRP B CD2 1 
ATOM   1257 N NE1 . TRP B 2 46  ? 0.252   1.429   -0.349  1.00 17.79  ? 46  TRP B NE1 1 
ATOM   1258 C CE2 . TRP B 2 46  ? 0.699   0.857   -1.513  1.00 20.12  ? 46  TRP B CE2 1 
ATOM   1259 C CE3 . TRP B 2 46  ? 2.816   0.408   -2.595  1.00 13.98  ? 46  TRP B CE3 1 
ATOM   1260 C CZ2 . TRP B 2 46  ? -0.015  0.275   -2.565  1.00 17.58  ? 46  TRP B CZ2 1 
ATOM   1261 C CZ3 . TRP B 2 46  ? 2.109   -0.167  -3.637  1.00 21.00  ? 46  TRP B CZ3 1 
ATOM   1262 C CH2 . TRP B 2 46  ? 0.707   -0.233  -3.614  1.00 21.27  ? 46  TRP B CH2 1 
ATOM   1263 N N   . GLN B 2 47  ? 3.512   0.966   3.005   1.00 21.08  ? 47  GLN B N   1 
ATOM   1264 C CA  . GLN B 2 47  ? 2.494   0.687   4.000   1.00 26.93  ? 47  GLN B CA  1 
ATOM   1265 C C   . GLN B 2 47  ? 1.614   1.919   4.083   1.00 28.62  ? 47  GLN B C   1 
ATOM   1266 O O   . GLN B 2 47  ? 2.031   3.017   3.704   1.00 16.14  ? 47  GLN B O   1 
ATOM   1267 C CB  . GLN B 2 47  ? 3.124   0.330   5.354   1.00 27.30  ? 47  GLN B CB  1 
ATOM   1268 C CG  . GLN B 2 47  ? 3.577   -1.131  5.435   1.00 20.22  ? 47  GLN B CG  1 
ATOM   1269 C CD  . GLN B 2 47  ? 4.490   -1.416  6.616   1.00 32.18  ? 47  GLN B CD  1 
ATOM   1270 O OE1 . GLN B 2 47  ? 4.570   -0.630  7.556   1.00 32.86  ? 47  GLN B OE1 1 
ATOM   1271 N NE2 . GLN B 2 47  ? 5.189   -2.546  6.564   1.00 33.51  ? 47  GLN B NE2 1 
ATOM   1272 N N   . GLU B 2 48  ? 0.389   1.738   4.555   1.00 18.53  ? 48  GLU B N   1 
ATOM   1273 C CA  . GLU B 2 48  ? -0.566  2.830   4.529   1.00 24.90  ? 48  GLU B CA  1 
ATOM   1274 C C   . GLU B 2 48  ? -1.569  2.734   5.666   1.00 30.83  ? 48  GLU B C   1 
ATOM   1275 O O   . GLU B 2 48  ? -1.745  1.674   6.274   1.00 23.75  ? 48  GLU B O   1 
ATOM   1276 C CB  . GLU B 2 48  ? -1.309  2.837   3.194   1.00 24.78  ? 48  GLU B CB  1 
ATOM   1277 C CG  . GLU B 2 48  ? -2.304  1.696   3.057   1.00 23.28  ? 48  GLU B CG  1 
ATOM   1278 C CD  . GLU B 2 48  ? -2.965  1.669   1.704   1.00 30.30  ? 48  GLU B CD  1 
ATOM   1279 O OE1 . GLU B 2 48  ? -2.235  1.629   0.689   1.00 30.55  ? 48  GLU B OE1 1 
ATOM   1280 O OE2 . GLU B 2 48  ? -4.213  1.691   1.654   1.00 25.49  ? 48  GLU B OE2 1 
ATOM   1281 N N   . PHE B 2 49  ? -2.221  3.855   5.952   1.00 19.42  ? 49  PHE B N   1 
ATOM   1282 C CA  . PHE B 2 49  ? -3.337  3.870   6.887   1.00 26.46  ? 49  PHE B CA  1 
ATOM   1283 C C   . PHE B 2 49  ? -4.273  5.037   6.597   1.00 27.89  ? 49  PHE B C   1 
ATOM   1284 O O   . PHE B 2 49  ? -3.876  6.045   5.999   1.00 22.03  ? 49  PHE B O   1 
ATOM   1285 C CB  . PHE B 2 49  ? -2.855  3.884   8.342   1.00 25.90  ? 49  PHE B CB  1 
ATOM   1286 C CG  . PHE B 2 49  ? -2.006  5.068   8.694   1.00 22.55  ? 49  PHE B CG  1 
ATOM   1287 C CD1 . PHE B 2 49  ? -0.631  5.033   8.505   1.00 18.57  ? 49  PHE B CD1 1 
ATOM   1288 C CD2 . PHE B 2 49  ? -2.580  6.211   9.233   1.00 20.45  ? 49  PHE B CD2 1 
ATOM   1289 C CE1 . PHE B 2 49  ? 0.158   6.120   8.835   1.00 20.05  ? 49  PHE B CE1 1 
ATOM   1290 C CE2 . PHE B 2 49  ? -1.800  7.305   9.566   1.00 20.04  ? 49  PHE B CE2 1 
ATOM   1291 C CZ  . PHE B 2 49  ? -0.428  7.261   9.368   1.00 30.70  ? 49  PHE B CZ  1 
ATOM   1292 N N   . GLU B 2 50  ? -5.522  4.887   7.020   1.00 27.74  ? 50  GLU B N   1 
ATOM   1293 C CA  . GLU B 2 50  ? -6.561  5.864   6.734   1.00 24.04  ? 50  GLU B CA  1 
ATOM   1294 C C   . GLU B 2 50  ? -6.882  6.717   7.960   1.00 30.61  ? 50  GLU B C   1 
ATOM   1295 O O   . GLU B 2 50  ? -6.929  6.208   9.083   1.00 36.68  ? 50  GLU B O   1 
ATOM   1296 C CB  . GLU B 2 50  ? -7.811  5.122   6.256   1.00 19.87  ? 50  GLU B CB  1 
ATOM   1297 C CG  . GLU B 2 50  ? -8.984  5.992   5.862   1.00 29.59  ? 50  GLU B CG  1 
ATOM   1298 C CD  . GLU B 2 50  ? -10.072 5.192   5.176   1.00 30.78  ? 50  GLU B CD  1 
ATOM   1299 O OE1 . GLU B 2 50  ? -11.215 5.690   5.090   1.00 50.45  ? 50  GLU B OE1 1 
ATOM   1300 O OE2 . GLU B 2 50  ? -9.782  4.063   4.720   1.00 40.26  ? 50  GLU B OE2 1 
ATOM   1301 N N   . VAL B 2 51  ? -7.071  8.018   7.747   1.00 31.22  ? 51  VAL B N   1 
ATOM   1302 C CA  . VAL B 2 51  ? -7.568  8.914   8.793   1.00 29.51  ? 51  VAL B CA  1 
ATOM   1303 C C   . VAL B 2 51  ? -8.782  9.684   8.266   1.00 39.39  ? 51  VAL B C   1 
ATOM   1304 O O   . VAL B 2 51  ? -8.937  9.847   7.051   1.00 32.11  ? 51  VAL B O   1 
ATOM   1305 C CB  . VAL B 2 51  ? -6.485  9.908   9.292   1.00 29.06  ? 51  VAL B CB  1 
ATOM   1306 C CG1 . VAL B 2 51  ? -5.205  9.175   9.667   1.00 34.82  ? 51  VAL B CG1 1 
ATOM   1307 C CG2 . VAL B 2 51  ? -6.205  10.977  8.250   1.00 28.24  ? 51  VAL B CG2 1 
ATOM   1308 N N   . PRO B 2 52  ? -9.664  10.137  9.175   1.00 45.31  ? 52  PRO B N   1 
ATOM   1309 C CA  . PRO B 2 52  ? -10.824 10.931  8.749   1.00 32.35  ? 52  PRO B CA  1 
ATOM   1310 C C   . PRO B 2 52  ? -10.419 12.291  8.185   1.00 32.00  ? 52  PRO B C   1 
ATOM   1311 O O   . PRO B 2 52  ? -9.330  12.784  8.492   1.00 24.09  ? 52  PRO B O   1 
ATOM   1312 C CB  . PRO B 2 52  ? -11.611 11.121  10.050  1.00 44.13  ? 52  PRO B CB  1 
ATOM   1313 C CG  . PRO B 2 52  ? -11.198 9.971   10.918  1.00 37.44  ? 52  PRO B CG  1 
ATOM   1314 C CD  . PRO B 2 52  ? -9.750  9.752   10.596  1.00 33.71  ? 52  PRO B CD  1 
ATOM   1315 N N   . GLY B 2 53  ? -11.295 12.888  7.379   1.00 26.19  ? 53  GLY B N   1 
ATOM   1316 C CA  . GLY B 2 53  ? -11.031 14.188  6.783   1.00 24.25  ? 53  GLY B CA  1 
ATOM   1317 C C   . GLY B 2 53  ? -10.958 15.309  7.804   1.00 20.96  ? 53  GLY B C   1 
ATOM   1318 O O   . GLY B 2 53  ? -10.469 16.400  7.504   1.00 19.07  ? 53  GLY B O   1 
ATOM   1319 N N   . SER B 2 54  ? -11.447 15.040  9.014   1.00 23.05  ? 54  SER B N   1 
ATOM   1320 C CA  . SER B 2 54  ? -11.397 16.010  10.109  1.00 26.39  ? 54  SER B CA  1 
ATOM   1321 C C   . SER B 2 54  ? -9.975  16.177  10.655  1.00 31.50  ? 54  SER B C   1 
ATOM   1322 O O   . SER B 2 54  ? -9.687  17.121  11.399  1.00 35.27  ? 54  SER B O   1 
ATOM   1323 C CB  . SER B 2 54  ? -12.364 15.607  11.233  1.00 28.74  ? 54  SER B CB  1 
ATOM   1324 O OG  . SER B 2 54  ? -12.128 14.287  11.691  1.00 33.41  ? 54  SER B OG  1 
ATOM   1325 N N   . LYS B 2 55  ? -9.089  15.263  10.267  1.00 40.02  ? 55  LYS B N   1 
ATOM   1326 C CA  . LYS B 2 55  ? -7.692  15.286  10.705  1.00 39.11  ? 55  LYS B CA  1 
ATOM   1327 C C   . LYS B 2 55  ? -6.770  15.844  9.617   1.00 25.81  ? 55  LYS B C   1 
ATOM   1328 O O   . LYS B 2 55  ? -7.036  15.670  8.426   1.00 35.46  ? 55  LYS B O   1 
ATOM   1329 C CB  . LYS B 2 55  ? -7.240  13.869  11.077  1.00 42.84  ? 55  LYS B CB  1 
ATOM   1330 C CG  . LYS B 2 55  ? -8.115  13.167  12.106  1.00 45.63  ? 55  LYS B CG  1 
ATOM   1331 C CD  . LYS B 2 55  ? -7.568  13.360  13.510  1.00 52.97  ? 55  LYS B CD  1 
ATOM   1332 C CE  . LYS B 2 55  ? -6.144  12.834  13.613  1.00 63.09  ? 55  LYS B CE  1 
ATOM   1333 N NZ  . LYS B 2 55  ? -5.306  13.648  14.540  1.00 59.53  ? 55  LYS B NZ  1 
ATOM   1334 N N   . SER B 2 56  ? -5.694  16.516  10.025  1.00 26.40  ? 56  SER B N   1 
ATOM   1335 C CA  . SER B 2 56  ? -4.670  16.984  9.086   1.00 22.77  ? 56  SER B CA  1 
ATOM   1336 C C   . SER B 2 56  ? -3.265  16.714  9.631   1.00 25.82  ? 56  SER B C   1 
ATOM   1337 O O   . SER B 2 56  ? -2.292  17.360  9.231   1.00 21.63  ? 56  SER B O   1 
ATOM   1338 C CB  . SER B 2 56  ? -4.842  18.473  8.773   1.00 26.35  ? 56  SER B CB  1 
ATOM   1339 O OG  . SER B 2 56  ? -4.420  19.282  9.856   1.00 37.26  ? 56  SER B OG  1 
ATOM   1340 N N   . THR B 2 57  ? -3.174  15.757  10.553  1.00 20.18  ? 57  THR B N   1 
ATOM   1341 C CA  . THR B 2 57  ? -1.903  15.356  11.152  1.00 26.01  ? 57  THR B CA  1 
ATOM   1342 C C   . THR B 2 57  ? -1.868  13.846  11.336  1.00 22.48  ? 57  THR B C   1 
ATOM   1343 O O   . THR B 2 57  ? -2.914  13.206  11.468  1.00 23.29  ? 57  THR B O   1 
ATOM   1344 C CB  . THR B 2 57  ? -1.687  16.011  12.534  1.00 28.41  ? 57  THR B CB  1 
ATOM   1345 O OG1 . THR B 2 57  ? -2.768  15.657  13.409  1.00 27.79  ? 57  THR B OG1 1 
ATOM   1346 C CG2 . THR B 2 57  ? -1.616  17.519  12.409  1.00 32.77  ? 57  THR B CG2 1 
ATOM   1347 N N   . ALA B 2 58  ? -0.663  13.282  11.356  1.00 19.11  ? 58  ALA B N   1 
ATOM   1348 C CA  . ALA B 2 58  ? -0.494  11.849  11.577  1.00 20.96  ? 58  ALA B CA  1 
ATOM   1349 C C   . ALA B 2 58  ? 0.920   11.529  12.051  1.00 26.25  ? 58  ALA B C   1 
ATOM   1350 O O   . ALA B 2 58  ? 1.849   12.306  11.824  1.00 20.13  ? 58  ALA B O   1 
ATOM   1351 C CB  . ALA B 2 58  ? -0.814  11.072  10.306  1.00 23.02  ? 58  ALA B CB  1 
ATOM   1352 N N   . THR B 2 59  ? 1.076   10.388  12.719  1.00 16.76  ? 59  THR B N   1 
ATOM   1353 C CA  . THR B 2 59  ? 2.400   9.869   13.050  1.00 27.02  ? 59  THR B CA  1 
ATOM   1354 C C   . THR B 2 59  ? 2.663   8.591   12.261  1.00 28.70  ? 59  THR B C   1 
ATOM   1355 O O   . THR B 2 59  ? 1.792   7.725   12.159  1.00 17.21  ? 59  THR B O   1 
ATOM   1356 C CB  . THR B 2 59  ? 2.570   9.598   14.568  1.00 27.28  ? 59  THR B CB  1 
ATOM   1357 O OG1 . THR B 2 59  ? 1.560   8.685   15.019  1.00 35.63  ? 59  THR B OG1 1 
ATOM   1358 C CG2 . THR B 2 59  ? 2.470   10.892  15.359  1.00 22.48  ? 59  THR B CG2 1 
ATOM   1359 N N   . ILE B 2 60  ? 3.854   8.504   11.675  1.00 27.25  ? 60  ILE B N   1 
ATOM   1360 C CA  . ILE B 2 60  ? 4.328   7.279   11.041  1.00 24.24  ? 60  ILE B CA  1 
ATOM   1361 C C   . ILE B 2 60  ? 5.465   6.766   11.912  1.00 29.35  ? 60  ILE B C   1 
ATOM   1362 O O   . ILE B 2 60  ? 6.473   7.453   12.086  1.00 24.77  ? 60  ILE B O   1 
ATOM   1363 C CB  . ILE B 2 60  ? 4.872   7.548   9.622   1.00 24.37  ? 60  ILE B CB  1 
ATOM   1364 C CG1 . ILE B 2 60  ? 3.787   8.160   8.730   1.00 22.85  ? 60  ILE B CG1 1 
ATOM   1365 C CG2 . ILE B 2 60  ? 5.427   6.270   8.999   1.00 28.69  ? 60  ILE B CG2 1 
ATOM   1366 C CD1 . ILE B 2 60  ? 4.334   8.799   7.462   1.00 11.82  ? 60  ILE B CD1 1 
ATOM   1367 N N   . SER B 2 61  ? 5.304   5.571   12.469  1.00 23.60  ? 61  SER B N   1 
ATOM   1368 C CA  . SER B 2 61  ? 6.280   5.037   13.414  1.00 27.32  ? 61  SER B CA  1 
ATOM   1369 C C   . SER B 2 61  ? 6.828   3.678   12.978  1.00 31.06  ? 61  SER B C   1 
ATOM   1370 O O   . SER B 2 61  ? 6.424   3.138   11.946  1.00 25.27  ? 61  SER B O   1 
ATOM   1371 C CB  . SER B 2 61  ? 5.652   4.935   14.803  1.00 13.71  ? 61  SER B CB  1 
ATOM   1372 O OG  . SER B 2 61  ? 4.472   4.157   14.758  1.00 33.88  ? 61  SER B OG  1 
ATOM   1373 N N   . GLY B 2 62  ? 7.746   3.126   13.765  1.00 22.50  ? 62  GLY B N   1 
ATOM   1374 C CA  . GLY B 2 62  ? 8.357   1.849   13.435  1.00 20.72  ? 62  GLY B CA  1 
ATOM   1375 C C   . GLY B 2 62  ? 9.297   1.943   12.249  1.00 26.84  ? 62  GLY B C   1 
ATOM   1376 O O   . GLY B 2 62  ? 9.505   0.965   11.526  1.00 28.22  ? 62  GLY B O   1 
ATOM   1377 N N   . LEU B 2 63  ? 9.863   3.129   12.043  1.00 27.11  ? 63  LEU B N   1 
ATOM   1378 C CA  . LEU B 2 63  ? 10.818  3.347   10.960  1.00 24.93  ? 63  LEU B CA  1 
ATOM   1379 C C   . LEU B 2 63  ? 12.249  3.086   11.438  1.00 28.59  ? 63  LEU B C   1 
ATOM   1380 O O   . LEU B 2 63  ? 12.488  2.895   12.632  1.00 24.10  ? 63  LEU B O   1 
ATOM   1381 C CB  . LEU B 2 63  ? 10.694  4.772   10.417  1.00 26.22  ? 63  LEU B CB  1 
ATOM   1382 C CG  . LEU B 2 63  ? 9.310   5.212   9.933   1.00 28.25  ? 63  LEU B CG  1 
ATOM   1383 C CD1 . LEU B 2 63  ? 9.349   6.648   9.447   1.00 19.84  ? 63  LEU B CD1 1 
ATOM   1384 C CD2 . LEU B 2 63  ? 8.796   4.287   8.840   1.00 17.43  ? 63  LEU B CD2 1 
ATOM   1385 N N   . LYS B 2 64  ? 13.196  3.074   10.503  1.00 23.23  ? 64  LYS B N   1 
ATOM   1386 C CA  . LYS B 2 64  ? 14.606  2.890   10.839  1.00 25.57  ? 64  LYS B CA  1 
ATOM   1387 C C   . LYS B 2 64  ? 15.416  4.164   10.596  1.00 30.12  ? 64  LYS B C   1 
ATOM   1388 O O   . LYS B 2 64  ? 15.151  4.901   9.643   1.00 27.90  ? 64  LYS B O   1 
ATOM   1389 C CB  . LYS B 2 64  ? 15.197  1.711   10.057  1.00 29.50  ? 64  LYS B CB  1 
ATOM   1390 C CG  . LYS B 2 64  ? 14.873  0.350   10.653  1.00 42.12  ? 64  LYS B CG  1 
ATOM   1391 C CD  . LYS B 2 64  ? 14.671  -0.696  9.567   1.00 49.70  ? 64  LYS B CD  1 
ATOM   1392 C CE  . LYS B 2 64  ? 15.859  -0.758  8.620   1.00 57.72  ? 64  LYS B CE  1 
ATOM   1393 N NZ  . LYS B 2 64  ? 15.471  -1.304  7.286   1.00 55.50  ? 64  LYS B NZ  1 
ATOM   1394 N N   . PRO B 2 65  ? 16.403  4.429   11.472  1.00 42.29  ? 65  PRO B N   1 
ATOM   1395 C CA  . PRO B 2 65  ? 17.261  5.622   11.405  1.00 28.77  ? 65  PRO B CA  1 
ATOM   1396 C C   . PRO B 2 65  ? 18.186  5.615   10.190  1.00 14.42  ? 65  PRO B C   1 
ATOM   1397 O O   . PRO B 2 65  ? 18.665  4.552   9.792   1.00 27.57  ? 65  PRO B O   1 
ATOM   1398 C CB  . PRO B 2 65  ? 18.100  5.526   12.690  1.00 43.48  ? 65  PRO B CB  1 
ATOM   1399 C CG  . PRO B 2 65  ? 17.342  4.584   13.590  1.00 35.85  ? 65  PRO B CG  1 
ATOM   1400 C CD  . PRO B 2 65  ? 16.694  3.609   12.661  1.00 34.75  ? 65  PRO B CD  1 
ATOM   1401 N N   . GLY B 2 66  ? 18.437  6.788   9.614   1.00 26.14  ? 66  GLY B N   1 
ATOM   1402 C CA  . GLY B 2 66  ? 19.339  6.907   8.477   1.00 27.05  ? 66  GLY B CA  1 
ATOM   1403 C C   . GLY B 2 66  ? 18.810  6.299   7.190   1.00 30.91  ? 66  GLY B C   1 
ATOM   1404 O O   . GLY B 2 66  ? 19.584  5.921   6.307   1.00 27.57  ? 66  GLY B O   1 
ATOM   1405 N N   . VAL B 2 67  ? 17.486  6.198   7.084   1.00 30.96  ? 67  VAL B N   1 
ATOM   1406 C CA  . VAL B 2 67  ? 16.849  5.642   5.896   1.00 24.28  ? 67  VAL B CA  1 
ATOM   1407 C C   . VAL B 2 67  ? 16.006  6.708   5.197   1.00 28.69  ? 67  VAL B C   1 
ATOM   1408 O O   . VAL B 2 67  ? 15.265  7.450   5.848   1.00 25.67  ? 67  VAL B O   1 
ATOM   1409 C CB  . VAL B 2 67  ? 15.964  4.419   6.244   1.00 29.14  ? 67  VAL B CB  1 
ATOM   1410 C CG1 . VAL B 2 67  ? 15.263  3.884   4.999   1.00 24.08  ? 67  VAL B CG1 1 
ATOM   1411 C CG2 . VAL B 2 67  ? 16.790  3.323   6.894   1.00 21.23  ? 67  VAL B CG2 1 
ATOM   1412 N N   . ASP B 2 68  ? 16.132  6.786   3.874   1.00 26.55  ? 68  ASP B N   1 
ATOM   1413 C CA  . ASP B 2 68  ? 15.338  7.717   3.082   1.00 24.26  ? 68  ASP B CA  1 
ATOM   1414 C C   . ASP B 2 68  ? 13.933  7.174   2.863   1.00 24.94  ? 68  ASP B C   1 
ATOM   1415 O O   . ASP B 2 68  ? 13.757  6.077   2.330   1.00 16.89  ? 68  ASP B O   1 
ATOM   1416 C CB  . ASP B 2 68  ? 16.010  7.992   1.733   1.00 27.30  ? 68  ASP B CB  1 
ATOM   1417 C CG  . ASP B 2 68  ? 17.333  8.717   1.878   1.00 48.84  ? 68  ASP B CG  1 
ATOM   1418 O OD1 . ASP B 2 68  ? 17.315  9.924   2.205   1.00 48.28  ? 68  ASP B OD1 1 
ATOM   1419 O OD2 . ASP B 2 68  ? 18.389  8.085   1.658   1.00 59.34  ? 68  ASP B OD2 1 
ATOM   1420 N N   . TYR B 2 69  ? 12.933  7.939   3.283   1.00 23.73  ? 69  TYR B N   1 
ATOM   1421 C CA  . TYR B 2 69  ? 11.549  7.530   3.107   1.00 24.49  ? 69  TYR B CA  1 
ATOM   1422 C C   . TYR B 2 69  ? 10.811  8.478   2.178   1.00 25.23  ? 69  TYR B C   1 
ATOM   1423 O O   . TYR B 2 69  ? 11.099  9.677   2.135   1.00 30.33  ? 69  TYR B O   1 
ATOM   1424 C CB  . TYR B 2 69  ? 10.835  7.452   4.461   1.00 16.63  ? 69  TYR B CB  1 
ATOM   1425 C CG  . TYR B 2 69  ? 11.306  6.308   5.328   1.00 24.21  ? 69  TYR B CG  1 
ATOM   1426 C CD1 . TYR B 2 69  ? 10.752  5.039   5.200   1.00 17.75  ? 69  TYR B CD1 1 
ATOM   1427 C CD2 . TYR B 2 69  ? 12.307  6.496   6.275   1.00 28.39  ? 69  TYR B CD2 1 
ATOM   1428 C CE1 . TYR B 2 69  ? 11.184  3.987   5.993   1.00 17.36  ? 69  TYR B CE1 1 
ATOM   1429 C CE2 . TYR B 2 69  ? 12.744  5.451   7.073   1.00 18.29  ? 69  TYR B CE2 1 
ATOM   1430 C CZ  . TYR B 2 69  ? 12.181  4.204   6.926   1.00 20.82  ? 69  TYR B CZ  1 
ATOM   1431 O OH  . TYR B 2 69  ? 12.619  3.170   7.720   1.00 21.88  ? 69  TYR B OH  1 
ATOM   1432 N N   . THR B 2 70  ? 9.870   7.925   1.419   1.00 22.85  ? 70  THR B N   1 
ATOM   1433 C CA  . THR B 2 70  ? 8.967   8.725   0.603   1.00 21.02  ? 70  THR B CA  1 
ATOM   1434 C C   . THR B 2 70  ? 7.568   8.599   1.198   1.00 20.55  ? 70  THR B C   1 
ATOM   1435 O O   . THR B 2 70  ? 7.108   7.494   1.491   1.00 18.84  ? 70  THR B O   1 
ATOM   1436 C CB  . THR B 2 70  ? 8.971   8.270   -0.869  1.00 18.22  ? 70  THR B CB  1 
ATOM   1437 O OG1 . THR B 2 70  ? 10.302  8.361   -1.394  1.00 23.30  ? 70  THR B OG1 1 
ATOM   1438 C CG2 . THR B 2 70  ? 8.050   9.147   -1.702  1.00 19.35  ? 70  THR B CG2 1 
ATOM   1439 N N   . ILE B 2 71  ? 6.909   9.735   1.405   1.00 24.21  ? 71  ILE B N   1 
ATOM   1440 C CA  . ILE B 2 71  ? 5.577   9.766   2.000   1.00 17.98  ? 71  ILE B CA  1 
ATOM   1441 C C   . ILE B 2 71  ? 4.598   10.453  1.056   1.00 23.30  ? 71  ILE B C   1 
ATOM   1442 O O   . ILE B 2 71  ? 4.867   11.553  0.570   1.00 25.09  ? 71  ILE B O   1 
ATOM   1443 C CB  . ILE B 2 71  ? 5.573   10.529  3.344   1.00 18.83  ? 71  ILE B CB  1 
ATOM   1444 C CG1 . ILE B 2 71  ? 6.611   9.947   4.308   1.00 26.73  ? 71  ILE B CG1 1 
ATOM   1445 C CG2 . ILE B 2 71  ? 4.182   10.514  3.973   1.00 14.82  ? 71  ILE B CG2 1 
ATOM   1446 C CD1 . ILE B 2 71  ? 7.837   10.827  4.498   1.00 22.95  ? 71  ILE B CD1 1 
ATOM   1447 N N   . THR B 2 72  ? 3.465   9.803   0.798   1.00 21.85  ? 72  THR B N   1 
ATOM   1448 C CA  . THR B 2 72  ? 2.425   10.369  -0.057  1.00 26.94  ? 72  THR B CA  1 
ATOM   1449 C C   . THR B 2 72  ? 1.081   10.343  0.665   1.00 18.86  ? 72  THR B C   1 
ATOM   1450 O O   . THR B 2 72  ? 0.669   9.304   1.187   1.00 20.28  ? 72  THR B O   1 
ATOM   1451 C CB  . THR B 2 72  ? 2.300   9.599   -1.390  1.00 20.85  ? 72  THR B CB  1 
ATOM   1452 O OG1 . THR B 2 72  ? 3.529   9.693   -2.120  1.00 29.11  ? 72  THR B OG1 1 
ATOM   1453 C CG2 . THR B 2 72  ? 1.172   10.179  -2.239  1.00 26.84  ? 72  THR B CG2 1 
ATOM   1454 N N   . VAL B 2 73  ? 0.399   11.486  0.697   1.00 19.69  ? 73  VAL B N   1 
ATOM   1455 C CA  . VAL B 2 73  ? -0.918  11.570  1.320   1.00 21.90  ? 73  VAL B CA  1 
ATOM   1456 C C   . VAL B 2 73  ? -2.003  11.685  0.252   1.00 23.82  ? 73  VAL B C   1 
ATOM   1457 O O   . VAL B 2 73  ? -1.909  12.516  -0.656  1.00 18.47  ? 73  VAL B O   1 
ATOM   1458 C CB  . VAL B 2 73  ? -1.010  12.752  2.310   1.00 19.16  ? 73  VAL B CB  1 
ATOM   1459 C CG1 . VAL B 2 73  ? -2.386  12.798  2.963   1.00 17.22  ? 73  VAL B CG1 1 
ATOM   1460 C CG2 . VAL B 2 73  ? 0.064   12.626  3.371   1.00 18.02  ? 73  VAL B CG2 1 
ATOM   1461 N N   . TYR B 2 74  ? -3.018  10.832  0.356   1.00 17.42  ? 74  TYR B N   1 
ATOM   1462 C CA  . TYR B 2 74  ? -4.134  10.834  -0.581  1.00 23.79  ? 74  TYR B CA  1 
ATOM   1463 C C   . TYR B 2 74  ? -5.380  11.405  0.084   1.00 22.21  ? 74  TYR B C   1 
ATOM   1464 O O   . TYR B 2 74  ? -5.529  11.321  1.299   1.00 27.45  ? 74  TYR B O   1 
ATOM   1465 C CB  . TYR B 2 74  ? -4.422  9.407   -1.068  1.00 24.03  ? 74  TYR B CB  1 
ATOM   1466 C CG  . TYR B 2 74  ? -3.371  8.844   -1.996  1.00 23.36  ? 74  TYR B CG  1 
ATOM   1467 C CD1 . TYR B 2 74  ? -3.416  9.106   -3.361  1.00 26.16  ? 74  TYR B CD1 1 
ATOM   1468 C CD2 . TYR B 2 74  ? -2.338  8.046   -1.514  1.00 22.74  ? 74  TYR B CD2 1 
ATOM   1469 C CE1 . TYR B 2 74  ? -2.463  8.594   -4.219  1.00 23.50  ? 74  TYR B CE1 1 
ATOM   1470 C CE2 . TYR B 2 74  ? -1.373  7.532   -2.369  1.00 24.00  ? 74  TYR B CE2 1 
ATOM   1471 C CZ  . TYR B 2 74  ? -1.444  7.812   -3.717  1.00 27.71  ? 74  TYR B CZ  1 
ATOM   1472 O OH  . TYR B 2 74  ? -0.496  7.307   -4.576  1.00 32.85  ? 74  TYR B OH  1 
ATOM   1473 N N   . ALA B 2 75  ? -6.265  11.999  -0.712  1.00 21.46  ? 75  ALA B N   1 
ATOM   1474 C CA  . ALA B 2 75  ? -7.561  12.451  -0.215  1.00 25.49  ? 75  ALA B CA  1 
ATOM   1475 C C   . ALA B 2 75  ? -8.640  11.634  -0.904  1.00 18.84  ? 75  ALA B C   1 
ATOM   1476 O O   . ALA B 2 75  ? -8.450  11.184  -2.034  1.00 24.55  ? 75  ALA B O   1 
ATOM   1477 C CB  . ALA B 2 75  ? -7.758  13.931  -0.480  1.00 17.69  ? 75  ALA B CB  1 
ATOM   1478 N N   . GLY B 2 76  ? -9.770  11.437  -0.237  1.00 28.86  ? 76  GLY B N   1 
ATOM   1479 C CA  . GLY B 2 76  ? -10.800 10.589  -0.798  1.00 24.85  ? 76  GLY B CA  1 
ATOM   1480 C C   . GLY B 2 76  ? -12.223 10.972  -0.449  1.00 36.41  ? 76  GLY B C   1 
ATOM   1481 O O   . GLY B 2 76  ? -12.472 11.785  0.442   1.00 28.93  ? 76  GLY B O   1 
ATOM   1482 N N   . SER B 2 77  ? -13.158 10.370  -1.177  1.00 33.94  ? 77  SER B N   1 
ATOM   1483 C CA  . SER B 2 77  ? -14.581 10.562  -0.944  1.00 37.84  ? 77  SER B CA  1 
ATOM   1484 C C   . SER B 2 77  ? -15.219 9.209   -0.659  1.00 26.84  ? 77  SER B C   1 
ATOM   1485 O O   . SER B 2 77  ? -14.868 8.214   -1.290  1.00 28.21  ? 77  SER B O   1 
ATOM   1486 C CB  . SER B 2 77  ? -15.233 11.202  -2.177  1.00 26.61  ? 77  SER B CB  1 
ATOM   1487 O OG  . SER B 2 77  ? -16.641 11.278  -2.038  1.00 28.86  ? 77  SER B OG  1 
ATOM   1488 N N   . TYR B 2 78  ? -16.152 9.167   0.288   1.00 33.83  ? 78  TYR B N   1 
ATOM   1489 C CA  . TYR B 2 78  ? -16.887 7.936   0.580   1.00 27.74  ? 78  TYR B CA  1 
ATOM   1490 C C   . TYR B 2 78  ? -17.760 7.522   -0.612  1.00 31.02  ? 78  TYR B C   1 
ATOM   1491 O O   . TYR B 2 78  ? -18.244 6.391   -0.677  1.00 35.36  ? 78  TYR B O   1 
ATOM   1492 C CB  . TYR B 2 78  ? -17.755 8.111   1.836   1.00 31.08  ? 78  TYR B CB  1 
ATOM   1493 C CG  . TYR B 2 78  ? -16.981 8.294   3.130   1.00 49.72  ? 78  TYR B CG  1 
ATOM   1494 C CD1 . TYR B 2 78  ? -15.776 7.629   3.349   1.00 40.91  ? 78  TYR B CD1 1 
ATOM   1495 C CD2 . TYR B 2 78  ? -17.459 9.129   4.135   1.00 38.88  ? 78  TYR B CD2 1 
ATOM   1496 C CE1 . TYR B 2 78  ? -15.070 7.797   4.535   1.00 32.57  ? 78  TYR B CE1 1 
ATOM   1497 C CE2 . TYR B 2 78  ? -16.761 9.301   5.321   1.00 36.30  ? 78  TYR B CE2 1 
ATOM   1498 C CZ  . TYR B 2 78  ? -15.567 8.633   5.514   1.00 36.43  ? 78  TYR B CZ  1 
ATOM   1499 O OH  . TYR B 2 78  ? -14.866 8.801   6.687   1.00 45.08  ? 78  TYR B OH  1 
ATOM   1500 N N   . ASP B 2 79  ? -17.952 8.445   -1.553  1.00 34.88  ? 79  ASP B N   1 
ATOM   1501 C CA  . ASP B 2 79  ? -18.795 8.201   -2.727  1.00 24.62  ? 79  ASP B CA  1 
ATOM   1502 C C   . ASP B 2 79  ? -17.986 7.758   -3.944  1.00 26.40  ? 79  ASP B C   1 
ATOM   1503 O O   . ASP B 2 79  ? -18.510 7.666   -5.056  1.00 31.72  ? 79  ASP B O   1 
ATOM   1504 C CB  . ASP B 2 79  ? -19.608 9.455   -3.070  1.00 35.09  ? 79  ASP B CB  1 
ATOM   1505 C CG  . ASP B 2 79  ? -20.533 9.879   -1.946  1.00 57.47  ? 79  ASP B CG  1 
ATOM   1506 O OD1 . ASP B 2 79  ? -20.891 9.017   -1.112  1.00 41.88  ? 79  ASP B OD1 1 
ATOM   1507 O OD2 . ASP B 2 79  ? -20.903 11.073  -1.904  1.00 53.97  ? 79  ASP B OD2 1 
ATOM   1508 N N   . SER B 2 80  ? -16.703 7.490   -3.728  1.00 24.28  ? 80  SER B N   1 
ATOM   1509 C CA  . SER B 2 80  ? -15.837 6.989   -4.789  1.00 29.21  ? 80  SER B CA  1 
ATOM   1510 C C   . SER B 2 80  ? -14.897 5.910   -4.250  1.00 22.93  ? 80  SER B C   1 
ATOM   1511 O O   . SER B 2 80  ? -14.406 6.013   -3.123  1.00 23.24  ? 80  SER B O   1 
ATOM   1512 C CB  . SER B 2 80  ? -15.028 8.135   -5.406  1.00 24.23  ? 80  SER B CB  1 
ATOM   1513 O OG  . SER B 2 80  ? -14.262 7.685   -6.514  1.00 24.94  ? 80  SER B OG  1 
ATOM   1514 N N   . TYR B 2 81  ? -14.651 4.874   -5.047  1.00 25.53  ? 81  TYR B N   1 
ATOM   1515 C CA  . TYR B 2 81  ? -13.674 3.855   -4.672  1.00 22.46  ? 81  TYR B CA  1 
ATOM   1516 C C   . TYR B 2 81  ? -12.261 4.415   -4.802  1.00 25.94  ? 81  TYR B C   1 
ATOM   1517 O O   . TYR B 2 81  ? -11.384 4.136   -3.978  1.00 27.60  ? 81  TYR B O   1 
ATOM   1518 C CB  . TYR B 2 81  ? -13.819 2.607   -5.549  1.00 24.62  ? 81  TYR B CB  1 
ATOM   1519 C CG  . TYR B 2 81  ? -12.756 1.562   -5.280  1.00 27.41  ? 81  TYR B CG  1 
ATOM   1520 C CD1 . TYR B 2 81  ? -12.806 0.772   -4.139  1.00 23.71  ? 81  TYR B CD1 1 
ATOM   1521 C CD2 . TYR B 2 81  ? -11.700 1.371   -6.163  1.00 18.22  ? 81  TYR B CD2 1 
ATOM   1522 C CE1 . TYR B 2 81  ? -11.837 -0.179  -3.882  1.00 22.77  ? 81  TYR B CE1 1 
ATOM   1523 C CE2 . TYR B 2 81  ? -10.728 0.422   -5.919  1.00 24.15  ? 81  TYR B CE2 1 
ATOM   1524 C CZ  . TYR B 2 81  ? -10.803 -0.350  -4.778  1.00 25.86  ? 81  TYR B CZ  1 
ATOM   1525 O OH  . TYR B 2 81  ? -9.837  -1.297  -4.529  1.00 24.71  ? 81  TYR B OH  1 
ATOM   1526 N N   . TYR B 2 82  ? -12.055 5.217   -5.839  1.00 26.75  ? 82  TYR B N   1 
ATOM   1527 C CA  . TYR B 2 82  ? -10.739 5.762   -6.142  1.00 24.79  ? 82  TYR B CA  1 
ATOM   1528 C C   . TYR B 2 82  ? -10.454 7.055   -5.394  1.00 31.50  ? 82  TYR B C   1 
ATOM   1529 O O   . TYR B 2 82  ? -11.363 7.840   -5.119  1.00 27.21  ? 82  TYR B O   1 
ATOM   1530 C CB  . TYR B 2 82  ? -10.602 5.993   -7.647  1.00 21.35  ? 82  TYR B CB  1 
ATOM   1531 C CG  . TYR B 2 82  ? -10.880 4.757   -8.467  1.00 31.24  ? 82  TYR B CG  1 
ATOM   1532 C CD1 . TYR B 2 82  ? -9.913  3.772   -8.620  1.00 21.09  ? 82  TYR B CD1 1 
ATOM   1533 C CD2 . TYR B 2 82  ? -12.110 4.575   -9.088  1.00 24.23  ? 82  TYR B CD2 1 
ATOM   1534 C CE1 . TYR B 2 82  ? -10.162 2.638   -9.367  1.00 24.45  ? 82  TYR B CE1 1 
ATOM   1535 C CE2 . TYR B 2 82  ? -12.369 3.447   -9.841  1.00 29.05  ? 82  TYR B CE2 1 
ATOM   1536 C CZ  . TYR B 2 82  ? -11.392 2.482   -9.975  1.00 36.74  ? 82  TYR B CZ  1 
ATOM   1537 O OH  . TYR B 2 82  ? -11.646 1.354   -10.722 1.00 38.07  ? 82  TYR B OH  1 
ATOM   1538 N N   . TYR B 2 83  ? -9.181  7.267   -5.071  1.00 21.94  ? 83  TYR B N   1 
ATOM   1539 C CA  . TYR B 2 83  ? -8.734  8.507   -4.453  1.00 20.11  ? 83  TYR B CA  1 
ATOM   1540 C C   . TYR B 2 83  ? -8.899  9.660   -5.426  1.00 27.86  ? 83  TYR B C   1 
ATOM   1541 O O   . TYR B 2 83  ? -9.038  9.453   -6.634  1.00 25.47  ? 83  TYR B O   1 
ATOM   1542 C CB  . TYR B 2 83  ? -7.253  8.414   -4.075  1.00 23.93  ? 83  TYR B CB  1 
ATOM   1543 C CG  . TYR B 2 83  ? -6.900  7.284   -3.135  1.00 26.59  ? 83  TYR B CG  1 
ATOM   1544 C CD1 . TYR B 2 83  ? -7.783  6.870   -2.144  1.00 23.65  ? 83  TYR B CD1 1 
ATOM   1545 C CD2 . TYR B 2 83  ? -5.676  6.634   -3.241  1.00 18.11  ? 83  TYR B CD2 1 
ATOM   1546 C CE1 . TYR B 2 83  ? -7.452  5.836   -1.284  1.00 23.73  ? 83  TYR B CE1 1 
ATOM   1547 C CE2 . TYR B 2 83  ? -5.336  5.607   -2.386  1.00 26.40  ? 83  TYR B CE2 1 
ATOM   1548 C CZ  . TYR B 2 83  ? -6.227  5.212   -1.413  1.00 19.88  ? 83  TYR B CZ  1 
ATOM   1549 O OH  . TYR B 2 83  ? -5.888  4.183   -0.564  1.00 26.30  ? 83  TYR B OH  1 
ATOM   1550 N N   . TYR B 2 84  ? -8.880  10.876  -4.894  1.00 21.34  ? 84  TYR B N   1 
ATOM   1551 C CA  . TYR B 2 84  ? -8.773  12.055  -5.736  1.00 29.40  ? 84  TYR B CA  1 
ATOM   1552 C C   . TYR B 2 84  ? -7.411  12.039  -6.415  1.00 24.25  ? 84  TYR B C   1 
ATOM   1553 O O   . TYR B 2 84  ? -6.413  11.624  -5.817  1.00 22.70  ? 84  TYR B O   1 
ATOM   1554 C CB  . TYR B 2 84  ? -8.939  13.330  -4.905  1.00 20.10  ? 84  TYR B CB  1 
ATOM   1555 C CG  . TYR B 2 84  ? -10.359 13.576  -4.460  1.00 27.95  ? 84  TYR B CG  1 
ATOM   1556 C CD1 . TYR B 2 84  ? -11.357 13.832  -5.390  1.00 29.35  ? 84  TYR B CD1 1 
ATOM   1557 C CD2 . TYR B 2 84  ? -10.701 13.558  -3.114  1.00 24.69  ? 84  TYR B CD2 1 
ATOM   1558 C CE1 . TYR B 2 84  ? -12.658 14.063  -4.996  1.00 32.38  ? 84  TYR B CE1 1 
ATOM   1559 C CE2 . TYR B 2 84  ? -12.004 13.788  -2.708  1.00 32.82  ? 84  TYR B CE2 1 
ATOM   1560 C CZ  . TYR B 2 84  ? -12.974 14.039  -3.656  1.00 24.00  ? 84  TYR B CZ  1 
ATOM   1561 O OH  . TYR B 2 84  ? -14.270 14.268  -3.266  1.00 28.97  ? 84  TYR B OH  1 
ATOM   1562 N N   . GLY B 2 85  ? -7.372  12.472  -7.671  1.00 26.98  ? 85  GLY B N   1 
ATOM   1563 C CA  . GLY B 2 85  ? -6.111  12.630  -8.373  1.00 23.35  ? 85  GLY B CA  1 
ATOM   1564 C C   . GLY B 2 85  ? -5.292  13.739  -7.739  1.00 23.96  ? 85  GLY B C   1 
ATOM   1565 O O   . GLY B 2 85  ? -5.800  14.491  -6.907  1.00 36.19  ? 85  GLY B O   1 
ATOM   1566 N N   . SER B 2 86  ? -4.024  13.832  -8.128  1.00 35.21  ? 86  SER B N   1 
ATOM   1567 C CA  . SER B 2 86  ? -3.105  14.833  -7.582  1.00 51.60  ? 86  SER B CA  1 
ATOM   1568 C C   . SER B 2 86  ? -2.909  14.777  -6.061  1.00 37.76  ? 86  SER B C   1 
ATOM   1569 O O   . SER B 2 86  ? -3.218  15.743  -5.360  1.00 28.88  ? 86  SER B O   1 
ATOM   1570 C CB  . SER B 2 86  ? -3.537  16.245  -7.994  1.00 40.83  ? 86  SER B CB  1 
ATOM   1571 O OG  . SER B 2 86  ? -3.655  16.356  -9.399  1.00 61.95  ? 86  SER B OG  1 
ATOM   1572 N N   . PRO B 2 87  ? -2.376  13.654  -5.545  1.00 40.04  ? 87  PRO B N   1 
ATOM   1573 C CA  . PRO B 2 87  ? -1.985  13.635  -4.132  1.00 28.98  ? 87  PRO B CA  1 
ATOM   1574 C C   . PRO B 2 87  ? -0.708  14.449  -3.948  1.00 30.96  ? 87  PRO B C   1 
ATOM   1575 O O   . PRO B 2 87  ? -0.130  14.917  -4.935  1.00 26.88  ? 87  PRO B O   1 
ATOM   1576 C CB  . PRO B 2 87  ? -1.694  12.156  -3.880  1.00 22.06  ? 87  PRO B CB  1 
ATOM   1577 C CG  . PRO B 2 87  ? -1.201  11.655  -5.211  1.00 23.81  ? 87  PRO B CG  1 
ATOM   1578 C CD  . PRO B 2 87  ? -2.042  12.387  -6.226  1.00 29.95  ? 87  PRO B CD  1 
ATOM   1579 N N   . ILE B 2 88  ? -0.268  14.616  -2.705  1.00 27.04  ? 88  ILE B N   1 
ATOM   1580 C CA  . ILE B 2 88  ? 0.973   15.343  -2.439  1.00 32.77  ? 88  ILE B CA  1 
ATOM   1581 C C   . ILE B 2 88  ? 2.015   14.411  -1.810  1.00 28.31  ? 88  ILE B C   1 
ATOM   1582 O O   . ILE B 2 88  ? 1.670   13.503  -1.050  1.00 20.25  ? 88  ILE B O   1 
ATOM   1583 C CB  . ILE B 2 88  ? 0.713   16.602  -1.569  1.00 19.59  ? 88  ILE B CB  1 
ATOM   1584 C CG1 . ILE B 2 88  ? 1.988   17.434  -1.395  1.00 22.79  ? 88  ILE B CG1 1 
ATOM   1585 C CG2 . ILE B 2 88  ? 0.095   16.216  -0.230  1.00 30.94  ? 88  ILE B CG2 1 
ATOM   1586 C CD1 . ILE B 2 88  ? 1.726   18.853  -0.897  1.00 21.93  ? 88  ILE B CD1 1 
ATOM   1587 N N   . SER B 2 89  ? 3.287   14.627  -2.138  1.00 24.04  ? 89  SER B N   1 
ATOM   1588 C CA  . SER B 2 89  ? 4.341   13.701  -1.740  1.00 23.00  ? 89  SER B CA  1 
ATOM   1589 C C   . SER B 2 89  ? 5.603   14.438  -1.279  1.00 34.63  ? 89  SER B C   1 
ATOM   1590 O O   . SER B 2 89  ? 5.929   15.507  -1.800  1.00 22.09  ? 89  SER B O   1 
ATOM   1591 C CB  . SER B 2 89  ? 4.666   12.764  -2.912  1.00 23.32  ? 89  SER B CB  1 
ATOM   1592 O OG  . SER B 2 89  ? 5.498   11.691  -2.510  1.00 39.65  ? 89  SER B OG  1 
ATOM   1593 N N   . ILE B 2 90  ? 6.302   13.878  -0.293  1.00 22.63  ? 90  ILE B N   1 
ATOM   1594 C CA  . ILE B 2 90  ? 7.574   14.443  0.164   1.00 23.96  ? 90  ILE B CA  1 
ATOM   1595 C C   . ILE B 2 90  ? 8.613   13.354  0.449   1.00 33.28  ? 90  ILE B C   1 
ATOM   1596 O O   . ILE B 2 90  ? 8.276   12.170  0.551   1.00 20.46  ? 90  ILE B O   1 
ATOM   1597 C CB  . ILE B 2 90  ? 7.411   15.297  1.450   1.00 25.03  ? 90  ILE B CB  1 
ATOM   1598 C CG1 . ILE B 2 90  ? 6.943   14.430  2.623   1.00 20.78  ? 90  ILE B CG1 1 
ATOM   1599 C CG2 . ILE B 2 90  ? 6.475   16.485  1.219   1.00 26.33  ? 90  ILE B CG2 1 
ATOM   1600 C CD1 . ILE B 2 90  ? 6.914   15.170  3.955   1.00 28.16  ? 90  ILE B CD1 1 
ATOM   1601 N N   . ASN B 2 91  ? 9.875   13.760  0.573   1.00 20.55  ? 91  ASN B N   1 
ATOM   1602 C CA  . ASN B 2 91  ? 10.935  12.863  1.022   1.00 39.78  ? 91  ASN B CA  1 
ATOM   1603 C C   . ASN B 2 91  ? 11.423  13.288  2.397   1.00 35.37  ? 91  ASN B C   1 
ATOM   1604 O O   . ASN B 2 91  ? 11.379  14.472  2.738   1.00 35.71  ? 91  ASN B O   1 
ATOM   1605 C CB  . ASN B 2 91  ? 12.124  12.886  0.059   1.00 33.53  ? 91  ASN B CB  1 
ATOM   1606 C CG  . ASN B 2 91  ? 11.732  12.567  -1.366  1.00 43.83  ? 91  ASN B CG  1 
ATOM   1607 O OD1 . ASN B 2 91  ? 11.918  13.384  -2.266  1.00 59.92  ? 91  ASN B OD1 1 
ATOM   1608 N ND2 . ASN B 2 91  ? 11.197  11.371  -1.581  1.00 43.11  ? 91  ASN B ND2 1 
ATOM   1609 N N   . TYR B 2 92  ? 11.894  12.327  3.184   1.00 30.49  ? 92  TYR B N   1 
ATOM   1610 C CA  . TYR B 2 92  ? 12.514  12.629  4.467   1.00 27.91  ? 92  TYR B CA  1 
ATOM   1611 C C   . TYR B 2 92  ? 13.414  11.475  4.895   1.00 27.77  ? 92  TYR B C   1 
ATOM   1612 O O   . TYR B 2 92  ? 13.001  10.314  4.866   1.00 18.64  ? 92  TYR B O   1 
ATOM   1613 C CB  . TYR B 2 92  ? 11.455  12.910  5.540   1.00 27.07  ? 92  TYR B CB  1 
ATOM   1614 C CG  . TYR B 2 92  ? 12.025  13.573  6.774   1.00 34.91  ? 92  TYR B CG  1 
ATOM   1615 C CD1 . TYR B 2 92  ? 12.557  12.815  7.811   1.00 26.03  ? 92  TYR B CD1 1 
ATOM   1616 C CD2 . TYR B 2 92  ? 12.050  14.958  6.893   1.00 33.62  ? 92  TYR B CD2 1 
ATOM   1617 C CE1 . TYR B 2 92  ? 13.091  13.418  8.937   1.00 29.43  ? 92  TYR B CE1 1 
ATOM   1618 C CE2 . TYR B 2 92  ? 12.578  15.570  8.017   1.00 39.89  ? 92  TYR B CE2 1 
ATOM   1619 C CZ  . TYR B 2 92  ? 13.099  14.795  9.034   1.00 38.14  ? 92  TYR B CZ  1 
ATOM   1620 O OH  . TYR B 2 92  ? 13.628  15.399  10.153  1.00 37.42  ? 92  TYR B OH  1 
ATOM   1621 N N   . ARG B 2 93  ? 14.643  11.793  5.286   1.00 32.13  ? 93  ARG B N   1 
ATOM   1622 C CA  . ARG B 2 93  ? 15.569  10.770  5.762   1.00 26.74  ? 93  ARG B CA  1 
ATOM   1623 C C   . ARG B 2 93  ? 15.561  10.674  7.285   1.00 34.38  ? 93  ARG B C   1 
ATOM   1624 O O   . ARG B 2 93  ? 15.446  11.691  7.972   1.00 31.83  ? 93  ARG B O   1 
ATOM   1625 C CB  . ARG B 2 93  ? 16.989  11.053  5.271   1.00 34.56  ? 93  ARG B CB  1 
ATOM   1626 C CG  . ARG B 2 93  ? 17.994  9.993   5.702   1.00 37.85  ? 93  ARG B CG  1 
ATOM   1627 C CD  . ARG B 2 93  ? 19.410  10.530  5.686   1.00 34.59  ? 93  ARG B CD  1 
ATOM   1628 N NE  . ARG B 2 93  ? 19.911  10.706  4.327   1.00 65.70  ? 93  ARG B NE  1 
ATOM   1629 C CZ  . ARG B 2 93  ? 20.766  9.880   3.733   1.00 79.28  ? 93  ARG B CZ  1 
ATOM   1630 N NH1 . ARG B 2 93  ? 21.165  10.119  2.491   1.00 65.72  ? 93  ARG B NH1 1 
ATOM   1631 N NH2 . ARG B 2 93  ? 21.229  8.818   4.382   1.00 52.73  ? 93  ARG B NH2 1 
ATOM   1632 N N   . THR B 2 94  ? 15.676  9.444   7.789   1.00 44.94  ? 94  THR B N   1 
ATOM   1633 C CA  . THR B 2 94  ? 15.714  9.143   9.224   1.00 42.30  ? 94  THR B CA  1 
ATOM   1634 C C   . THR B 2 94  ? 14.340  9.234   9.876   1.00 40.54  ? 94  THR B C   1 
ATOM   1635 O O   . THR B 2 94  ? 13.584  8.262   9.864   1.00 47.10  ? 94  THR B O   1 
ATOM   1636 C CB  . THR B 2 94  ? 16.745  10.008  9.999   1.00 32.06  ? 94  THR B CB  1 
ATOM   1637 O OG1 . THR B 2 94  ? 18.073  9.653   9.592   1.00 41.33  ? 94  THR B OG1 1 
ATOM   1638 C CG2 . THR B 2 94  ? 16.600  9.798   11.499  1.00 35.64  ? 94  THR B CG2 1 
HETATM 1639 O O   . HOH C 3 .   ? -4.769  -16.971 4.342   1.00 29.11  ? 301 HOH A O   1 
HETATM 1640 O O   . HOH C 3 .   ? -0.505  -1.211  5.445   1.00 16.90  ? 302 HOH A O   1 
HETATM 1641 O O   . HOH C 3 .   ? 9.023   -9.398  -10.228 1.00 29.11  ? 303 HOH A O   1 
HETATM 1642 O O   . HOH C 3 .   ? 10.999  -6.826  -14.369 1.00 31.25  ? 304 HOH A O   1 
HETATM 1643 O O   . HOH C 3 .   ? -3.099  -13.081 -14.827 1.00 22.68  ? 305 HOH A O   1 
HETATM 1644 O O   . HOH C 3 .   ? -3.972  -15.320 -13.417 1.00 25.39  ? 306 HOH A O   1 
HETATM 1645 O O   . HOH C 3 .   ? -11.412 -4.514  -9.906  1.00 23.86  ? 307 HOH A O   1 
HETATM 1646 O O   . HOH C 3 .   ? 5.833   -19.558 -11.428 1.00 27.19  ? 308 HOH A O   1 
HETATM 1647 O O   . HOH C 3 .   ? -0.381  -17.423 5.586   1.00 27.44  ? 309 HOH A O   1 
HETATM 1648 O O   . HOH C 3 .   ? -0.258  -11.327 -19.690 1.00 38.66  ? 310 HOH A O   1 
HETATM 1649 O O   . HOH C 3 .   ? 7.101   -20.923 -9.456  1.00 37.13  ? 311 HOH A O   1 
HETATM 1650 O O   . HOH C 3 .   ? -0.942  -19.296 -7.542  1.00 32.03  ? 312 HOH A O   1 
HETATM 1651 O O   . HOH C 3 .   ? -7.685  -18.963 -7.944  1.00 37.32  ? 313 HOH A O   1 
HETATM 1652 O O   . HOH C 3 .   ? 5.895   -20.048 1.036   1.00 32.68  ? 314 HOH A O   1 
HETATM 1653 O O   . HOH C 3 .   ? -10.791 -5.651  -12.286 1.00 37.57  ? 315 HOH A O   1 
HETATM 1654 O O   . HOH C 3 .   ? -0.512  -15.186 13.128  1.00 42.17  ? 316 HOH A O   1 
HETATM 1655 O O   . HOH C 3 .   ? -2.483  -12.949 15.164  1.00 40.12  ? 317 HOH A O   1 
HETATM 1656 O O   . HOH C 3 .   ? -8.729  -15.179 -14.389 1.00 39.66  ? 318 HOH A O   1 
HETATM 1657 O O   . HOH C 3 .   ? -0.730  -0.472  -8.399  1.00 22.70  ? 319 HOH A O   1 
HETATM 1658 O O   . HOH C 3 .   ? 12.531  -3.137  -9.055  1.00 42.37  ? 320 HOH A O   1 
HETATM 1659 O O   . HOH C 3 .   ? -1.144  -19.605 -15.641 1.00 32.42  ? 321 HOH A O   1 
HETATM 1660 O O   . HOH C 3 .   ? -1.779  3.281   -3.549  1.00 30.94  ? 322 HOH A O   1 
HETATM 1661 O O   . HOH C 3 .   ? -13.501 -9.251  -0.233  1.00 37.90  ? 323 HOH A O   1 
HETATM 1662 O O   . HOH C 3 .   ? -15.445 -5.652  -6.906  1.00 38.56  ? 324 HOH A O   1 
HETATM 1663 O O   . HOH C 3 .   ? 5.768   -11.938 4.700   1.00 43.49  ? 325 HOH A O   1 
HETATM 1664 O O   . HOH C 3 .   ? 6.214   -14.257 5.122   1.00 38.54  ? 326 HOH A O   1 
HETATM 1665 O O   . HOH C 3 .   ? -2.700  -19.748 -4.327  1.00 43.72  ? 327 HOH A O   1 
HETATM 1666 O O   . HOH C 3 .   ? 7.240   1.323   -15.282 1.00 45.23  ? 328 HOH A O   1 
HETATM 1667 O O   . HOH C 3 .   ? -4.315  1.657   -3.586  1.00 21.41  ? 329 HOH A O   1 
HETATM 1668 O O   . HOH C 3 .   ? -1.033  1.243   -6.663  1.00 27.87  ? 330 HOH A O   1 
HETATM 1669 O O   . HOH C 3 .   ? -4.915  0.457   6.253   1.00 35.38  ? 331 HOH A O   1 
HETATM 1670 O O   . HOH C 3 .   ? 5.603   -17.075 -16.265 1.00 32.74  ? 332 HOH A O   1 
HETATM 1671 O O   . HOH C 3 .   ? -5.517  1.047   -1.123  1.00 32.04  ? 333 HOH A O   1 
HETATM 1672 O O   . HOH C 3 .   ? 0.657   -0.082  -11.905 1.00 41.07  ? 334 HOH A O   1 
HETATM 1673 O O   . HOH D 3 .   ? 9.288   0.466   0.826   1.00 19.93  ? 101 HOH B O   1 
HETATM 1674 O O   . HOH D 3 .   ? 8.999   4.343   16.456  1.00 18.39  ? 102 HOH B O   1 
HETATM 1675 O O   . HOH D 3 .   ? -5.384  12.554  -3.407  1.00 19.70  ? 103 HOH B O   1 
HETATM 1676 O O   . HOH D 3 .   ? 15.309  4.113   1.223   1.00 27.73  ? 104 HOH B O   1 
HETATM 1677 O O   . HOH D 3 .   ? -5.460  2.688   4.065   1.00 23.58  ? 105 HOH B O   1 
HETATM 1678 O O   . HOH D 3 .   ? 9.178   18.701  5.536   1.00 29.93  ? 106 HOH B O   1 
HETATM 1679 O O   . HOH D 3 .   ? -10.499 17.787  4.999   1.00 26.13  ? 107 HOH B O   1 
HETATM 1680 O O   . HOH D 3 .   ? 10.455  16.453  -0.296  1.00 25.94  ? 108 HOH B O   1 
HETATM 1681 O O   . HOH D 3 .   ? -4.804  9.258   -6.796  1.00 19.71  ? 109 HOH B O   1 
HETATM 1682 O O   . HOH D 3 .   ? -6.208  18.942  -7.713  1.00 41.46  ? 110 HOH B O   1 
HETATM 1683 O O   . HOH D 3 .   ? -17.787 13.210  -0.695  1.00 26.78  ? 111 HOH B O   1 
HETATM 1684 O O   . HOH D 3 .   ? -7.387  7.786   -7.980  1.00 30.65  ? 112 HOH B O   1 
HETATM 1685 O O   . HOH D 3 .   ? 3.612   16.099  -4.491  1.00 43.49  ? 113 HOH B O   1 
HETATM 1686 O O   . HOH D 3 .   ? -13.005 4.575   3.396   1.00 36.53  ? 114 HOH B O   1 
HETATM 1687 O O   . HOH D 3 .   ? 11.280  19.394  7.173   1.00 42.07  ? 115 HOH B O   1 
HETATM 1688 O O   . HOH D 3 .   ? -15.015 14.187  -0.395  1.00 33.34  ? 116 HOH B O   1 
HETATM 1689 O O   . HOH D 3 .   ? -7.692  15.713  -8.242  1.00 32.66  ? 117 HOH B O   1 
HETATM 1690 O O   . HOH D 3 .   ? 1.224   21.751  6.988   1.00 43.51  ? 118 HOH B O   1 
HETATM 1691 O O   . HOH D 3 .   ? 15.943  1.038   1.620   1.00 39.90  ? 119 HOH B O   1 
HETATM 1692 O O   . HOH D 3 .   ? -16.440 16.418  0.590   1.00 43.33  ? 120 HOH B O   1 
HETATM 1693 O O   . HOH D 3 .   ? 11.129  -1.289  -6.447  1.00 27.08  ? 121 HOH B O   1 
HETATM 1694 O O   . HOH D 3 .   ? 15.817  -6.308  -1.328  1.00 37.74  ? 122 HOH B O   1 
HETATM 1695 O O   . HOH D 3 .   ? 11.588  3.741   18.964  1.00 26.96  ? 123 HOH B O   1 
HETATM 1696 O O   . HOH D 3 .   ? 16.066  -2.081  3.203   1.00 31.56  ? 124 HOH B O   1 
HETATM 1697 O O   . HOH D 3 .   ? 12.615  -3.293  -5.772  1.00 42.74  ? 125 HOH B O   1 
HETATM 1698 O O   . HOH D 3 .   ? 13.483  2.105   19.086  1.00 36.84  ? 126 HOH B O   1 
HETATM 1699 O O   . HOH D 3 .   ? 2.417   13.101  -5.281  1.00 36.16  ? 127 HOH B O   1 
HETATM 1700 O O   . HOH D 3 .   ? -5.418  17.307  13.119  1.00 36.60  ? 128 HOH B O   1 
HETATM 1701 O O   . HOH D 3 .   ? 18.221  4.945   2.686   1.00 36.91  ? 129 HOH B O   1 
HETATM 1702 O O   . HOH D 3 .   ? -3.127  3.114   -1.608  1.00 23.54  ? 130 HOH B O   1 
HETATM 1703 O O   . HOH D 3 .   ? 3.165   9.284   -5.073  1.00 39.91  ? 131 HOH B O   1 
HETATM 1704 O O   . HOH D 3 .   ? 14.147  -3.411  6.008   1.00 38.41  ? 132 HOH B O   1 
HETATM 1705 O O   . HOH D 3 .   ? 19.077  1.532   10.226  1.00 34.91  ? 133 HOH B O   1 
HETATM 1706 O O   . HOH D 3 .   ? 11.803  0.962   15.118  1.00 38.34  ? 134 HOH B O   1 
HETATM 1707 O O   . HOH D 3 .   ? 19.735  0.832   7.663   1.00 44.13  ? 135 HOH B O   1 
HETATM 1708 O O   . HOH D 3 .   ? -2.918  12.271  -9.818  1.00 42.44  ? 136 HOH B O   1 
HETATM 1709 O O   . HOH D 3 .   ? 0.786   8.261   -7.000  1.00 46.66  ? 137 HOH B O   1 
HETATM 1710 O O   . HOH D 3 .   ? 15.907  1.717   17.054  1.00 38.17  ? 138 HOH B O   1 
HETATM 1711 O O   . HOH D 3 .   ? -4.744  22.045  -12.200 1.00 44.30  ? 139 HOH B O   1 
HETATM 1712 O O   . HOH D 3 .   ? 10.143  1.412   17.168  1.00 30.41  ? 140 HOH B O   1 
HETATM 1713 O O   . HOH D 3 .   ? -12.386 7.930   -3.144  1.00 32.14  ? 141 HOH B O   1 
HETATM 1714 O O   . HOH D 3 .   ? 1.187   21.048  -3.979  1.00 39.16  ? 142 HOH B O   1 
HETATM 1715 O O   . HOH D 3 .   ? 1.745   22.205  -1.235  1.00 39.15  ? 143 HOH B O   1 
HETATM 1716 O O   . HOH D 3 .   ? 15.032  11.276  2.060   1.00 40.39  ? 144 HOH B O   1 
HETATM 1717 O O   . HOH D 3 .   ? 20.778  10.344  9.796   1.00 44.77  ? 145 HOH B O   1 
HETATM 1718 O O   . HOH D 3 .   ? 4.668   19.548  0.228   1.00 47.45  ? 146 HOH B O   1 
# 
